data_2EAQ
# 
_entry.id   2EAQ 
# 
_audit_conform.dict_name       mmcif_pdbx.dic 
_audit_conform.dict_version    5.388 
_audit_conform.dict_location   http://mmcif.pdb.org/dictionaries/ascii/mmcif_pdbx.dic 
# 
loop_
_database_2.database_id 
_database_2.database_code 
_database_2.pdbx_database_accession 
_database_2.pdbx_DOI 
PDB   2EAQ         pdb_00002eaq 10.2210/pdb2eaq/pdb 
RCSB  RCSB026438   ?            ?                   
WWPDB D_1000026438 ?            ?                   
# 
loop_
_pdbx_audit_revision_history.ordinal 
_pdbx_audit_revision_history.data_content_type 
_pdbx_audit_revision_history.major_revision 
_pdbx_audit_revision_history.minor_revision 
_pdbx_audit_revision_history.revision_date 
1 'Structure model' 1 0 2007-07-31 
2 'Structure model' 1 1 2011-07-13 
3 'Structure model' 1 2 2024-03-13 
# 
_pdbx_audit_revision_details.ordinal             1 
_pdbx_audit_revision_details.revision_ordinal    1 
_pdbx_audit_revision_details.data_content_type   'Structure model' 
_pdbx_audit_revision_details.provider            repository 
_pdbx_audit_revision_details.type                'Initial release' 
_pdbx_audit_revision_details.description         ? 
_pdbx_audit_revision_details.details             ? 
# 
loop_
_pdbx_audit_revision_group.ordinal 
_pdbx_audit_revision_group.revision_ordinal 
_pdbx_audit_revision_group.data_content_type 
_pdbx_audit_revision_group.group 
1 2 'Structure model' 'Version format compliance' 
2 3 'Structure model' 'Data collection'           
3 3 'Structure model' 'Database references'       
4 3 'Structure model' 'Derived calculations'      
# 
loop_
_pdbx_audit_revision_category.ordinal 
_pdbx_audit_revision_category.revision_ordinal 
_pdbx_audit_revision_category.data_content_type 
_pdbx_audit_revision_category.category 
1 3 'Structure model' chem_comp_atom         
2 3 'Structure model' chem_comp_bond         
3 3 'Structure model' database_2             
4 3 'Structure model' pdbx_struct_conn_angle 
5 3 'Structure model' struct_conn            
6 3 'Structure model' struct_site            
# 
loop_
_pdbx_audit_revision_item.ordinal 
_pdbx_audit_revision_item.revision_ordinal 
_pdbx_audit_revision_item.data_content_type 
_pdbx_audit_revision_item.item 
1  3 'Structure model' '_database_2.pdbx_DOI'                        
2  3 'Structure model' '_database_2.pdbx_database_accession'         
3  3 'Structure model' '_pdbx_struct_conn_angle.ptnr1_auth_comp_id'  
4  3 'Structure model' '_pdbx_struct_conn_angle.ptnr1_auth_seq_id'   
5  3 'Structure model' '_pdbx_struct_conn_angle.ptnr1_label_asym_id' 
6  3 'Structure model' '_pdbx_struct_conn_angle.ptnr1_label_atom_id' 
7  3 'Structure model' '_pdbx_struct_conn_angle.ptnr1_label_comp_id' 
8  3 'Structure model' '_pdbx_struct_conn_angle.ptnr1_label_seq_id'  
9  3 'Structure model' '_pdbx_struct_conn_angle.ptnr1_symmetry'      
10 3 'Structure model' '_pdbx_struct_conn_angle.ptnr3_auth_comp_id'  
11 3 'Structure model' '_pdbx_struct_conn_angle.ptnr3_auth_seq_id'   
12 3 'Structure model' '_pdbx_struct_conn_angle.ptnr3_label_asym_id' 
13 3 'Structure model' '_pdbx_struct_conn_angle.ptnr3_label_atom_id' 
14 3 'Structure model' '_pdbx_struct_conn_angle.ptnr3_label_comp_id' 
15 3 'Structure model' '_pdbx_struct_conn_angle.ptnr3_label_seq_id'  
16 3 'Structure model' '_pdbx_struct_conn_angle.ptnr3_symmetry'      
17 3 'Structure model' '_pdbx_struct_conn_angle.value'               
18 3 'Structure model' '_struct_conn.pdbx_dist_value'                
19 3 'Structure model' '_struct_conn.ptnr1_auth_comp_id'             
20 3 'Structure model' '_struct_conn.ptnr1_auth_seq_id'              
21 3 'Structure model' '_struct_conn.ptnr1_label_asym_id'            
22 3 'Structure model' '_struct_conn.ptnr1_label_atom_id'            
23 3 'Structure model' '_struct_conn.ptnr1_label_comp_id'            
24 3 'Structure model' '_struct_conn.ptnr1_label_seq_id'             
25 3 'Structure model' '_struct_conn.ptnr1_symmetry'                 
26 3 'Structure model' '_struct_conn.ptnr2_auth_comp_id'             
27 3 'Structure model' '_struct_conn.ptnr2_auth_seq_id'              
28 3 'Structure model' '_struct_conn.ptnr2_label_asym_id'            
29 3 'Structure model' '_struct_conn.ptnr2_label_atom_id'            
30 3 'Structure model' '_struct_conn.ptnr2_label_comp_id'            
31 3 'Structure model' '_struct_conn.ptnr2_label_seq_id'             
32 3 'Structure model' '_struct_conn.ptnr2_symmetry'                 
33 3 'Structure model' '_struct_site.pdbx_auth_asym_id'              
34 3 'Structure model' '_struct_site.pdbx_auth_comp_id'              
35 3 'Structure model' '_struct_site.pdbx_auth_seq_id'               
# 
_pdbx_database_status.status_code                     REL 
_pdbx_database_status.entry_id                        2EAQ 
_pdbx_database_status.recvd_initial_deposition_date   2007-01-31 
_pdbx_database_status.deposit_site                    PDBJ 
_pdbx_database_status.process_site                    PDBJ 
_pdbx_database_status.status_code_sf                  REL 
_pdbx_database_status.status_code_mr                  ? 
_pdbx_database_status.SG_entry                        Y 
_pdbx_database_status.pdb_format_compatible           Y 
_pdbx_database_status.status_code_cs                  ? 
_pdbx_database_status.status_code_nmr_data            ? 
_pdbx_database_status.methods_development_category    ? 
# 
_pdbx_database_related.db_name        TargetDB 
_pdbx_database_related.db_id          hsk002100837.1 
_pdbx_database_related.details        . 
_pdbx_database_related.content_type   unspecified 
# 
loop_
_audit_author.name 
_audit_author.pdbx_ordinal 
'Xie, Y.'                                                1 
'Kishishita, S.'                                         2 
'Murayama, K.'                                           3 
'Takemoto, C.'                                           4 
'Shirozu, M.'                                            5 
'Yokoyama, S.'                                           6 
'RIKEN Structural Genomics/Proteomics Initiative (RSGI)' 7 
# 
_citation.id                        primary 
_citation.title                     'Crystal structure of  PDZ domain of KIAA0858 (LIM), MS0793 from Homo sapiens' 
_citation.journal_abbrev            'To be Published' 
_citation.journal_volume            ? 
_citation.page_first                ? 
_citation.page_last                 ? 
_citation.year                      ? 
_citation.journal_id_ASTM           ? 
_citation.country                   ? 
_citation.journal_id_ISSN           ? 
_citation.journal_id_CSD            0353 
_citation.book_publisher            ? 
_citation.pdbx_database_id_PubMed   ? 
_citation.pdbx_database_id_DOI      ? 
# 
loop_
_citation_author.citation_id 
_citation_author.name 
_citation_author.ordinal 
_citation_author.identifier_ORCID 
primary 'Xie, Y.'        1 ? 
primary 'Kishishita, S.' 2 ? 
primary 'Murayama, K.'   3 ? 
primary 'Takemoto, C.'   4 ? 
primary 'Shirozu, M.'    5 ? 
primary 'Yokoyama, S.'   6 ? 
# 
loop_
_entity.id 
_entity.type 
_entity.src_method 
_entity.pdbx_description 
_entity.formula_weight 
_entity.pdbx_number_of_molecules 
_entity.pdbx_ec 
_entity.pdbx_mutation 
_entity.pdbx_fragment 
_entity.details 
1 polymer     man 'LIM domain only protein 7' 10157.312 1   ? ? 'PDZ domain, residues 1037-1126' ? 
2 non-polymer syn 'NICKEL (II) ION'           58.693    2   ? ? ?                                ? 
3 water       nat water                       18.015    137 ? ? ?                                ? 
# 
_entity_name_com.entity_id   1 
_entity_name_com.name        'LOMP, F-box only protein 20' 
# 
_entity_poly.entity_id                      1 
_entity_poly.type                           'polypeptide(L)' 
_entity_poly.nstd_linkage                   no 
_entity_poly.nstd_monomer                   no 
_entity_poly.pdbx_seq_one_letter_code       
;QFSDMRISINQTPGKSLDFGFTIKWDIPGIFVASVEAGSPAEFSQLQVDDEIIAINNTKFSYNDSKEWEEAMAKAQETGH
LVMDVRRYGK
;
_entity_poly.pdbx_seq_one_letter_code_can   
;QFSDMRISINQTPGKSLDFGFTIKWDIPGIFVASVEAGSPAEFSQLQVDDEIIAINNTKFSYNDSKEWEEAMAKAQETGH
LVMDVRRYGK
;
_entity_poly.pdbx_strand_id                 A 
_entity_poly.pdbx_target_identifier         hsk002100837.1 
# 
loop_
_pdbx_entity_nonpoly.entity_id 
_pdbx_entity_nonpoly.name 
_pdbx_entity_nonpoly.comp_id 
2 'NICKEL (II) ION' NI  
3 water             HOH 
# 
loop_
_entity_poly_seq.entity_id 
_entity_poly_seq.num 
_entity_poly_seq.mon_id 
_entity_poly_seq.hetero 
1 1  GLN n 
1 2  PHE n 
1 3  SER n 
1 4  ASP n 
1 5  MET n 
1 6  ARG n 
1 7  ILE n 
1 8  SER n 
1 9  ILE n 
1 10 ASN n 
1 11 GLN n 
1 12 THR n 
1 13 PRO n 
1 14 GLY n 
1 15 LYS n 
1 16 SER n 
1 17 LEU n 
1 18 ASP n 
1 19 PHE n 
1 20 GLY n 
1 21 PHE n 
1 22 THR n 
1 23 ILE n 
1 24 LYS n 
1 25 TRP n 
1 26 ASP n 
1 27 ILE n 
1 28 PRO n 
1 29 GLY n 
1 30 ILE n 
1 31 PHE n 
1 32 VAL n 
1 33 ALA n 
1 34 SER n 
1 35 VAL n 
1 36 GLU n 
1 37 ALA n 
1 38 GLY n 
1 39 SER n 
1 40 PRO n 
1 41 ALA n 
1 42 GLU n 
1 43 PHE n 
1 44 SER n 
1 45 GLN n 
1 46 LEU n 
1 47 GLN n 
1 48 VAL n 
1 49 ASP n 
1 50 ASP n 
1 51 GLU n 
1 52 ILE n 
1 53 ILE n 
1 54 ALA n 
1 55 ILE n 
1 56 ASN n 
1 57 ASN n 
1 58 THR n 
1 59 LYS n 
1 60 PHE n 
1 61 SER n 
1 62 TYR n 
1 63 ASN n 
1 64 ASP n 
1 65 SER n 
1 66 LYS n 
1 67 GLU n 
1 68 TRP n 
1 69 GLU n 
1 70 GLU n 
1 71 ALA n 
1 72 MET n 
1 73 ALA n 
1 74 LYS n 
1 75 ALA n 
1 76 GLN n 
1 77 GLU n 
1 78 THR n 
1 79 GLY n 
1 80 HIS n 
1 81 LEU n 
1 82 VAL n 
1 83 MET n 
1 84 ASP n 
1 85 VAL n 
1 86 ARG n 
1 87 ARG n 
1 88 TYR n 
1 89 GLY n 
1 90 LYS n 
# 
_entity_src_gen.entity_id                          1 
_entity_src_gen.pdbx_src_id                        1 
_entity_src_gen.pdbx_alt_source_flag               sample 
_entity_src_gen.pdbx_seq_type                      ? 
_entity_src_gen.pdbx_beg_seq_num                   ? 
_entity_src_gen.pdbx_end_seq_num                   ? 
_entity_src_gen.gene_src_common_name               human 
_entity_src_gen.gene_src_genus                     Homo 
_entity_src_gen.pdbx_gene_src_gene                 'LMO7, FBX20, FBXO20, KIAA0858' 
_entity_src_gen.gene_src_species                   ? 
_entity_src_gen.gene_src_strain                    ? 
_entity_src_gen.gene_src_tissue                    ? 
_entity_src_gen.gene_src_tissue_fraction           ? 
_entity_src_gen.gene_src_details                   ? 
_entity_src_gen.pdbx_gene_src_fragment             ? 
_entity_src_gen.pdbx_gene_src_scientific_name      'Homo sapiens' 
_entity_src_gen.pdbx_gene_src_ncbi_taxonomy_id     9606 
_entity_src_gen.pdbx_gene_src_variant              ? 
_entity_src_gen.pdbx_gene_src_cell_line            ? 
_entity_src_gen.pdbx_gene_src_atcc                 ? 
_entity_src_gen.pdbx_gene_src_organ                ? 
_entity_src_gen.pdbx_gene_src_organelle            ? 
_entity_src_gen.pdbx_gene_src_cell                 ? 
_entity_src_gen.pdbx_gene_src_cellular_location    ? 
_entity_src_gen.host_org_common_name               ? 
_entity_src_gen.pdbx_host_org_scientific_name      ? 
_entity_src_gen.pdbx_host_org_ncbi_taxonomy_id     ? 
_entity_src_gen.host_org_genus                     ? 
_entity_src_gen.pdbx_host_org_gene                 ? 
_entity_src_gen.pdbx_host_org_organ                ? 
_entity_src_gen.host_org_species                   ? 
_entity_src_gen.pdbx_host_org_tissue               ? 
_entity_src_gen.pdbx_host_org_tissue_fraction      ? 
_entity_src_gen.pdbx_host_org_strain               ? 
_entity_src_gen.pdbx_host_org_variant              ? 
_entity_src_gen.pdbx_host_org_cell_line            ? 
_entity_src_gen.pdbx_host_org_atcc                 ? 
_entity_src_gen.pdbx_host_org_culture_collection   ? 
_entity_src_gen.pdbx_host_org_cell                 ? 
_entity_src_gen.pdbx_host_org_organelle            ? 
_entity_src_gen.pdbx_host_org_cellular_location    ? 
_entity_src_gen.pdbx_host_org_vector_type          plasmid 
_entity_src_gen.pdbx_host_org_vector               ? 
_entity_src_gen.host_org_details                   ? 
_entity_src_gen.expression_system_id               ? 
_entity_src_gen.plasmid_name                       PK060110-33-MD01 
_entity_src_gen.plasmid_details                    ? 
_entity_src_gen.pdbx_description                   'cell free' 
# 
loop_
_chem_comp.id 
_chem_comp.type 
_chem_comp.mon_nstd_flag 
_chem_comp.name 
_chem_comp.pdbx_synonyms 
_chem_comp.formula 
_chem_comp.formula_weight 
ALA 'L-peptide linking' y ALANINE           ? 'C3 H7 N O2'     89.093  
ARG 'L-peptide linking' y ARGININE          ? 'C6 H15 N4 O2 1' 175.209 
ASN 'L-peptide linking' y ASPARAGINE        ? 'C4 H8 N2 O3'    132.118 
ASP 'L-peptide linking' y 'ASPARTIC ACID'   ? 'C4 H7 N O4'     133.103 
GLN 'L-peptide linking' y GLUTAMINE         ? 'C5 H10 N2 O3'   146.144 
GLU 'L-peptide linking' y 'GLUTAMIC ACID'   ? 'C5 H9 N O4'     147.129 
GLY 'peptide linking'   y GLYCINE           ? 'C2 H5 N O2'     75.067  
HIS 'L-peptide linking' y HISTIDINE         ? 'C6 H10 N3 O2 1' 156.162 
HOH non-polymer         . WATER             ? 'H2 O'           18.015  
ILE 'L-peptide linking' y ISOLEUCINE        ? 'C6 H13 N O2'    131.173 
LEU 'L-peptide linking' y LEUCINE           ? 'C6 H13 N O2'    131.173 
LYS 'L-peptide linking' y LYSINE            ? 'C6 H15 N2 O2 1' 147.195 
MET 'L-peptide linking' y METHIONINE        ? 'C5 H11 N O2 S'  149.211 
NI  non-polymer         . 'NICKEL (II) ION' ? 'Ni 2'           58.693  
PHE 'L-peptide linking' y PHENYLALANINE     ? 'C9 H11 N O2'    165.189 
PRO 'L-peptide linking' y PROLINE           ? 'C5 H9 N O2'     115.130 
SER 'L-peptide linking' y SERINE            ? 'C3 H7 N O3'     105.093 
THR 'L-peptide linking' y THREONINE         ? 'C4 H9 N O3'     119.119 
TRP 'L-peptide linking' y TRYPTOPHAN        ? 'C11 H12 N2 O2'  204.225 
TYR 'L-peptide linking' y TYROSINE          ? 'C9 H11 N O3'    181.189 
VAL 'L-peptide linking' y VALINE            ? 'C5 H11 N O2'    117.146 
# 
loop_
_pdbx_poly_seq_scheme.asym_id 
_pdbx_poly_seq_scheme.entity_id 
_pdbx_poly_seq_scheme.seq_id 
_pdbx_poly_seq_scheme.mon_id 
_pdbx_poly_seq_scheme.ndb_seq_num 
_pdbx_poly_seq_scheme.pdb_seq_num 
_pdbx_poly_seq_scheme.auth_seq_num 
_pdbx_poly_seq_scheme.pdb_mon_id 
_pdbx_poly_seq_scheme.auth_mon_id 
_pdbx_poly_seq_scheme.pdb_strand_id 
_pdbx_poly_seq_scheme.pdb_ins_code 
_pdbx_poly_seq_scheme.hetero 
A 1 1  GLN 1  1037 1037 GLN GLN A . n 
A 1 2  PHE 2  1038 1038 PHE PHE A . n 
A 1 3  SER 3  1039 1039 SER SER A . n 
A 1 4  ASP 4  1040 1040 ASP ASP A . n 
A 1 5  MET 5  1041 1041 MET MET A . n 
A 1 6  ARG 6  1042 1042 ARG ARG A . n 
A 1 7  ILE 7  1043 1043 ILE ILE A . n 
A 1 8  SER 8  1044 1044 SER SER A . n 
A 1 9  ILE 9  1045 1045 ILE ILE A . n 
A 1 10 ASN 10 1046 1046 ASN ASN A . n 
A 1 11 GLN 11 1047 1047 GLN GLN A . n 
A 1 12 THR 12 1048 1048 THR THR A . n 
A 1 13 PRO 13 1049 1049 PRO PRO A . n 
A 1 14 GLY 14 1050 1050 GLY GLY A . n 
A 1 15 LYS 15 1051 1051 LYS LYS A . n 
A 1 16 SER 16 1052 1052 SER SER A . n 
A 1 17 LEU 17 1053 1053 LEU LEU A . n 
A 1 18 ASP 18 1054 1054 ASP ASP A . n 
A 1 19 PHE 19 1055 1055 PHE PHE A . n 
A 1 20 GLY 20 1056 1056 GLY GLY A . n 
A 1 21 PHE 21 1057 1057 PHE PHE A . n 
A 1 22 THR 22 1058 1058 THR THR A . n 
A 1 23 ILE 23 1059 1059 ILE ILE A . n 
A 1 24 LYS 24 1060 1060 LYS LYS A . n 
A 1 25 TRP 25 1061 1061 TRP TRP A . n 
A 1 26 ASP 26 1062 1062 ASP ASP A . n 
A 1 27 ILE 27 1063 1063 ILE ILE A . n 
A 1 28 PRO 28 1064 1064 PRO PRO A . n 
A 1 29 GLY 29 1065 1065 GLY GLY A . n 
A 1 30 ILE 30 1066 1066 ILE ILE A . n 
A 1 31 PHE 31 1067 1067 PHE PHE A . n 
A 1 32 VAL 32 1068 1068 VAL VAL A . n 
A 1 33 ALA 33 1069 1069 ALA ALA A . n 
A 1 34 SER 34 1070 1070 SER SER A . n 
A 1 35 VAL 35 1071 1071 VAL VAL A . n 
A 1 36 GLU 36 1072 1072 GLU GLU A . n 
A 1 37 ALA 37 1073 1073 ALA ALA A . n 
A 1 38 GLY 38 1074 1074 GLY GLY A . n 
A 1 39 SER 39 1075 1075 SER SER A . n 
A 1 40 PRO 40 1076 1076 PRO PRO A . n 
A 1 41 ALA 41 1077 1077 ALA ALA A . n 
A 1 42 GLU 42 1078 1078 GLU GLU A . n 
A 1 43 PHE 43 1079 1079 PHE PHE A . n 
A 1 44 SER 44 1080 1080 SER SER A . n 
A 1 45 GLN 45 1081 1081 GLN GLN A . n 
A 1 46 LEU 46 1082 1082 LEU LEU A . n 
A 1 47 GLN 47 1083 1083 GLN GLN A . n 
A 1 48 VAL 48 1084 1084 VAL VAL A . n 
A 1 49 ASP 49 1085 1085 ASP ASP A . n 
A 1 50 ASP 50 1086 1086 ASP ASP A . n 
A 1 51 GLU 51 1087 1087 GLU GLU A . n 
A 1 52 ILE 52 1088 1088 ILE ILE A . n 
A 1 53 ILE 53 1089 1089 ILE ILE A . n 
A 1 54 ALA 54 1090 1090 ALA ALA A . n 
A 1 55 ILE 55 1091 1091 ILE ILE A . n 
A 1 56 ASN 56 1092 1092 ASN ASN A . n 
A 1 57 ASN 57 1093 1093 ASN ASN A . n 
A 1 58 THR 58 1094 1094 THR THR A . n 
A 1 59 LYS 59 1095 1095 LYS LYS A . n 
A 1 60 PHE 60 1096 1096 PHE PHE A . n 
A 1 61 SER 61 1097 1097 SER SER A . n 
A 1 62 TYR 62 1098 1098 TYR TYR A . n 
A 1 63 ASN 63 1099 1099 ASN ASN A . n 
A 1 64 ASP 64 1100 1100 ASP ASP A . n 
A 1 65 SER 65 1101 1101 SER SER A . n 
A 1 66 LYS 66 1102 1102 LYS LYS A . n 
A 1 67 GLU 67 1103 1103 GLU GLU A . n 
A 1 68 TRP 68 1104 1104 TRP TRP A . n 
A 1 69 GLU 69 1105 1105 GLU GLU A . n 
A 1 70 GLU 70 1106 1106 GLU GLU A . n 
A 1 71 ALA 71 1107 1107 ALA ALA A . n 
A 1 72 MET 72 1108 1108 MET MET A . n 
A 1 73 ALA 73 1109 1109 ALA ALA A . n 
A 1 74 LYS 74 1110 1110 LYS LYS A . n 
A 1 75 ALA 75 1111 1111 ALA ALA A . n 
A 1 76 GLN 76 1112 1112 GLN GLN A . n 
A 1 77 GLU 77 1113 1113 GLU GLU A . n 
A 1 78 THR 78 1114 1114 THR THR A . n 
A 1 79 GLY 79 1115 1115 GLY GLY A . n 
A 1 80 HIS 80 1116 1116 HIS HIS A . n 
A 1 81 LEU 81 1117 1117 LEU LEU A . n 
A 1 82 VAL 82 1118 1118 VAL VAL A . n 
A 1 83 MET 83 1119 1119 MET MET A . n 
A 1 84 ASP 84 1120 1120 ASP ASP A . n 
A 1 85 VAL 85 1121 1121 VAL VAL A . n 
A 1 86 ARG 86 1122 1122 ARG ARG A . n 
A 1 87 ARG 87 1123 1123 ARG ARG A . n 
A 1 88 TYR 88 1124 1124 TYR TYR A . n 
A 1 89 GLY 89 1125 1125 GLY GLY A . n 
A 1 90 LYS 90 1126 ?    ?   ?   A . n 
# 
loop_
_pdbx_nonpoly_scheme.asym_id 
_pdbx_nonpoly_scheme.entity_id 
_pdbx_nonpoly_scheme.mon_id 
_pdbx_nonpoly_scheme.ndb_seq_num 
_pdbx_nonpoly_scheme.pdb_seq_num 
_pdbx_nonpoly_scheme.auth_seq_num 
_pdbx_nonpoly_scheme.pdb_mon_id 
_pdbx_nonpoly_scheme.auth_mon_id 
_pdbx_nonpoly_scheme.pdb_strand_id 
_pdbx_nonpoly_scheme.pdb_ins_code 
B 2 NI  1   2126 2126 NI  NI  A . 
C 2 NI  1   2127 2127 NI  NI  A . 
D 3 HOH 1   1    1    HOH HOH A . 
D 3 HOH 2   2    2    HOH HOH A . 
D 3 HOH 3   3    3    HOH HOH A . 
D 3 HOH 4   4    4    HOH HOH A . 
D 3 HOH 5   5    5    HOH HOH A . 
D 3 HOH 6   6    6    HOH HOH A . 
D 3 HOH 7   7    7    HOH HOH A . 
D 3 HOH 8   8    8    HOH HOH A . 
D 3 HOH 9   9    9    HOH HOH A . 
D 3 HOH 10  10   10   HOH HOH A . 
D 3 HOH 11  11   11   HOH HOH A . 
D 3 HOH 12  12   12   HOH HOH A . 
D 3 HOH 13  13   13   HOH HOH A . 
D 3 HOH 14  14   14   HOH HOH A . 
D 3 HOH 15  15   15   HOH HOH A . 
D 3 HOH 16  16   16   HOH HOH A . 
D 3 HOH 17  17   17   HOH HOH A . 
D 3 HOH 18  18   18   HOH HOH A . 
D 3 HOH 19  19   19   HOH HOH A . 
D 3 HOH 20  20   20   HOH HOH A . 
D 3 HOH 21  21   21   HOH HOH A . 
D 3 HOH 22  22   22   HOH HOH A . 
D 3 HOH 23  23   23   HOH HOH A . 
D 3 HOH 24  24   24   HOH HOH A . 
D 3 HOH 25  25   25   HOH HOH A . 
D 3 HOH 26  26   26   HOH HOH A . 
D 3 HOH 27  27   27   HOH HOH A . 
D 3 HOH 28  28   28   HOH HOH A . 
D 3 HOH 29  29   29   HOH HOH A . 
D 3 HOH 30  30   30   HOH HOH A . 
D 3 HOH 31  31   31   HOH HOH A . 
D 3 HOH 32  32   32   HOH HOH A . 
D 3 HOH 33  33   33   HOH HOH A . 
D 3 HOH 34  34   34   HOH HOH A . 
D 3 HOH 35  35   35   HOH HOH A . 
D 3 HOH 36  36   36   HOH HOH A . 
D 3 HOH 37  37   37   HOH HOH A . 
D 3 HOH 38  38   38   HOH HOH A . 
D 3 HOH 39  39   39   HOH HOH A . 
D 3 HOH 40  40   40   HOH HOH A . 
D 3 HOH 41  41   41   HOH HOH A . 
D 3 HOH 42  42   42   HOH HOH A . 
D 3 HOH 43  43   43   HOH HOH A . 
D 3 HOH 44  44   44   HOH HOH A . 
D 3 HOH 45  45   45   HOH HOH A . 
D 3 HOH 46  46   46   HOH HOH A . 
D 3 HOH 47  47   47   HOH HOH A . 
D 3 HOH 48  48   48   HOH HOH A . 
D 3 HOH 49  49   49   HOH HOH A . 
D 3 HOH 50  50   50   HOH HOH A . 
D 3 HOH 51  51   51   HOH HOH A . 
D 3 HOH 52  52   52   HOH HOH A . 
D 3 HOH 53  53   53   HOH HOH A . 
D 3 HOH 54  54   54   HOH HOH A . 
D 3 HOH 55  55   55   HOH HOH A . 
D 3 HOH 56  56   56   HOH HOH A . 
D 3 HOH 57  57   57   HOH HOH A . 
D 3 HOH 58  58   58   HOH HOH A . 
D 3 HOH 59  59   59   HOH HOH A . 
D 3 HOH 60  60   60   HOH HOH A . 
D 3 HOH 61  61   61   HOH HOH A . 
D 3 HOH 62  62   62   HOH HOH A . 
D 3 HOH 63  63   63   HOH HOH A . 
D 3 HOH 64  64   64   HOH HOH A . 
D 3 HOH 65  65   65   HOH HOH A . 
D 3 HOH 66  66   66   HOH HOH A . 
D 3 HOH 67  67   67   HOH HOH A . 
D 3 HOH 68  68   68   HOH HOH A . 
D 3 HOH 69  69   69   HOH HOH A . 
D 3 HOH 70  70   70   HOH HOH A . 
D 3 HOH 71  71   71   HOH HOH A . 
D 3 HOH 72  72   72   HOH HOH A . 
D 3 HOH 73  73   73   HOH HOH A . 
D 3 HOH 74  74   74   HOH HOH A . 
D 3 HOH 75  75   75   HOH HOH A . 
D 3 HOH 76  76   76   HOH HOH A . 
D 3 HOH 77  77   77   HOH HOH A . 
D 3 HOH 78  78   78   HOH HOH A . 
D 3 HOH 79  79   79   HOH HOH A . 
D 3 HOH 80  80   80   HOH HOH A . 
D 3 HOH 81  81   81   HOH HOH A . 
D 3 HOH 82  82   82   HOH HOH A . 
D 3 HOH 83  83   83   HOH HOH A . 
D 3 HOH 84  84   84   HOH HOH A . 
D 3 HOH 85  85   85   HOH HOH A . 
D 3 HOH 86  86   86   HOH HOH A . 
D 3 HOH 87  87   87   HOH HOH A . 
D 3 HOH 88  88   88   HOH HOH A . 
D 3 HOH 89  89   89   HOH HOH A . 
D 3 HOH 90  90   90   HOH HOH A . 
D 3 HOH 91  91   91   HOH HOH A . 
D 3 HOH 92  92   92   HOH HOH A . 
D 3 HOH 93  93   93   HOH HOH A . 
D 3 HOH 94  94   94   HOH HOH A . 
D 3 HOH 95  95   95   HOH HOH A . 
D 3 HOH 96  96   96   HOH HOH A . 
D 3 HOH 97  97   97   HOH HOH A . 
D 3 HOH 98  98   98   HOH HOH A . 
D 3 HOH 99  99   99   HOH HOH A . 
D 3 HOH 100 100  100  HOH HOH A . 
D 3 HOH 101 101  101  HOH HOH A . 
D 3 HOH 102 102  102  HOH HOH A . 
D 3 HOH 103 103  103  HOH HOH A . 
D 3 HOH 104 104  104  HOH HOH A . 
D 3 HOH 105 105  105  HOH HOH A . 
D 3 HOH 106 106  106  HOH HOH A . 
D 3 HOH 107 107  107  HOH HOH A . 
D 3 HOH 108 108  108  HOH HOH A . 
D 3 HOH 109 109  109  HOH HOH A . 
D 3 HOH 110 110  110  HOH HOH A . 
D 3 HOH 111 111  111  HOH HOH A . 
D 3 HOH 112 112  112  HOH HOH A . 
D 3 HOH 113 113  113  HOH HOH A . 
D 3 HOH 114 114  114  HOH HOH A . 
D 3 HOH 115 115  115  HOH HOH A . 
D 3 HOH 116 116  116  HOH HOH A . 
D 3 HOH 117 117  117  HOH HOH A . 
D 3 HOH 118 118  118  HOH HOH A . 
D 3 HOH 119 119  119  HOH HOH A . 
D 3 HOH 120 120  120  HOH HOH A . 
D 3 HOH 121 121  121  HOH HOH A . 
D 3 HOH 122 122  122  HOH HOH A . 
D 3 HOH 123 123  123  HOH HOH A . 
D 3 HOH 124 124  124  HOH HOH A . 
D 3 HOH 125 125  125  HOH HOH A . 
D 3 HOH 126 126  126  HOH HOH A . 
D 3 HOH 127 127  127  HOH HOH A . 
D 3 HOH 128 128  128  HOH HOH A . 
D 3 HOH 129 129  129  HOH HOH A . 
D 3 HOH 130 130  130  HOH HOH A . 
D 3 HOH 131 131  131  HOH HOH A . 
D 3 HOH 132 132  132  HOH HOH A . 
D 3 HOH 133 133  133  HOH HOH A . 
D 3 HOH 134 134  134  HOH HOH A . 
D 3 HOH 135 135  135  HOH HOH A . 
D 3 HOH 136 136  136  HOH HOH A . 
D 3 HOH 137 137  137  HOH HOH A . 
# 
loop_
_software.name 
_software.classification 
_software.version 
_software.citation_id 
_software.pdbx_ordinal 
CNS       refinement        1.1     ? 1 
ADSC      'data collection' Quantum ? 2 
HKL-2000  'data reduction'  .       ? 3 
SCALEPACK 'data scaling'    .       ? 4 
SOLVE     phasing           .       ? 5 
# 
_cell.entry_id           2EAQ 
_cell.length_a           43.996 
_cell.length_b           61.311 
_cell.length_c           27.931 
_cell.angle_alpha        90.00 
_cell.angle_beta         90.00 
_cell.angle_gamma        90.00 
_cell.Z_PDB              4 
_cell.pdbx_unique_axis   ? 
_cell.length_a_esd       ? 
_cell.length_b_esd       ? 
_cell.length_c_esd       ? 
_cell.angle_alpha_esd    ? 
_cell.angle_beta_esd     ? 
_cell.angle_gamma_esd    ? 
# 
_symmetry.entry_id                         2EAQ 
_symmetry.space_group_name_H-M             'P 21 21 2' 
_symmetry.pdbx_full_space_group_name_H-M   ? 
_symmetry.cell_setting                     ? 
_symmetry.Int_Tables_number                18 
_symmetry.space_group_name_Hall            ? 
# 
_exptl.entry_id          2EAQ 
_exptl.method            'X-RAY DIFFRACTION' 
_exptl.crystals_number   1 
# 
_exptl_crystal.id                    1 
_exptl_crystal.density_meas          ? 
_exptl_crystal.density_Matthews      1.85 
_exptl_crystal.density_percent_sol   33.65 
_exptl_crystal.description           ? 
_exptl_crystal.F_000                 ? 
_exptl_crystal.preparation           ? 
# 
_exptl_crystal_grow.crystal_id      1 
_exptl_crystal_grow.method          'VAPOR DIFFUSION, SITTING DROP' 
_exptl_crystal_grow.temp            293 
_exptl_crystal_grow.temp_details    ? 
_exptl_crystal_grow.pH              7.5 
_exptl_crystal_grow.pdbx_details    
'12% (v/v) PEG3350, HEPES-Na (pH7.5), 10mM NiSO4., VAPOR DIFFUSION, SITTING DROP, temperature 293K' 
_exptl_crystal_grow.pdbx_pH_range   . 
# 
_diffrn.id                     1 
_diffrn.ambient_temp           100 
_diffrn.ambient_temp_details   ? 
_diffrn.crystal_id             1 
# 
_diffrn_detector.diffrn_id              1 
_diffrn_detector.detector               CCD 
_diffrn_detector.type                   'ADSC QUANTUM 315' 
_diffrn_detector.pdbx_collection_date   2006-12-16 
_diffrn_detector.details                Mirrors 
# 
_diffrn_radiation.diffrn_id                        1 
_diffrn_radiation.wavelength_id                    1 
_diffrn_radiation.pdbx_monochromatic_or_laue_m_l   M 
_diffrn_radiation.monochromator                    silikon 
_diffrn_radiation.pdbx_diffrn_protocol             MAD 
_diffrn_radiation.pdbx_scattering_type             x-ray 
# 
loop_
_diffrn_radiation_wavelength.id 
_diffrn_radiation_wavelength.wavelength 
_diffrn_radiation_wavelength.wt 
1 0.9794 1.0 
2 0.9796 1.0 
3 0.9644 1.0 
# 
_diffrn_source.diffrn_id                   1 
_diffrn_source.source                      SYNCHROTRON 
_diffrn_source.type                        'PHOTON FACTORY BEAMLINE BL-5A' 
_diffrn_source.pdbx_synchrotron_site       'Photon Factory' 
_diffrn_source.pdbx_synchrotron_beamline   BL-5A 
_diffrn_source.pdbx_wavelength             ? 
_diffrn_source.pdbx_wavelength_list        '0.9794, 0.9796, 0.9644' 
# 
_reflns.entry_id                     2EAQ 
_reflns.observed_criterion_sigma_I   -3 
_reflns.observed_criterion_sigma_F   ? 
_reflns.d_resolution_low             50 
_reflns.d_resolution_high            1.46 
_reflns.number_obs                   13707 
_reflns.number_all                   ? 
_reflns.percent_possible_obs         99.9 
_reflns.pdbx_Rmerge_I_obs            ? 
_reflns.pdbx_Rsym_value              0.079 
_reflns.pdbx_netI_over_sigmaI        30.94 
_reflns.B_iso_Wilson_estimate        11.5 
_reflns.pdbx_redundancy              13.2 
_reflns.R_free_details               ? 
_reflns.limit_h_max                  ? 
_reflns.limit_h_min                  ? 
_reflns.limit_k_max                  ? 
_reflns.limit_k_min                  ? 
_reflns.limit_l_max                  ? 
_reflns.limit_l_min                  ? 
_reflns.observed_criterion_F_max     ? 
_reflns.observed_criterion_F_min     ? 
_reflns.pdbx_chi_squared             ? 
_reflns.pdbx_scaling_rejects         ? 
_reflns.pdbx_diffrn_id               1 
_reflns.pdbx_ordinal                 1 
# 
_reflns_shell.d_res_high             1.46 
_reflns_shell.d_res_low              1.53 
_reflns_shell.percent_possible_all   99.7 
_reflns_shell.Rmerge_I_obs           ? 
_reflns_shell.pdbx_Rsym_value        0.298 
_reflns_shell.meanI_over_sigI_obs    8.28 
_reflns_shell.pdbx_redundancy        11.7 
_reflns_shell.percent_possible_obs   ? 
_reflns_shell.number_unique_all      1661 
_reflns_shell.number_measured_all    ? 
_reflns_shell.number_measured_obs    ? 
_reflns_shell.number_unique_obs      ? 
_reflns_shell.pdbx_chi_squared       ? 
_reflns_shell.pdbx_diffrn_id         ? 
_reflns_shell.pdbx_ordinal           1 
# 
_refine.entry_id                                 2EAQ 
_refine.ls_number_reflns_obs                     12910 
_refine.ls_number_reflns_all                     ? 
_refine.pdbx_ls_sigma_I                          ? 
_refine.pdbx_ls_sigma_F                          2.0 
_refine.pdbx_data_cutoff_high_absF               245054.36 
_refine.pdbx_data_cutoff_low_absF                0.000000 
_refine.pdbx_data_cutoff_high_rms_absF           ? 
_refine.ls_d_res_low                             27.93 
_refine.ls_d_res_high                            1.46 
_refine.ls_percent_reflns_obs                    94.2 
_refine.ls_R_factor_obs                          0.16 
_refine.ls_R_factor_all                          ? 
_refine.ls_R_factor_R_work                       0.16 
_refine.ls_R_factor_R_free                       0.194 
_refine.ls_R_factor_R_free_error                 0.005 
_refine.ls_R_factor_R_free_error_details         ? 
_refine.ls_percent_reflns_R_free                 10.3 
_refine.ls_number_reflns_R_free                  1325 
_refine.ls_number_parameters                     ? 
_refine.ls_number_restraints                     ? 
_refine.occupancy_min                            ? 
_refine.occupancy_max                            ? 
_refine.correlation_coeff_Fo_to_Fc               ? 
_refine.correlation_coeff_Fo_to_Fc_free          ? 
_refine.B_iso_mean                               13.8 
_refine.aniso_B[1][1]                            -0.12 
_refine.aniso_B[2][2]                            -1.31 
_refine.aniso_B[3][3]                            1.44 
_refine.aniso_B[1][2]                            0.00 
_refine.aniso_B[1][3]                            0.00 
_refine.aniso_B[2][3]                            0.00 
_refine.solvent_model_details                    'FLAT MODEL' 
_refine.solvent_model_param_ksol                 0.392878 
_refine.solvent_model_param_bsol                 37.9231 
_refine.pdbx_solvent_vdw_probe_radii             ? 
_refine.pdbx_solvent_ion_probe_radii             ? 
_refine.pdbx_solvent_shrinkage_radii             ? 
_refine.pdbx_ls_cross_valid_method               THROUGHOUT 
_refine.details                                  ? 
_refine.pdbx_starting_model                      ? 
_refine.pdbx_method_to_determine_struct          MAD 
_refine.pdbx_isotropic_thermal_model             RESTRAINED 
_refine.pdbx_stereochemistry_target_values       ? 
_refine.pdbx_stereochem_target_val_spec_case     ? 
_refine.pdbx_R_Free_selection_details            RANDOM 
_refine.pdbx_overall_ESU_R                       ? 
_refine.pdbx_overall_ESU_R_Free                  ? 
_refine.overall_SU_ML                            ? 
_refine.overall_SU_B                             ? 
_refine.ls_redundancy_reflns_obs                 ? 
_refine.B_iso_min                                ? 
_refine.B_iso_max                                ? 
_refine.overall_SU_R_Cruickshank_DPI             ? 
_refine.overall_SU_R_free                        ? 
_refine.ls_wR_factor_R_free                      ? 
_refine.ls_wR_factor_R_work                      ? 
_refine.overall_FOM_free_R_set                   ? 
_refine.overall_FOM_work_R_set                   ? 
_refine.pdbx_refine_id                           'X-RAY DIFFRACTION' 
_refine.pdbx_diffrn_id                           1 
_refine.pdbx_TLS_residual_ADP_flag               ? 
_refine.pdbx_overall_phase_error                 ? 
_refine.pdbx_overall_SU_R_free_Cruickshank_DPI   ? 
_refine.pdbx_overall_SU_R_Blow_DPI               ? 
_refine.pdbx_overall_SU_R_free_Blow_DPI          ? 
# 
_refine_analyze.entry_id                        2EAQ 
_refine_analyze.Luzzati_coordinate_error_obs    0.12 
_refine_analyze.Luzzati_sigma_a_obs             0.03 
_refine_analyze.Luzzati_d_res_low_obs           5.00 
_refine_analyze.Luzzati_coordinate_error_free   0.16 
_refine_analyze.Luzzati_sigma_a_free            0.04 
_refine_analyze.Luzzati_d_res_low_free          ? 
_refine_analyze.number_disordered_residues      ? 
_refine_analyze.occupancy_sum_hydrogen          ? 
_refine_analyze.occupancy_sum_non_hydrogen      ? 
_refine_analyze.pdbx_Luzzati_d_res_high_obs     ? 
_refine_analyze.pdbx_refine_id                  'X-RAY DIFFRACTION' 
# 
_refine_hist.pdbx_refine_id                   'X-RAY DIFFRACTION' 
_refine_hist.cycle_id                         LAST 
_refine_hist.pdbx_number_atoms_protein        705 
_refine_hist.pdbx_number_atoms_nucleic_acid   0 
_refine_hist.pdbx_number_atoms_ligand         2 
_refine_hist.number_atoms_solvent             137 
_refine_hist.number_atoms_total               844 
_refine_hist.d_res_high                       1.46 
_refine_hist.d_res_low                        27.93 
# 
loop_
_refine_ls_restr.type 
_refine_ls_restr.dev_ideal 
_refine_ls_restr.dev_ideal_target 
_refine_ls_restr.weight 
_refine_ls_restr.number 
_refine_ls_restr.pdbx_refine_id 
_refine_ls_restr.pdbx_restraint_function 
c_bond_d                0.039 ?    ? ? 'X-RAY DIFFRACTION' ? 
c_bond_d_na             ?     ?    ? ? 'X-RAY DIFFRACTION' ? 
c_bond_d_prot           ?     ?    ? ? 'X-RAY DIFFRACTION' ? 
c_angle_d               ?     ?    ? ? 'X-RAY DIFFRACTION' ? 
c_angle_d_na            ?     ?    ? ? 'X-RAY DIFFRACTION' ? 
c_angle_d_prot          ?     ?    ? ? 'X-RAY DIFFRACTION' ? 
c_angle_deg             2.0   ?    ? ? 'X-RAY DIFFRACTION' ? 
c_angle_deg_na          ?     ?    ? ? 'X-RAY DIFFRACTION' ? 
c_angle_deg_prot        ?     ?    ? ? 'X-RAY DIFFRACTION' ? 
c_dihedral_angle_d      26.9  ?    ? ? 'X-RAY DIFFRACTION' ? 
c_dihedral_angle_d_na   ?     ?    ? ? 'X-RAY DIFFRACTION' ? 
c_dihedral_angle_d_prot ?     ?    ? ? 'X-RAY DIFFRACTION' ? 
c_improper_angle_d      1.40  ?    ? ? 'X-RAY DIFFRACTION' ? 
c_improper_angle_d_na   ?     ?    ? ? 'X-RAY DIFFRACTION' ? 
c_improper_angle_d_prot ?     ?    ? ? 'X-RAY DIFFRACTION' ? 
c_mcbond_it             1.54  1.50 ? ? 'X-RAY DIFFRACTION' ? 
c_mcangle_it            2.30  2.00 ? ? 'X-RAY DIFFRACTION' ? 
c_scbond_it             2.62  2.00 ? ? 'X-RAY DIFFRACTION' ? 
c_scangle_it            3.79  2.50 ? ? 'X-RAY DIFFRACTION' ? 
# 
_refine_ls_shell.pdbx_total_number_of_bins_used   6 
_refine_ls_shell.d_res_high                       1.46 
_refine_ls_shell.d_res_low                        1.55 
_refine_ls_shell.number_reflns_R_work             1636 
_refine_ls_shell.R_factor_R_work                  0.158 
_refine_ls_shell.percent_reflns_obs               83.1 
_refine_ls_shell.R_factor_R_free                  0.19 
_refine_ls_shell.R_factor_R_free_error            0.013 
_refine_ls_shell.percent_reflns_R_free            11.7 
_refine_ls_shell.number_reflns_R_free             217 
_refine_ls_shell.number_reflns_all                ? 
_refine_ls_shell.R_factor_all                     ? 
_refine_ls_shell.redundancy_reflns_obs            ? 
_refine_ls_shell.number_reflns_obs                ? 
_refine_ls_shell.pdbx_refine_id                   'X-RAY DIFFRACTION' 
# 
loop_
_pdbx_xplor_file.serial_no 
_pdbx_xplor_file.param_file 
_pdbx_xplor_file.topol_file 
_pdbx_xplor_file.pdbx_refine_id 
1 protein_rep.param protein.top 'X-RAY DIFFRACTION' 
2 water_rep.param   ?           'X-RAY DIFFRACTION' 
3 ion.param         ?           'X-RAY DIFFRACTION' 
# 
_struct.entry_id                  2EAQ 
_struct.title                     'Crystal structure of PDZ domain of KIAA0858 (LIM), MS0793 from Homo sapiens' 
_struct.pdbx_model_details        ? 
_struct.pdbx_CASP_flag            ? 
_struct.pdbx_model_type_details   ? 
# 
_struct_keywords.entry_id        2EAQ 
_struct_keywords.pdbx_keywords   'METAL BINDING PROTEIN' 
_struct_keywords.text            
;conserved hypothetical protein, Structural Genomics, NPPSFA, National Project on Protein Structural and Functional Analyses, RIKEN Structural Genomics/Proteomics Initiative, RSGI, METAL BINDING PROTEIN
;
# 
loop_
_struct_asym.id 
_struct_asym.pdbx_blank_PDB_chainid_flag 
_struct_asym.pdbx_modified 
_struct_asym.entity_id 
_struct_asym.details 
A N N 1 ? 
B N N 2 ? 
C N N 2 ? 
D N N 3 ? 
# 
_struct_ref.id                         1 
_struct_ref.db_name                    UNP 
_struct_ref.db_code                    LMO7_HUMAN 
_struct_ref.pdbx_db_accession          Q8WWI1 
_struct_ref.entity_id                  1 
_struct_ref.pdbx_seq_one_letter_code   
;QFSDMRISINQTPGKSLDFGFTIKWDIPGIFVASVEAGSPAEFSQLQVDDEIIAINNTKFSYNDSKEWEEAMAKAQETGH
LVMDVRRYGK
;
_struct_ref.pdbx_align_begin           1037 
_struct_ref.pdbx_db_isoform            ? 
# 
_struct_ref_seq.align_id                      1 
_struct_ref_seq.ref_id                        1 
_struct_ref_seq.pdbx_PDB_id_code              2EAQ 
_struct_ref_seq.pdbx_strand_id                A 
_struct_ref_seq.seq_align_beg                 1 
_struct_ref_seq.pdbx_seq_align_beg_ins_code   ? 
_struct_ref_seq.seq_align_end                 90 
_struct_ref_seq.pdbx_seq_align_end_ins_code   ? 
_struct_ref_seq.pdbx_db_accession             Q8WWI1 
_struct_ref_seq.db_align_beg                  1037 
_struct_ref_seq.pdbx_db_align_beg_ins_code    ? 
_struct_ref_seq.db_align_end                  1126 
_struct_ref_seq.pdbx_db_align_end_ins_code    ? 
_struct_ref_seq.pdbx_auth_seq_align_beg       1037 
_struct_ref_seq.pdbx_auth_seq_align_end       1126 
# 
_pdbx_struct_assembly.id                   1 
_pdbx_struct_assembly.details              author_defined_assembly 
_pdbx_struct_assembly.method_details       ? 
_pdbx_struct_assembly.oligomeric_details   monomeric 
_pdbx_struct_assembly.oligomeric_count     1 
# 
_pdbx_struct_assembly_gen.assembly_id       1 
_pdbx_struct_assembly_gen.oper_expression   1 
_pdbx_struct_assembly_gen.asym_id_list      A,B,C,D 
# 
_pdbx_struct_oper_list.id                   1 
_pdbx_struct_oper_list.type                 'identity operation' 
_pdbx_struct_oper_list.name                 1_555 
_pdbx_struct_oper_list.symmetry_operation   x,y,z 
_pdbx_struct_oper_list.matrix[1][1]         1.0000000000 
_pdbx_struct_oper_list.matrix[1][2]         0.0000000000 
_pdbx_struct_oper_list.matrix[1][3]         0.0000000000 
_pdbx_struct_oper_list.vector[1]            0.0000000000 
_pdbx_struct_oper_list.matrix[2][1]         0.0000000000 
_pdbx_struct_oper_list.matrix[2][2]         1.0000000000 
_pdbx_struct_oper_list.matrix[2][3]         0.0000000000 
_pdbx_struct_oper_list.vector[2]            0.0000000000 
_pdbx_struct_oper_list.matrix[3][1]         0.0000000000 
_pdbx_struct_oper_list.matrix[3][2]         0.0000000000 
_pdbx_struct_oper_list.matrix[3][3]         1.0000000000 
_pdbx_struct_oper_list.vector[3]            0.0000000000 
# 
_struct_biol.id        1 
_struct_biol.details   'in this crystal packing, it looks like mononer. But, there is no experimental evidence.' 
# 
loop_
_struct_conf.conf_type_id 
_struct_conf.id 
_struct_conf.pdbx_PDB_helix_id 
_struct_conf.beg_label_comp_id 
_struct_conf.beg_label_asym_id 
_struct_conf.beg_label_seq_id 
_struct_conf.pdbx_beg_PDB_ins_code 
_struct_conf.end_label_comp_id 
_struct_conf.end_label_asym_id 
_struct_conf.end_label_seq_id 
_struct_conf.pdbx_end_PDB_ins_code 
_struct_conf.beg_auth_comp_id 
_struct_conf.beg_auth_asym_id 
_struct_conf.beg_auth_seq_id 
_struct_conf.end_auth_comp_id 
_struct_conf.end_auth_asym_id 
_struct_conf.end_auth_seq_id 
_struct_conf.pdbx_PDB_helix_class 
_struct_conf.details 
_struct_conf.pdbx_PDB_helix_length 
HELX_P HELX_P1 1 SER A 39 ? SER A 44 ? SER A 1075 SER A 1080 1 ? 6  
HELX_P HELX_P2 2 ASP A 64 ? GLY A 79 ? ASP A 1100 GLY A 1115 1 ? 16 
# 
_struct_conf_type.id          HELX_P 
_struct_conf_type.criteria    ? 
_struct_conf_type.reference   ? 
# 
loop_
_struct_conn.id 
_struct_conn.conn_type_id 
_struct_conn.pdbx_leaving_atom_flag 
_struct_conn.pdbx_PDB_id 
_struct_conn.ptnr1_label_asym_id 
_struct_conn.ptnr1_label_comp_id 
_struct_conn.ptnr1_label_seq_id 
_struct_conn.ptnr1_label_atom_id 
_struct_conn.pdbx_ptnr1_label_alt_id 
_struct_conn.pdbx_ptnr1_PDB_ins_code 
_struct_conn.pdbx_ptnr1_standard_comp_id 
_struct_conn.ptnr1_symmetry 
_struct_conn.ptnr2_label_asym_id 
_struct_conn.ptnr2_label_comp_id 
_struct_conn.ptnr2_label_seq_id 
_struct_conn.ptnr2_label_atom_id 
_struct_conn.pdbx_ptnr2_label_alt_id 
_struct_conn.pdbx_ptnr2_PDB_ins_code 
_struct_conn.ptnr1_auth_asym_id 
_struct_conn.ptnr1_auth_comp_id 
_struct_conn.ptnr1_auth_seq_id 
_struct_conn.ptnr2_auth_asym_id 
_struct_conn.ptnr2_auth_comp_id 
_struct_conn.ptnr2_auth_seq_id 
_struct_conn.ptnr2_symmetry 
_struct_conn.pdbx_ptnr3_label_atom_id 
_struct_conn.pdbx_ptnr3_label_seq_id 
_struct_conn.pdbx_ptnr3_label_comp_id 
_struct_conn.pdbx_ptnr3_label_asym_id 
_struct_conn.pdbx_ptnr3_label_alt_id 
_struct_conn.pdbx_ptnr3_PDB_ins_code 
_struct_conn.details 
_struct_conn.pdbx_dist_value 
_struct_conn.pdbx_value_order 
_struct_conn.pdbx_role 
metalc1  metalc ? ? D HOH .  O   ? ? ? 1_555 B NI . NI ? ? A HOH 123  A NI 2126 1_555 ? ? ? ? ? ? ? 2.079 ? ? 
metalc2  metalc ? ? D HOH .  O   ? ? ? 2_765 B NI . NI ? ? A HOH 123  A NI 2126 1_555 ? ? ? ? ? ? ? 2.055 ? ? 
metalc3  metalc ? ? D HOH .  O   ? ? ? 1_555 B NI . NI ? ? A HOH 124  A NI 2126 1_555 ? ? ? ? ? ? ? 2.060 ? ? 
metalc4  metalc ? ? D HOH .  O   ? ? ? 2_765 B NI . NI ? ? A HOH 124  A NI 2126 1_555 ? ? ? ? ? ? ? 2.110 ? ? 
metalc5  metalc ? ? D HOH .  O   ? ? ? 1_555 C NI . NI ? ? A HOH 125  A NI 2127 1_555 ? ? ? ? ? ? ? 2.171 ? ? 
metalc6  metalc ? ? D HOH .  O   ? ? ? 1_555 C NI . NI ? ? A HOH 126  A NI 2127 1_555 ? ? ? ? ? ? ? 2.467 ? ? 
metalc7  metalc ? ? D HOH .  O   ? ? ? 1_555 C NI . NI ? ? A HOH 136  A NI 2127 1_555 ? ? ? ? ? ? ? 2.324 ? ? 
metalc8  metalc ? ? A ASP 49 OD1 ? ? ? 1_555 C NI . NI ? ? A ASP 1085 A NI 2127 1_555 ? ? ? ? ? ? ? 2.406 ? ? 
metalc9  metalc ? ? A ASP 49 OD2 ? ? ? 1_555 C NI . NI ? ? A ASP 1085 A NI 2127 1_555 ? ? ? ? ? ? ? 2.481 ? ? 
metalc10 metalc ? ? A GLU 67 OE1 ? ? ? 1_554 C NI . NI ? ? A GLU 1103 A NI 2127 1_555 ? ? ? ? ? ? ? 2.131 ? ? 
metalc11 metalc ? ? A HIS 80 NE2 ? ? ? 1_555 B NI . NI ? ? A HIS 1116 A NI 2126 1_555 ? ? ? ? ? ? ? 2.195 ? ? 
metalc12 metalc ? ? A HIS 80 NE2 ? ? ? 2_765 B NI . NI ? ? A HIS 1116 A NI 2126 1_555 ? ? ? ? ? ? ? 2.242 ? ? 
# 
_struct_conn_type.id          metalc 
_struct_conn_type.criteria    ? 
_struct_conn_type.reference   ? 
# 
loop_
_pdbx_struct_conn_angle.id 
_pdbx_struct_conn_angle.ptnr1_label_atom_id 
_pdbx_struct_conn_angle.ptnr1_label_alt_id 
_pdbx_struct_conn_angle.ptnr1_label_asym_id 
_pdbx_struct_conn_angle.ptnr1_label_comp_id 
_pdbx_struct_conn_angle.ptnr1_label_seq_id 
_pdbx_struct_conn_angle.ptnr1_auth_atom_id 
_pdbx_struct_conn_angle.ptnr1_auth_asym_id 
_pdbx_struct_conn_angle.ptnr1_auth_comp_id 
_pdbx_struct_conn_angle.ptnr1_auth_seq_id 
_pdbx_struct_conn_angle.ptnr1_PDB_ins_code 
_pdbx_struct_conn_angle.ptnr1_symmetry 
_pdbx_struct_conn_angle.ptnr2_label_atom_id 
_pdbx_struct_conn_angle.ptnr2_label_alt_id 
_pdbx_struct_conn_angle.ptnr2_label_asym_id 
_pdbx_struct_conn_angle.ptnr2_label_comp_id 
_pdbx_struct_conn_angle.ptnr2_label_seq_id 
_pdbx_struct_conn_angle.ptnr2_auth_atom_id 
_pdbx_struct_conn_angle.ptnr2_auth_asym_id 
_pdbx_struct_conn_angle.ptnr2_auth_comp_id 
_pdbx_struct_conn_angle.ptnr2_auth_seq_id 
_pdbx_struct_conn_angle.ptnr2_PDB_ins_code 
_pdbx_struct_conn_angle.ptnr2_symmetry 
_pdbx_struct_conn_angle.ptnr3_label_atom_id 
_pdbx_struct_conn_angle.ptnr3_label_alt_id 
_pdbx_struct_conn_angle.ptnr3_label_asym_id 
_pdbx_struct_conn_angle.ptnr3_label_comp_id 
_pdbx_struct_conn_angle.ptnr3_label_seq_id 
_pdbx_struct_conn_angle.ptnr3_auth_atom_id 
_pdbx_struct_conn_angle.ptnr3_auth_asym_id 
_pdbx_struct_conn_angle.ptnr3_auth_comp_id 
_pdbx_struct_conn_angle.ptnr3_auth_seq_id 
_pdbx_struct_conn_angle.ptnr3_PDB_ins_code 
_pdbx_struct_conn_angle.ptnr3_symmetry 
_pdbx_struct_conn_angle.value 
_pdbx_struct_conn_angle.value_esd 
1  O   ? D HOH .  ? A HOH 123  ? 1_555 NI ? B NI . ? A NI 2126 ? 1_555 O   ? D HOH .  ? A HOH 123  ? 2_765 174.4 ? 
2  O   ? D HOH .  ? A HOH 123  ? 1_555 NI ? B NI . ? A NI 2126 ? 1_555 O   ? D HOH .  ? A HOH 124  ? 1_555 90.6  ? 
3  O   ? D HOH .  ? A HOH 123  ? 2_765 NI ? B NI . ? A NI 2126 ? 1_555 O   ? D HOH .  ? A HOH 124  ? 1_555 86.9  ? 
4  O   ? D HOH .  ? A HOH 123  ? 1_555 NI ? B NI . ? A NI 2126 ? 1_555 O   ? D HOH .  ? A HOH 124  ? 2_765 85.0  ? 
5  O   ? D HOH .  ? A HOH 123  ? 2_765 NI ? B NI . ? A NI 2126 ? 1_555 O   ? D HOH .  ? A HOH 124  ? 2_765 89.8  ? 
6  O   ? D HOH .  ? A HOH 124  ? 1_555 NI ? B NI . ? A NI 2126 ? 1_555 O   ? D HOH .  ? A HOH 124  ? 2_765 86.6  ? 
7  O   ? D HOH .  ? A HOH 123  ? 1_555 NI ? B NI . ? A NI 2126 ? 1_555 NE2 ? A HIS 80 ? A HIS 1116 ? 1_555 87.7  ? 
8  O   ? D HOH .  ? A HOH 123  ? 2_765 NI ? B NI . ? A NI 2126 ? 1_555 NE2 ? A HIS 80 ? A HIS 1116 ? 1_555 97.5  ? 
9  O   ? D HOH .  ? A HOH 124  ? 1_555 NI ? B NI . ? A NI 2126 ? 1_555 NE2 ? A HIS 80 ? A HIS 1116 ? 1_555 95.5  ? 
10 O   ? D HOH .  ? A HOH 124  ? 2_765 NI ? B NI . ? A NI 2126 ? 1_555 NE2 ? A HIS 80 ? A HIS 1116 ? 1_555 172.5 ? 
11 O   ? D HOH .  ? A HOH 123  ? 1_555 NI ? B NI . ? A NI 2126 ? 1_555 NE2 ? A HIS 80 ? A HIS 1116 ? 2_765 95.4  ? 
12 O   ? D HOH .  ? A HOH 123  ? 2_765 NI ? B NI . ? A NI 2126 ? 1_555 NE2 ? A HIS 80 ? A HIS 1116 ? 2_765 87.1  ? 
13 O   ? D HOH .  ? A HOH 124  ? 1_555 NI ? B NI . ? A NI 2126 ? 1_555 NE2 ? A HIS 80 ? A HIS 1116 ? 2_765 173.9 ? 
14 O   ? D HOH .  ? A HOH 124  ? 2_765 NI ? B NI . ? A NI 2126 ? 1_555 NE2 ? A HIS 80 ? A HIS 1116 ? 2_765 92.7  ? 
15 NE2 ? A HIS 80 ? A HIS 1116 ? 1_555 NI ? B NI . ? A NI 2126 ? 1_555 NE2 ? A HIS 80 ? A HIS 1116 ? 2_765 85.9  ? 
16 O   ? D HOH .  ? A HOH 125  ? 1_555 NI ? C NI . ? A NI 2127 ? 1_555 O   ? D HOH .  ? A HOH 126  ? 1_555 135.3 ? 
17 O   ? D HOH .  ? A HOH 125  ? 1_555 NI ? C NI . ? A NI 2127 ? 1_555 O   ? D HOH .  ? A HOH 136  ? 1_555 107.0 ? 
18 O   ? D HOH .  ? A HOH 126  ? 1_555 NI ? C NI . ? A NI 2127 ? 1_555 O   ? D HOH .  ? A HOH 136  ? 1_555 72.6  ? 
19 O   ? D HOH .  ? A HOH 125  ? 1_555 NI ? C NI . ? A NI 2127 ? 1_555 OD1 ? A ASP 49 ? A ASP 1085 ? 1_555 107.1 ? 
20 O   ? D HOH .  ? A HOH 126  ? 1_555 NI ? C NI . ? A NI 2127 ? 1_555 OD1 ? A ASP 49 ? A ASP 1085 ? 1_555 117.5 ? 
21 O   ? D HOH .  ? A HOH 136  ? 1_555 NI ? C NI . ? A NI 2127 ? 1_555 OD1 ? A ASP 49 ? A ASP 1085 ? 1_555 90.6  ? 
22 O   ? D HOH .  ? A HOH 125  ? 1_555 NI ? C NI . ? A NI 2127 ? 1_555 OD2 ? A ASP 49 ? A ASP 1085 ? 1_555 56.9  ? 
23 O   ? D HOH .  ? A HOH 126  ? 1_555 NI ? C NI . ? A NI 2127 ? 1_555 OD2 ? A ASP 49 ? A ASP 1085 ? 1_555 160.4 ? 
24 O   ? D HOH .  ? A HOH 136  ? 1_555 NI ? C NI . ? A NI 2127 ? 1_555 OD2 ? A ASP 49 ? A ASP 1085 ? 1_555 89.4  ? 
25 OD1 ? A ASP 49 ? A ASP 1085 ? 1_555 NI ? C NI . ? A NI 2127 ? 1_555 OD2 ? A ASP 49 ? A ASP 1085 ? 1_555 53.3  ? 
26 O   ? D HOH .  ? A HOH 125  ? 1_555 NI ? C NI . ? A NI 2127 ? 1_555 OE1 ? A GLU 67 ? A GLU 1103 ? 1_554 69.4  ? 
27 O   ? D HOH .  ? A HOH 126  ? 1_555 NI ? C NI . ? A NI 2127 ? 1_555 OE1 ? A GLU 67 ? A GLU 1103 ? 1_554 109.4 ? 
28 O   ? D HOH .  ? A HOH 136  ? 1_555 NI ? C NI . ? A NI 2127 ? 1_555 OE1 ? A GLU 67 ? A GLU 1103 ? 1_554 176.4 ? 
29 OD1 ? A ASP 49 ? A ASP 1085 ? 1_555 NI ? C NI . ? A NI 2127 ? 1_555 OE1 ? A GLU 67 ? A GLU 1103 ? 1_554 90.9  ? 
30 OD2 ? A ASP 49 ? A ASP 1085 ? 1_555 NI ? C NI . ? A NI 2127 ? 1_555 OE1 ? A GLU 67 ? A GLU 1103 ? 1_554 88.9  ? 
# 
_struct_mon_prot_cis.pdbx_id                1 
_struct_mon_prot_cis.label_comp_id          ILE 
_struct_mon_prot_cis.label_seq_id           27 
_struct_mon_prot_cis.label_asym_id          A 
_struct_mon_prot_cis.label_alt_id           . 
_struct_mon_prot_cis.pdbx_PDB_ins_code      ? 
_struct_mon_prot_cis.auth_comp_id           ILE 
_struct_mon_prot_cis.auth_seq_id            1063 
_struct_mon_prot_cis.auth_asym_id           A 
_struct_mon_prot_cis.pdbx_label_comp_id_2   PRO 
_struct_mon_prot_cis.pdbx_label_seq_id_2    28 
_struct_mon_prot_cis.pdbx_label_asym_id_2   A 
_struct_mon_prot_cis.pdbx_PDB_ins_code_2    ? 
_struct_mon_prot_cis.pdbx_auth_comp_id_2    PRO 
_struct_mon_prot_cis.pdbx_auth_seq_id_2     1064 
_struct_mon_prot_cis.pdbx_auth_asym_id_2    A 
_struct_mon_prot_cis.pdbx_PDB_model_num     1 
_struct_mon_prot_cis.pdbx_omega_angle       2.39 
# 
loop_
_struct_sheet.id 
_struct_sheet.type 
_struct_sheet.number_strands 
_struct_sheet.details 
A ? 4 ? 
B ? 2 ? 
# 
loop_
_struct_sheet_order.sheet_id 
_struct_sheet_order.range_id_1 
_struct_sheet_order.range_id_2 
_struct_sheet_order.offset 
_struct_sheet_order.sense 
A 1 2 ? anti-parallel 
A 2 3 ? anti-parallel 
A 3 4 ? anti-parallel 
B 1 2 ? anti-parallel 
# 
loop_
_struct_sheet_range.sheet_id 
_struct_sheet_range.id 
_struct_sheet_range.beg_label_comp_id 
_struct_sheet_range.beg_label_asym_id 
_struct_sheet_range.beg_label_seq_id 
_struct_sheet_range.pdbx_beg_PDB_ins_code 
_struct_sheet_range.end_label_comp_id 
_struct_sheet_range.end_label_asym_id 
_struct_sheet_range.end_label_seq_id 
_struct_sheet_range.pdbx_end_PDB_ins_code 
_struct_sheet_range.beg_auth_comp_id 
_struct_sheet_range.beg_auth_asym_id 
_struct_sheet_range.beg_auth_seq_id 
_struct_sheet_range.end_auth_comp_id 
_struct_sheet_range.end_auth_asym_id 
_struct_sheet_range.end_auth_seq_id 
A 1 PHE A 2  ? ASN A 10 ? PHE A 1038 ASN A 1046 
A 2 HIS A 80 ? TYR A 88 ? HIS A 1116 TYR A 1124 
A 3 GLU A 51 ? ILE A 55 ? GLU A 1087 ILE A 1091 
A 4 THR A 58 ? LYS A 59 ? THR A 1094 LYS A 1095 
B 1 PHE A 21 ? ASP A 26 ? PHE A 1057 ASP A 1062 
B 2 GLY A 29 ? VAL A 35 ? GLY A 1065 VAL A 1071 
# 
loop_
_pdbx_struct_sheet_hbond.sheet_id 
_pdbx_struct_sheet_hbond.range_id_1 
_pdbx_struct_sheet_hbond.range_id_2 
_pdbx_struct_sheet_hbond.range_1_label_atom_id 
_pdbx_struct_sheet_hbond.range_1_label_comp_id 
_pdbx_struct_sheet_hbond.range_1_label_asym_id 
_pdbx_struct_sheet_hbond.range_1_label_seq_id 
_pdbx_struct_sheet_hbond.range_1_PDB_ins_code 
_pdbx_struct_sheet_hbond.range_1_auth_atom_id 
_pdbx_struct_sheet_hbond.range_1_auth_comp_id 
_pdbx_struct_sheet_hbond.range_1_auth_asym_id 
_pdbx_struct_sheet_hbond.range_1_auth_seq_id 
_pdbx_struct_sheet_hbond.range_2_label_atom_id 
_pdbx_struct_sheet_hbond.range_2_label_comp_id 
_pdbx_struct_sheet_hbond.range_2_label_asym_id 
_pdbx_struct_sheet_hbond.range_2_label_seq_id 
_pdbx_struct_sheet_hbond.range_2_PDB_ins_code 
_pdbx_struct_sheet_hbond.range_2_auth_atom_id 
_pdbx_struct_sheet_hbond.range_2_auth_comp_id 
_pdbx_struct_sheet_hbond.range_2_auth_asym_id 
_pdbx_struct_sheet_hbond.range_2_auth_seq_id 
A 1 2 N ILE A 7  ? N ILE A 1043 O MET A 83 ? O MET A 1119 
A 2 3 O ARG A 86 ? O ARG A 1122 N GLU A 51 ? N GLU A 1087 
A 3 4 N ILE A 55 ? N ILE A 1091 O THR A 58 ? O THR A 1094 
B 1 2 N LYS A 24 ? N LYS A 1060 O PHE A 31 ? O PHE A 1067 
# 
loop_
_struct_site.id 
_struct_site.pdbx_evidence_code 
_struct_site.pdbx_auth_asym_id 
_struct_site.pdbx_auth_comp_id 
_struct_site.pdbx_auth_seq_id 
_struct_site.pdbx_auth_ins_code 
_struct_site.pdbx_num_residues 
_struct_site.details 
AC1 Software A NI 2126 ? 6 'BINDING SITE FOR RESIDUE NI A 2126' 
AC2 Software A NI 2127 ? 7 'BINDING SITE FOR RESIDUE NI A 2127' 
# 
loop_
_struct_site_gen.id 
_struct_site_gen.site_id 
_struct_site_gen.pdbx_num_res 
_struct_site_gen.label_comp_id 
_struct_site_gen.label_asym_id 
_struct_site_gen.label_seq_id 
_struct_site_gen.pdbx_auth_ins_code 
_struct_site_gen.auth_comp_id 
_struct_site_gen.auth_asym_id 
_struct_site_gen.auth_seq_id 
_struct_site_gen.label_atom_id 
_struct_site_gen.label_alt_id 
_struct_site_gen.symmetry 
_struct_site_gen.details 
1  AC1 6 HOH D .  ? HOH A 123  . ? 1_555 ? 
2  AC1 6 HOH D .  ? HOH A 123  . ? 2_765 ? 
3  AC1 6 HOH D .  ? HOH A 124  . ? 2_765 ? 
4  AC1 6 HOH D .  ? HOH A 124  . ? 1_555 ? 
5  AC1 6 HIS A 80 ? HIS A 1116 . ? 2_765 ? 
6  AC1 6 HIS A 80 ? HIS A 1116 . ? 1_555 ? 
7  AC2 7 HOH D .  ? HOH A 125  . ? 1_555 ? 
8  AC2 7 HOH D .  ? HOH A 126  . ? 1_555 ? 
9  AC2 7 HOH D .  ? HOH A 134  . ? 1_555 ? 
10 AC2 7 HOH D .  ? HOH A 136  . ? 1_555 ? 
11 AC2 7 ASP A 49 ? ASP A 1085 . ? 1_555 ? 
12 AC2 7 ASP A 64 ? ASP A 1100 . ? 1_554 ? 
13 AC2 7 GLU A 67 ? GLU A 1103 . ? 1_554 ? 
# 
loop_
_pdbx_validate_close_contact.id 
_pdbx_validate_close_contact.PDB_model_num 
_pdbx_validate_close_contact.auth_atom_id_1 
_pdbx_validate_close_contact.auth_asym_id_1 
_pdbx_validate_close_contact.auth_comp_id_1 
_pdbx_validate_close_contact.auth_seq_id_1 
_pdbx_validate_close_contact.PDB_ins_code_1 
_pdbx_validate_close_contact.label_alt_id_1 
_pdbx_validate_close_contact.auth_atom_id_2 
_pdbx_validate_close_contact.auth_asym_id_2 
_pdbx_validate_close_contact.auth_comp_id_2 
_pdbx_validate_close_contact.auth_seq_id_2 
_pdbx_validate_close_contact.PDB_ins_code_2 
_pdbx_validate_close_contact.label_alt_id_2 
_pdbx_validate_close_contact.dist 
1 1 O   A HOH 78   ? ? O A HOH 100 ? ? 2.04 
2 1 O   A HOH 41   ? ? O A HOH 137 ? ? 2.07 
3 1 O   A HOH 118  ? ? O A HOH 130 ? ? 2.11 
4 1 OD2 A ASP 1054 ? ? O A HOH 29  ? ? 2.13 
5 1 O   A HOH 85   ? ? O A HOH 137 ? ? 2.19 
6 1 O   A HOH 62   ? ? O A HOH 112 ? ? 2.19 
# 
_pdbx_validate_symm_contact.id                1 
_pdbx_validate_symm_contact.PDB_model_num     1 
_pdbx_validate_symm_contact.auth_atom_id_1    O 
_pdbx_validate_symm_contact.auth_asym_id_1    A 
_pdbx_validate_symm_contact.auth_comp_id_1    HOH 
_pdbx_validate_symm_contact.auth_seq_id_1     76 
_pdbx_validate_symm_contact.PDB_ins_code_1    ? 
_pdbx_validate_symm_contact.label_alt_id_1    ? 
_pdbx_validate_symm_contact.site_symmetry_1   1_555 
_pdbx_validate_symm_contact.auth_atom_id_2    O 
_pdbx_validate_symm_contact.auth_asym_id_2    A 
_pdbx_validate_symm_contact.auth_comp_id_2    HOH 
_pdbx_validate_symm_contact.auth_seq_id_2     76 
_pdbx_validate_symm_contact.PDB_ins_code_2    ? 
_pdbx_validate_symm_contact.label_alt_id_2    ? 
_pdbx_validate_symm_contact.site_symmetry_2   2_765 
_pdbx_validate_symm_contact.dist              2.19 
# 
loop_
_pdbx_validate_rmsd_bond.id 
_pdbx_validate_rmsd_bond.PDB_model_num 
_pdbx_validate_rmsd_bond.auth_atom_id_1 
_pdbx_validate_rmsd_bond.auth_asym_id_1 
_pdbx_validate_rmsd_bond.auth_comp_id_1 
_pdbx_validate_rmsd_bond.auth_seq_id_1 
_pdbx_validate_rmsd_bond.PDB_ins_code_1 
_pdbx_validate_rmsd_bond.label_alt_id_1 
_pdbx_validate_rmsd_bond.auth_atom_id_2 
_pdbx_validate_rmsd_bond.auth_asym_id_2 
_pdbx_validate_rmsd_bond.auth_comp_id_2 
_pdbx_validate_rmsd_bond.auth_seq_id_2 
_pdbx_validate_rmsd_bond.PDB_ins_code_2 
_pdbx_validate_rmsd_bond.label_alt_id_2 
_pdbx_validate_rmsd_bond.bond_value 
_pdbx_validate_rmsd_bond.bond_target_value 
_pdbx_validate_rmsd_bond.bond_deviation 
_pdbx_validate_rmsd_bond.bond_standard_deviation 
_pdbx_validate_rmsd_bond.linker_flag 
1 1 SD A MET 1041 ? ? CE A MET 1041 ? ? 1.111 1.774 -0.663 0.056 N 
2 1 SD A MET 1108 ? ? CE A MET 1108 ? ? 1.186 1.774 -0.588 0.056 N 
# 
loop_
_pdbx_validate_torsion.id 
_pdbx_validate_torsion.PDB_model_num 
_pdbx_validate_torsion.auth_comp_id 
_pdbx_validate_torsion.auth_asym_id 
_pdbx_validate_torsion.auth_seq_id 
_pdbx_validate_torsion.PDB_ins_code 
_pdbx_validate_torsion.label_alt_id 
_pdbx_validate_torsion.phi 
_pdbx_validate_torsion.psi 
1 1 ASP A 1085 ? ? 80.58 -6.07   
2 1 ASN A 1092 ? ? 49.21 -124.89 
# 
_pdbx_SG_project.id                    1 
_pdbx_SG_project.project_name          'NPPSFA, National Project on Protein Structural and Functional Analyses' 
_pdbx_SG_project.full_name_of_center   'RIKEN Structural Genomics/Proteomics Initiative' 
_pdbx_SG_project.initial_of_center     RSGI 
# 
_pdbx_struct_special_symmetry.id              1 
_pdbx_struct_special_symmetry.PDB_model_num   1 
_pdbx_struct_special_symmetry.auth_asym_id    A 
_pdbx_struct_special_symmetry.auth_comp_id    NI 
_pdbx_struct_special_symmetry.auth_seq_id     2126 
_pdbx_struct_special_symmetry.PDB_ins_code    ? 
_pdbx_struct_special_symmetry.label_asym_id   B 
_pdbx_struct_special_symmetry.label_comp_id   NI 
_pdbx_struct_special_symmetry.label_seq_id    . 
# 
_pdbx_unobs_or_zero_occ_residues.id               1 
_pdbx_unobs_or_zero_occ_residues.PDB_model_num    1 
_pdbx_unobs_or_zero_occ_residues.polymer_flag     Y 
_pdbx_unobs_or_zero_occ_residues.occupancy_flag   1 
_pdbx_unobs_or_zero_occ_residues.auth_asym_id     A 
_pdbx_unobs_or_zero_occ_residues.auth_comp_id     LYS 
_pdbx_unobs_or_zero_occ_residues.auth_seq_id      1126 
_pdbx_unobs_or_zero_occ_residues.PDB_ins_code     ? 
_pdbx_unobs_or_zero_occ_residues.label_asym_id    A 
_pdbx_unobs_or_zero_occ_residues.label_comp_id    LYS 
_pdbx_unobs_or_zero_occ_residues.label_seq_id     90 
# 
loop_
_chem_comp_atom.comp_id 
_chem_comp_atom.atom_id 
_chem_comp_atom.type_symbol 
_chem_comp_atom.pdbx_aromatic_flag 
_chem_comp_atom.pdbx_stereo_config 
_chem_comp_atom.pdbx_ordinal 
ALA N    N  N N 1   
ALA CA   C  N S 2   
ALA C    C  N N 3   
ALA O    O  N N 4   
ALA CB   C  N N 5   
ALA OXT  O  N N 6   
ALA H    H  N N 7   
ALA H2   H  N N 8   
ALA HA   H  N N 9   
ALA HB1  H  N N 10  
ALA HB2  H  N N 11  
ALA HB3  H  N N 12  
ALA HXT  H  N N 13  
ARG N    N  N N 14  
ARG CA   C  N S 15  
ARG C    C  N N 16  
ARG O    O  N N 17  
ARG CB   C  N N 18  
ARG CG   C  N N 19  
ARG CD   C  N N 20  
ARG NE   N  N N 21  
ARG CZ   C  N N 22  
ARG NH1  N  N N 23  
ARG NH2  N  N N 24  
ARG OXT  O  N N 25  
ARG H    H  N N 26  
ARG H2   H  N N 27  
ARG HA   H  N N 28  
ARG HB2  H  N N 29  
ARG HB3  H  N N 30  
ARG HG2  H  N N 31  
ARG HG3  H  N N 32  
ARG HD2  H  N N 33  
ARG HD3  H  N N 34  
ARG HE   H  N N 35  
ARG HH11 H  N N 36  
ARG HH12 H  N N 37  
ARG HH21 H  N N 38  
ARG HH22 H  N N 39  
ARG HXT  H  N N 40  
ASN N    N  N N 41  
ASN CA   C  N S 42  
ASN C    C  N N 43  
ASN O    O  N N 44  
ASN CB   C  N N 45  
ASN CG   C  N N 46  
ASN OD1  O  N N 47  
ASN ND2  N  N N 48  
ASN OXT  O  N N 49  
ASN H    H  N N 50  
ASN H2   H  N N 51  
ASN HA   H  N N 52  
ASN HB2  H  N N 53  
ASN HB3  H  N N 54  
ASN HD21 H  N N 55  
ASN HD22 H  N N 56  
ASN HXT  H  N N 57  
ASP N    N  N N 58  
ASP CA   C  N S 59  
ASP C    C  N N 60  
ASP O    O  N N 61  
ASP CB   C  N N 62  
ASP CG   C  N N 63  
ASP OD1  O  N N 64  
ASP OD2  O  N N 65  
ASP OXT  O  N N 66  
ASP H    H  N N 67  
ASP H2   H  N N 68  
ASP HA   H  N N 69  
ASP HB2  H  N N 70  
ASP HB3  H  N N 71  
ASP HD2  H  N N 72  
ASP HXT  H  N N 73  
GLN N    N  N N 74  
GLN CA   C  N S 75  
GLN C    C  N N 76  
GLN O    O  N N 77  
GLN CB   C  N N 78  
GLN CG   C  N N 79  
GLN CD   C  N N 80  
GLN OE1  O  N N 81  
GLN NE2  N  N N 82  
GLN OXT  O  N N 83  
GLN H    H  N N 84  
GLN H2   H  N N 85  
GLN HA   H  N N 86  
GLN HB2  H  N N 87  
GLN HB3  H  N N 88  
GLN HG2  H  N N 89  
GLN HG3  H  N N 90  
GLN HE21 H  N N 91  
GLN HE22 H  N N 92  
GLN HXT  H  N N 93  
GLU N    N  N N 94  
GLU CA   C  N S 95  
GLU C    C  N N 96  
GLU O    O  N N 97  
GLU CB   C  N N 98  
GLU CG   C  N N 99  
GLU CD   C  N N 100 
GLU OE1  O  N N 101 
GLU OE2  O  N N 102 
GLU OXT  O  N N 103 
GLU H    H  N N 104 
GLU H2   H  N N 105 
GLU HA   H  N N 106 
GLU HB2  H  N N 107 
GLU HB3  H  N N 108 
GLU HG2  H  N N 109 
GLU HG3  H  N N 110 
GLU HE2  H  N N 111 
GLU HXT  H  N N 112 
GLY N    N  N N 113 
GLY CA   C  N N 114 
GLY C    C  N N 115 
GLY O    O  N N 116 
GLY OXT  O  N N 117 
GLY H    H  N N 118 
GLY H2   H  N N 119 
GLY HA2  H  N N 120 
GLY HA3  H  N N 121 
GLY HXT  H  N N 122 
HIS N    N  N N 123 
HIS CA   C  N S 124 
HIS C    C  N N 125 
HIS O    O  N N 126 
HIS CB   C  N N 127 
HIS CG   C  Y N 128 
HIS ND1  N  Y N 129 
HIS CD2  C  Y N 130 
HIS CE1  C  Y N 131 
HIS NE2  N  Y N 132 
HIS OXT  O  N N 133 
HIS H    H  N N 134 
HIS H2   H  N N 135 
HIS HA   H  N N 136 
HIS HB2  H  N N 137 
HIS HB3  H  N N 138 
HIS HD1  H  N N 139 
HIS HD2  H  N N 140 
HIS HE1  H  N N 141 
HIS HE2  H  N N 142 
HIS HXT  H  N N 143 
HOH O    O  N N 144 
HOH H1   H  N N 145 
HOH H2   H  N N 146 
ILE N    N  N N 147 
ILE CA   C  N S 148 
ILE C    C  N N 149 
ILE O    O  N N 150 
ILE CB   C  N S 151 
ILE CG1  C  N N 152 
ILE CG2  C  N N 153 
ILE CD1  C  N N 154 
ILE OXT  O  N N 155 
ILE H    H  N N 156 
ILE H2   H  N N 157 
ILE HA   H  N N 158 
ILE HB   H  N N 159 
ILE HG12 H  N N 160 
ILE HG13 H  N N 161 
ILE HG21 H  N N 162 
ILE HG22 H  N N 163 
ILE HG23 H  N N 164 
ILE HD11 H  N N 165 
ILE HD12 H  N N 166 
ILE HD13 H  N N 167 
ILE HXT  H  N N 168 
LEU N    N  N N 169 
LEU CA   C  N S 170 
LEU C    C  N N 171 
LEU O    O  N N 172 
LEU CB   C  N N 173 
LEU CG   C  N N 174 
LEU CD1  C  N N 175 
LEU CD2  C  N N 176 
LEU OXT  O  N N 177 
LEU H    H  N N 178 
LEU H2   H  N N 179 
LEU HA   H  N N 180 
LEU HB2  H  N N 181 
LEU HB3  H  N N 182 
LEU HG   H  N N 183 
LEU HD11 H  N N 184 
LEU HD12 H  N N 185 
LEU HD13 H  N N 186 
LEU HD21 H  N N 187 
LEU HD22 H  N N 188 
LEU HD23 H  N N 189 
LEU HXT  H  N N 190 
LYS N    N  N N 191 
LYS CA   C  N S 192 
LYS C    C  N N 193 
LYS O    O  N N 194 
LYS CB   C  N N 195 
LYS CG   C  N N 196 
LYS CD   C  N N 197 
LYS CE   C  N N 198 
LYS NZ   N  N N 199 
LYS OXT  O  N N 200 
LYS H    H  N N 201 
LYS H2   H  N N 202 
LYS HA   H  N N 203 
LYS HB2  H  N N 204 
LYS HB3  H  N N 205 
LYS HG2  H  N N 206 
LYS HG3  H  N N 207 
LYS HD2  H  N N 208 
LYS HD3  H  N N 209 
LYS HE2  H  N N 210 
LYS HE3  H  N N 211 
LYS HZ1  H  N N 212 
LYS HZ2  H  N N 213 
LYS HZ3  H  N N 214 
LYS HXT  H  N N 215 
MET N    N  N N 216 
MET CA   C  N S 217 
MET C    C  N N 218 
MET O    O  N N 219 
MET CB   C  N N 220 
MET CG   C  N N 221 
MET SD   S  N N 222 
MET CE   C  N N 223 
MET OXT  O  N N 224 
MET H    H  N N 225 
MET H2   H  N N 226 
MET HA   H  N N 227 
MET HB2  H  N N 228 
MET HB3  H  N N 229 
MET HG2  H  N N 230 
MET HG3  H  N N 231 
MET HE1  H  N N 232 
MET HE2  H  N N 233 
MET HE3  H  N N 234 
MET HXT  H  N N 235 
NI  NI   NI N N 236 
PHE N    N  N N 237 
PHE CA   C  N S 238 
PHE C    C  N N 239 
PHE O    O  N N 240 
PHE CB   C  N N 241 
PHE CG   C  Y N 242 
PHE CD1  C  Y N 243 
PHE CD2  C  Y N 244 
PHE CE1  C  Y N 245 
PHE CE2  C  Y N 246 
PHE CZ   C  Y N 247 
PHE OXT  O  N N 248 
PHE H    H  N N 249 
PHE H2   H  N N 250 
PHE HA   H  N N 251 
PHE HB2  H  N N 252 
PHE HB3  H  N N 253 
PHE HD1  H  N N 254 
PHE HD2  H  N N 255 
PHE HE1  H  N N 256 
PHE HE2  H  N N 257 
PHE HZ   H  N N 258 
PHE HXT  H  N N 259 
PRO N    N  N N 260 
PRO CA   C  N S 261 
PRO C    C  N N 262 
PRO O    O  N N 263 
PRO CB   C  N N 264 
PRO CG   C  N N 265 
PRO CD   C  N N 266 
PRO OXT  O  N N 267 
PRO H    H  N N 268 
PRO HA   H  N N 269 
PRO HB2  H  N N 270 
PRO HB3  H  N N 271 
PRO HG2  H  N N 272 
PRO HG3  H  N N 273 
PRO HD2  H  N N 274 
PRO HD3  H  N N 275 
PRO HXT  H  N N 276 
SER N    N  N N 277 
SER CA   C  N S 278 
SER C    C  N N 279 
SER O    O  N N 280 
SER CB   C  N N 281 
SER OG   O  N N 282 
SER OXT  O  N N 283 
SER H    H  N N 284 
SER H2   H  N N 285 
SER HA   H  N N 286 
SER HB2  H  N N 287 
SER HB3  H  N N 288 
SER HG   H  N N 289 
SER HXT  H  N N 290 
THR N    N  N N 291 
THR CA   C  N S 292 
THR C    C  N N 293 
THR O    O  N N 294 
THR CB   C  N R 295 
THR OG1  O  N N 296 
THR CG2  C  N N 297 
THR OXT  O  N N 298 
THR H    H  N N 299 
THR H2   H  N N 300 
THR HA   H  N N 301 
THR HB   H  N N 302 
THR HG1  H  N N 303 
THR HG21 H  N N 304 
THR HG22 H  N N 305 
THR HG23 H  N N 306 
THR HXT  H  N N 307 
TRP N    N  N N 308 
TRP CA   C  N S 309 
TRP C    C  N N 310 
TRP O    O  N N 311 
TRP CB   C  N N 312 
TRP CG   C  Y N 313 
TRP CD1  C  Y N 314 
TRP CD2  C  Y N 315 
TRP NE1  N  Y N 316 
TRP CE2  C  Y N 317 
TRP CE3  C  Y N 318 
TRP CZ2  C  Y N 319 
TRP CZ3  C  Y N 320 
TRP CH2  C  Y N 321 
TRP OXT  O  N N 322 
TRP H    H  N N 323 
TRP H2   H  N N 324 
TRP HA   H  N N 325 
TRP HB2  H  N N 326 
TRP HB3  H  N N 327 
TRP HD1  H  N N 328 
TRP HE1  H  N N 329 
TRP HE3  H  N N 330 
TRP HZ2  H  N N 331 
TRP HZ3  H  N N 332 
TRP HH2  H  N N 333 
TRP HXT  H  N N 334 
TYR N    N  N N 335 
TYR CA   C  N S 336 
TYR C    C  N N 337 
TYR O    O  N N 338 
TYR CB   C  N N 339 
TYR CG   C  Y N 340 
TYR CD1  C  Y N 341 
TYR CD2  C  Y N 342 
TYR CE1  C  Y N 343 
TYR CE2  C  Y N 344 
TYR CZ   C  Y N 345 
TYR OH   O  N N 346 
TYR OXT  O  N N 347 
TYR H    H  N N 348 
TYR H2   H  N N 349 
TYR HA   H  N N 350 
TYR HB2  H  N N 351 
TYR HB3  H  N N 352 
TYR HD1  H  N N 353 
TYR HD2  H  N N 354 
TYR HE1  H  N N 355 
TYR HE2  H  N N 356 
TYR HH   H  N N 357 
TYR HXT  H  N N 358 
VAL N    N  N N 359 
VAL CA   C  N S 360 
VAL C    C  N N 361 
VAL O    O  N N 362 
VAL CB   C  N N 363 
VAL CG1  C  N N 364 
VAL CG2  C  N N 365 
VAL OXT  O  N N 366 
VAL H    H  N N 367 
VAL H2   H  N N 368 
VAL HA   H  N N 369 
VAL HB   H  N N 370 
VAL HG11 H  N N 371 
VAL HG12 H  N N 372 
VAL HG13 H  N N 373 
VAL HG21 H  N N 374 
VAL HG22 H  N N 375 
VAL HG23 H  N N 376 
VAL HXT  H  N N 377 
# 
loop_
_chem_comp_bond.comp_id 
_chem_comp_bond.atom_id_1 
_chem_comp_bond.atom_id_2 
_chem_comp_bond.value_order 
_chem_comp_bond.pdbx_aromatic_flag 
_chem_comp_bond.pdbx_stereo_config 
_chem_comp_bond.pdbx_ordinal 
ALA N   CA   sing N N 1   
ALA N   H    sing N N 2   
ALA N   H2   sing N N 3   
ALA CA  C    sing N N 4   
ALA CA  CB   sing N N 5   
ALA CA  HA   sing N N 6   
ALA C   O    doub N N 7   
ALA C   OXT  sing N N 8   
ALA CB  HB1  sing N N 9   
ALA CB  HB2  sing N N 10  
ALA CB  HB3  sing N N 11  
ALA OXT HXT  sing N N 12  
ARG N   CA   sing N N 13  
ARG N   H    sing N N 14  
ARG N   H2   sing N N 15  
ARG CA  C    sing N N 16  
ARG CA  CB   sing N N 17  
ARG CA  HA   sing N N 18  
ARG C   O    doub N N 19  
ARG C   OXT  sing N N 20  
ARG CB  CG   sing N N 21  
ARG CB  HB2  sing N N 22  
ARG CB  HB3  sing N N 23  
ARG CG  CD   sing N N 24  
ARG CG  HG2  sing N N 25  
ARG CG  HG3  sing N N 26  
ARG CD  NE   sing N N 27  
ARG CD  HD2  sing N N 28  
ARG CD  HD3  sing N N 29  
ARG NE  CZ   sing N N 30  
ARG NE  HE   sing N N 31  
ARG CZ  NH1  sing N N 32  
ARG CZ  NH2  doub N N 33  
ARG NH1 HH11 sing N N 34  
ARG NH1 HH12 sing N N 35  
ARG NH2 HH21 sing N N 36  
ARG NH2 HH22 sing N N 37  
ARG OXT HXT  sing N N 38  
ASN N   CA   sing N N 39  
ASN N   H    sing N N 40  
ASN N   H2   sing N N 41  
ASN CA  C    sing N N 42  
ASN CA  CB   sing N N 43  
ASN CA  HA   sing N N 44  
ASN C   O    doub N N 45  
ASN C   OXT  sing N N 46  
ASN CB  CG   sing N N 47  
ASN CB  HB2  sing N N 48  
ASN CB  HB3  sing N N 49  
ASN CG  OD1  doub N N 50  
ASN CG  ND2  sing N N 51  
ASN ND2 HD21 sing N N 52  
ASN ND2 HD22 sing N N 53  
ASN OXT HXT  sing N N 54  
ASP N   CA   sing N N 55  
ASP N   H    sing N N 56  
ASP N   H2   sing N N 57  
ASP CA  C    sing N N 58  
ASP CA  CB   sing N N 59  
ASP CA  HA   sing N N 60  
ASP C   O    doub N N 61  
ASP C   OXT  sing N N 62  
ASP CB  CG   sing N N 63  
ASP CB  HB2  sing N N 64  
ASP CB  HB3  sing N N 65  
ASP CG  OD1  doub N N 66  
ASP CG  OD2  sing N N 67  
ASP OD2 HD2  sing N N 68  
ASP OXT HXT  sing N N 69  
GLN N   CA   sing N N 70  
GLN N   H    sing N N 71  
GLN N   H2   sing N N 72  
GLN CA  C    sing N N 73  
GLN CA  CB   sing N N 74  
GLN CA  HA   sing N N 75  
GLN C   O    doub N N 76  
GLN C   OXT  sing N N 77  
GLN CB  CG   sing N N 78  
GLN CB  HB2  sing N N 79  
GLN CB  HB3  sing N N 80  
GLN CG  CD   sing N N 81  
GLN CG  HG2  sing N N 82  
GLN CG  HG3  sing N N 83  
GLN CD  OE1  doub N N 84  
GLN CD  NE2  sing N N 85  
GLN NE2 HE21 sing N N 86  
GLN NE2 HE22 sing N N 87  
GLN OXT HXT  sing N N 88  
GLU N   CA   sing N N 89  
GLU N   H    sing N N 90  
GLU N   H2   sing N N 91  
GLU CA  C    sing N N 92  
GLU CA  CB   sing N N 93  
GLU CA  HA   sing N N 94  
GLU C   O    doub N N 95  
GLU C   OXT  sing N N 96  
GLU CB  CG   sing N N 97  
GLU CB  HB2  sing N N 98  
GLU CB  HB3  sing N N 99  
GLU CG  CD   sing N N 100 
GLU CG  HG2  sing N N 101 
GLU CG  HG3  sing N N 102 
GLU CD  OE1  doub N N 103 
GLU CD  OE2  sing N N 104 
GLU OE2 HE2  sing N N 105 
GLU OXT HXT  sing N N 106 
GLY N   CA   sing N N 107 
GLY N   H    sing N N 108 
GLY N   H2   sing N N 109 
GLY CA  C    sing N N 110 
GLY CA  HA2  sing N N 111 
GLY CA  HA3  sing N N 112 
GLY C   O    doub N N 113 
GLY C   OXT  sing N N 114 
GLY OXT HXT  sing N N 115 
HIS N   CA   sing N N 116 
HIS N   H    sing N N 117 
HIS N   H2   sing N N 118 
HIS CA  C    sing N N 119 
HIS CA  CB   sing N N 120 
HIS CA  HA   sing N N 121 
HIS C   O    doub N N 122 
HIS C   OXT  sing N N 123 
HIS CB  CG   sing N N 124 
HIS CB  HB2  sing N N 125 
HIS CB  HB3  sing N N 126 
HIS CG  ND1  sing Y N 127 
HIS CG  CD2  doub Y N 128 
HIS ND1 CE1  doub Y N 129 
HIS ND1 HD1  sing N N 130 
HIS CD2 NE2  sing Y N 131 
HIS CD2 HD2  sing N N 132 
HIS CE1 NE2  sing Y N 133 
HIS CE1 HE1  sing N N 134 
HIS NE2 HE2  sing N N 135 
HIS OXT HXT  sing N N 136 
HOH O   H1   sing N N 137 
HOH O   H2   sing N N 138 
ILE N   CA   sing N N 139 
ILE N   H    sing N N 140 
ILE N   H2   sing N N 141 
ILE CA  C    sing N N 142 
ILE CA  CB   sing N N 143 
ILE CA  HA   sing N N 144 
ILE C   O    doub N N 145 
ILE C   OXT  sing N N 146 
ILE CB  CG1  sing N N 147 
ILE CB  CG2  sing N N 148 
ILE CB  HB   sing N N 149 
ILE CG1 CD1  sing N N 150 
ILE CG1 HG12 sing N N 151 
ILE CG1 HG13 sing N N 152 
ILE CG2 HG21 sing N N 153 
ILE CG2 HG22 sing N N 154 
ILE CG2 HG23 sing N N 155 
ILE CD1 HD11 sing N N 156 
ILE CD1 HD12 sing N N 157 
ILE CD1 HD13 sing N N 158 
ILE OXT HXT  sing N N 159 
LEU N   CA   sing N N 160 
LEU N   H    sing N N 161 
LEU N   H2   sing N N 162 
LEU CA  C    sing N N 163 
LEU CA  CB   sing N N 164 
LEU CA  HA   sing N N 165 
LEU C   O    doub N N 166 
LEU C   OXT  sing N N 167 
LEU CB  CG   sing N N 168 
LEU CB  HB2  sing N N 169 
LEU CB  HB3  sing N N 170 
LEU CG  CD1  sing N N 171 
LEU CG  CD2  sing N N 172 
LEU CG  HG   sing N N 173 
LEU CD1 HD11 sing N N 174 
LEU CD1 HD12 sing N N 175 
LEU CD1 HD13 sing N N 176 
LEU CD2 HD21 sing N N 177 
LEU CD2 HD22 sing N N 178 
LEU CD2 HD23 sing N N 179 
LEU OXT HXT  sing N N 180 
LYS N   CA   sing N N 181 
LYS N   H    sing N N 182 
LYS N   H2   sing N N 183 
LYS CA  C    sing N N 184 
LYS CA  CB   sing N N 185 
LYS CA  HA   sing N N 186 
LYS C   O    doub N N 187 
LYS C   OXT  sing N N 188 
LYS CB  CG   sing N N 189 
LYS CB  HB2  sing N N 190 
LYS CB  HB3  sing N N 191 
LYS CG  CD   sing N N 192 
LYS CG  HG2  sing N N 193 
LYS CG  HG3  sing N N 194 
LYS CD  CE   sing N N 195 
LYS CD  HD2  sing N N 196 
LYS CD  HD3  sing N N 197 
LYS CE  NZ   sing N N 198 
LYS CE  HE2  sing N N 199 
LYS CE  HE3  sing N N 200 
LYS NZ  HZ1  sing N N 201 
LYS NZ  HZ2  sing N N 202 
LYS NZ  HZ3  sing N N 203 
LYS OXT HXT  sing N N 204 
MET N   CA   sing N N 205 
MET N   H    sing N N 206 
MET N   H2   sing N N 207 
MET CA  C    sing N N 208 
MET CA  CB   sing N N 209 
MET CA  HA   sing N N 210 
MET C   O    doub N N 211 
MET C   OXT  sing N N 212 
MET CB  CG   sing N N 213 
MET CB  HB2  sing N N 214 
MET CB  HB3  sing N N 215 
MET CG  SD   sing N N 216 
MET CG  HG2  sing N N 217 
MET CG  HG3  sing N N 218 
MET SD  CE   sing N N 219 
MET CE  HE1  sing N N 220 
MET CE  HE2  sing N N 221 
MET CE  HE3  sing N N 222 
MET OXT HXT  sing N N 223 
PHE N   CA   sing N N 224 
PHE N   H    sing N N 225 
PHE N   H2   sing N N 226 
PHE CA  C    sing N N 227 
PHE CA  CB   sing N N 228 
PHE CA  HA   sing N N 229 
PHE C   O    doub N N 230 
PHE C   OXT  sing N N 231 
PHE CB  CG   sing N N 232 
PHE CB  HB2  sing N N 233 
PHE CB  HB3  sing N N 234 
PHE CG  CD1  doub Y N 235 
PHE CG  CD2  sing Y N 236 
PHE CD1 CE1  sing Y N 237 
PHE CD1 HD1  sing N N 238 
PHE CD2 CE2  doub Y N 239 
PHE CD2 HD2  sing N N 240 
PHE CE1 CZ   doub Y N 241 
PHE CE1 HE1  sing N N 242 
PHE CE2 CZ   sing Y N 243 
PHE CE2 HE2  sing N N 244 
PHE CZ  HZ   sing N N 245 
PHE OXT HXT  sing N N 246 
PRO N   CA   sing N N 247 
PRO N   CD   sing N N 248 
PRO N   H    sing N N 249 
PRO CA  C    sing N N 250 
PRO CA  CB   sing N N 251 
PRO CA  HA   sing N N 252 
PRO C   O    doub N N 253 
PRO C   OXT  sing N N 254 
PRO CB  CG   sing N N 255 
PRO CB  HB2  sing N N 256 
PRO CB  HB3  sing N N 257 
PRO CG  CD   sing N N 258 
PRO CG  HG2  sing N N 259 
PRO CG  HG3  sing N N 260 
PRO CD  HD2  sing N N 261 
PRO CD  HD3  sing N N 262 
PRO OXT HXT  sing N N 263 
SER N   CA   sing N N 264 
SER N   H    sing N N 265 
SER N   H2   sing N N 266 
SER CA  C    sing N N 267 
SER CA  CB   sing N N 268 
SER CA  HA   sing N N 269 
SER C   O    doub N N 270 
SER C   OXT  sing N N 271 
SER CB  OG   sing N N 272 
SER CB  HB2  sing N N 273 
SER CB  HB3  sing N N 274 
SER OG  HG   sing N N 275 
SER OXT HXT  sing N N 276 
THR N   CA   sing N N 277 
THR N   H    sing N N 278 
THR N   H2   sing N N 279 
THR CA  C    sing N N 280 
THR CA  CB   sing N N 281 
THR CA  HA   sing N N 282 
THR C   O    doub N N 283 
THR C   OXT  sing N N 284 
THR CB  OG1  sing N N 285 
THR CB  CG2  sing N N 286 
THR CB  HB   sing N N 287 
THR OG1 HG1  sing N N 288 
THR CG2 HG21 sing N N 289 
THR CG2 HG22 sing N N 290 
THR CG2 HG23 sing N N 291 
THR OXT HXT  sing N N 292 
TRP N   CA   sing N N 293 
TRP N   H    sing N N 294 
TRP N   H2   sing N N 295 
TRP CA  C    sing N N 296 
TRP CA  CB   sing N N 297 
TRP CA  HA   sing N N 298 
TRP C   O    doub N N 299 
TRP C   OXT  sing N N 300 
TRP CB  CG   sing N N 301 
TRP CB  HB2  sing N N 302 
TRP CB  HB3  sing N N 303 
TRP CG  CD1  doub Y N 304 
TRP CG  CD2  sing Y N 305 
TRP CD1 NE1  sing Y N 306 
TRP CD1 HD1  sing N N 307 
TRP CD2 CE2  doub Y N 308 
TRP CD2 CE3  sing Y N 309 
TRP NE1 CE2  sing Y N 310 
TRP NE1 HE1  sing N N 311 
TRP CE2 CZ2  sing Y N 312 
TRP CE3 CZ3  doub Y N 313 
TRP CE3 HE3  sing N N 314 
TRP CZ2 CH2  doub Y N 315 
TRP CZ2 HZ2  sing N N 316 
TRP CZ3 CH2  sing Y N 317 
TRP CZ3 HZ3  sing N N 318 
TRP CH2 HH2  sing N N 319 
TRP OXT HXT  sing N N 320 
TYR N   CA   sing N N 321 
TYR N   H    sing N N 322 
TYR N   H2   sing N N 323 
TYR CA  C    sing N N 324 
TYR CA  CB   sing N N 325 
TYR CA  HA   sing N N 326 
TYR C   O    doub N N 327 
TYR C   OXT  sing N N 328 
TYR CB  CG   sing N N 329 
TYR CB  HB2  sing N N 330 
TYR CB  HB3  sing N N 331 
TYR CG  CD1  doub Y N 332 
TYR CG  CD2  sing Y N 333 
TYR CD1 CE1  sing Y N 334 
TYR CD1 HD1  sing N N 335 
TYR CD2 CE2  doub Y N 336 
TYR CD2 HD2  sing N N 337 
TYR CE1 CZ   doub Y N 338 
TYR CE1 HE1  sing N N 339 
TYR CE2 CZ   sing Y N 340 
TYR CE2 HE2  sing N N 341 
TYR CZ  OH   sing N N 342 
TYR OH  HH   sing N N 343 
TYR OXT HXT  sing N N 344 
VAL N   CA   sing N N 345 
VAL N   H    sing N N 346 
VAL N   H2   sing N N 347 
VAL CA  C    sing N N 348 
VAL CA  CB   sing N N 349 
VAL CA  HA   sing N N 350 
VAL C   O    doub N N 351 
VAL C   OXT  sing N N 352 
VAL CB  CG1  sing N N 353 
VAL CB  CG2  sing N N 354 
VAL CB  HB   sing N N 355 
VAL CG1 HG11 sing N N 356 
VAL CG1 HG12 sing N N 357 
VAL CG1 HG13 sing N N 358 
VAL CG2 HG21 sing N N 359 
VAL CG2 HG22 sing N N 360 
VAL CG2 HG23 sing N N 361 
VAL OXT HXT  sing N N 362 
# 
_atom_sites.entry_id                    2EAQ 
_atom_sites.fract_transf_matrix[1][1]   0.00110806 
_atom_sites.fract_transf_matrix[1][2]   0.00875199 
_atom_sites.fract_transf_matrix[1][3]   -0.02094713 
_atom_sites.fract_transf_matrix[2][1]   0.00309043 
_atom_sites.fract_transf_matrix[2][2]   -0.01483412 
_atom_sites.fract_transf_matrix[2][3]   -0.00603442 
_atom_sites.fract_transf_matrix[3][1]   -0.03511105 
_atom_sites.fract_transf_matrix[3][2]   -0.00560636 
_atom_sites.fract_transf_matrix[3][3]   -0.00419971 
_atom_sites.fract_transf_vector[1]      0.836150 
_atom_sites.fract_transf_vector[2]      0.298564 
_atom_sites.fract_transf_vector[3]      0.106249 
# 
loop_
_atom_type.symbol 
C  
N  
NI 
O  
S  
# 
loop_
_atom_site.group_PDB 
_atom_site.id 
_atom_site.type_symbol 
_atom_site.label_atom_id 
_atom_site.label_alt_id 
_atom_site.label_comp_id 
_atom_site.label_asym_id 
_atom_site.label_entity_id 
_atom_site.label_seq_id 
_atom_site.pdbx_PDB_ins_code 
_atom_site.Cartn_x 
_atom_site.Cartn_y 
_atom_site.Cartn_z 
_atom_site.occupancy 
_atom_site.B_iso_or_equiv 
_atom_site.pdbx_formal_charge 
_atom_site.auth_seq_id 
_atom_site.auth_comp_id 
_atom_site.auth_asym_id 
_atom_site.auth_atom_id 
_atom_site.pdbx_PDB_model_num 
ATOM   1   N  N   . GLN A 1 1  ? 6.419   20.526  -1.482  1.00 37.36 ? 1037 GLN A N   1 
ATOM   2   C  CA  . GLN A 1 1  ? 7.596   19.606  -1.433  1.00 35.54 ? 1037 GLN A CA  1 
ATOM   3   C  C   . GLN A 1 1  ? 7.117   18.146  -1.537  1.00 33.74 ? 1037 GLN A C   1 
ATOM   4   O  O   . GLN A 1 1  ? 7.925   17.238  -1.764  1.00 35.45 ? 1037 GLN A O   1 
ATOM   5   C  CB  . GLN A 1 1  ? 8.357   19.844  -0.131  1.00 39.50 ? 1037 GLN A CB  1 
ATOM   6   C  CG  . GLN A 1 1  ? 9.871   19.715  -0.219  1.00 41.77 ? 1037 GLN A CG  1 
ATOM   7   C  CD  . GLN A 1 1  ? 10.566  20.275  1.023   1.00 44.21 ? 1037 GLN A CD  1 
ATOM   8   O  OE1 . GLN A 1 1  ? 10.172  19.977  2.155   1.00 45.20 ? 1037 GLN A OE1 1 
ATOM   9   N  NE2 . GLN A 1 1  ? 11.607  21.083  0.816   1.00 45.92 ? 1037 GLN A NE2 1 
ATOM   10  N  N   . PHE A 1 2  ? 5.814   17.902  -1.383  1.00 29.41 ? 1038 PHE A N   1 
ATOM   11  C  CA  . PHE A 1 2  ? 5.360   16.526  -1.529  1.00 24.24 ? 1038 PHE A CA  1 
ATOM   12  C  C   . PHE A 1 2  ? 4.743   16.360  -2.903  1.00 22.28 ? 1038 PHE A C   1 
ATOM   13  O  O   . PHE A 1 2  ? 4.235   17.326  -3.476  1.00 20.07 ? 1038 PHE A O   1 
ATOM   14  C  CB  . PHE A 1 2  ? 4.343   16.145  -0.459  1.00 26.88 ? 1038 PHE A CB  1 
ATOM   15  C  CG  . PHE A 1 2  ? 2.919   16.512  -0.780  1.00 30.64 ? 1038 PHE A CG  1 
ATOM   16  C  CD1 . PHE A 1 2  ? 2.221   17.376  0.054   1.00 32.49 ? 1038 PHE A CD1 1 
ATOM   17  C  CD2 . PHE A 1 2  ? 2.238   15.928  -1.868  1.00 32.77 ? 1038 PHE A CD2 1 
ATOM   18  C  CE1 . PHE A 1 2  ? 0.866   17.659  -0.178  1.00 33.97 ? 1038 PHE A CE1 1 
ATOM   19  C  CE2 . PHE A 1 2  ? 0.882   16.199  -2.113  1.00 32.27 ? 1038 PHE A CE2 1 
ATOM   20  C  CZ  . PHE A 1 2  ? 0.198   17.060  -1.276  1.00 33.62 ? 1038 PHE A CZ  1 
ATOM   21  N  N   . SER A 1 3  ? 4.821   15.140  -3.433  1.00 15.89 ? 1039 SER A N   1 
ATOM   22  C  CA  . SER A 1 3  ? 4.238   14.799  -4.720  1.00 15.25 ? 1039 SER A CA  1 
ATOM   23  C  C   . SER A 1 3  ? 3.274   13.666  -4.534  1.00 14.90 ? 1039 SER A C   1 
ATOM   24  O  O   . SER A 1 3  ? 3.559   12.747  -3.761  1.00 15.23 ? 1039 SER A O   1 
ATOM   25  C  CB  . SER A 1 3  ? 5.304   14.335  -5.683  1.00 19.10 ? 1039 SER A CB  1 
ATOM   26  O  OG  . SER A 1 3  ? 6.275   15.355  -5.828  1.00 23.45 ? 1039 SER A OG  1 
ATOM   27  N  N   . ASP A 1 4  ? 2.128   13.750  -5.174  1.00 13.37 ? 1040 ASP A N   1 
ATOM   28  C  CA  . ASP A 1 4  ? 1.130   12.709  -5.162  1.00 10.21 ? 1040 ASP A CA  1 
ATOM   29  C  C   . ASP A 1 4  ? 1.432   11.842  -6.351  1.00 10.80 ? 1040 ASP A C   1 
ATOM   30  O  O   . ASP A 1 4  ? 1.810   12.367  -7.410  1.00 11.60 ? 1040 ASP A O   1 
ATOM   31  C  CB  . ASP A 1 4  ? -0.296  13.244  -5.311  1.00 13.94 ? 1040 ASP A CB  1 
ATOM   32  C  CG  . ASP A 1 4  ? -0.810  13.837  -4.037  1.00 19.38 ? 1040 ASP A CG  1 
ATOM   33  O  OD1 . ASP A 1 4  ? -0.326  13.397  -2.990  1.00 22.52 ? 1040 ASP A OD1 1 
ATOM   34  O  OD2 . ASP A 1 4  ? -1.676  14.730  -4.069  1.00 22.54 ? 1040 ASP A OD2 1 
ATOM   35  N  N   . MET A 1 5  ? 1.294   10.527  -6.195  1.00 10.11 ? 1041 MET A N   1 
ATOM   36  C  CA  . MET A 1 5  ? 1.552   9.616   -7.313  1.00 9.14  ? 1041 MET A CA  1 
ATOM   37  C  C   . MET A 1 5  ? 0.764   8.334   -7.135  1.00 8.32  ? 1041 MET A C   1 
ATOM   38  O  O   . MET A 1 5  ? 0.214   8.074   -6.048  1.00 8.94  ? 1041 MET A O   1 
ATOM   39  C  CB  . MET A 1 5  ? 3.012   9.328   -7.444  1.00 11.47 ? 1041 MET A CB  1 
ATOM   40  C  CG  . MET A 1 5  ? 3.594   8.691   -6.193  1.00 14.25 ? 1041 MET A CG  1 
ATOM   41  S  SD  . MET A 1 5  ? 5.441   8.525   -5.879  1.00 13.46 ? 1041 MET A SD  1 
ATOM   42  C  CE  . MET A 1 5  ? 5.864   9.376   -6.455  1.00 11.39 ? 1041 MET A CE  1 
ATOM   43  N  N   . ARG A 1 6  ? 0.664   7.558   -8.208  1.00 6.59  ? 1042 ARG A N   1 
ATOM   44  C  CA  . ARG A 1 6  ? -0.089  6.313   -8.218  1.00 5.90  ? 1042 ARG A CA  1 
ATOM   45  C  C   . ARG A 1 6  ? 0.907   5.214   -8.482  1.00 7.31  ? 1042 ARG A C   1 
ATOM   46  O  O   . ARG A 1 6  ? 1.746   5.368   -9.381  1.00 11.31 ? 1042 ARG A O   1 
ATOM   47  C  CB  . ARG A 1 6  ? -1.172  6.371   -9.316  1.00 8.38  ? 1042 ARG A CB  1 
ATOM   48  C  CG  . ARG A 1 6  ? -2.111  5.216   -9.401  1.00 9.75  ? 1042 ARG A CG  1 
ATOM   49  C  CD  . ARG A 1 6  ? -3.336  5.723   -10.187 1.00 11.32 ? 1042 ARG A CD  1 
ATOM   50  N  NE  . ARG A 1 6  ? -4.188  6.508   -9.268  1.00 13.06 ? 1042 ARG A NE  1 
ATOM   51  C  CZ  . ARG A 1 6  ? -5.242  7.252   -9.630  1.00 14.78 ? 1042 ARG A CZ  1 
ATOM   52  N  NH1 . ARG A 1 6  ? -5.598  7.355   -10.917 1.00 16.05 ? 1042 ARG A NH1 1 
ATOM   53  N  NH2 . ARG A 1 6  ? -5.971  7.881   -8.704  1.00 16.53 ? 1042 ARG A NH2 1 
ATOM   54  N  N   . ILE A 1 7  ? 0.906   4.131   -7.714  1.00 5.84  ? 1043 ILE A N   1 
ATOM   55  C  CA  . ILE A 1 7  ? 1.873   3.056   -7.916  1.00 5.99  ? 1043 ILE A CA  1 
ATOM   56  C  C   . ILE A 1 7  ? 1.131   1.746   -8.108  1.00 5.47  ? 1043 ILE A C   1 
ATOM   57  O  O   . ILE A 1 7  ? 0.317   1.370   -7.266  1.00 7.36  ? 1043 ILE A O   1 
ATOM   58  C  CB  . ILE A 1 7  ? 2.799   2.965   -6.716  1.00 5.29  ? 1043 ILE A CB  1 
ATOM   59  C  CG1 . ILE A 1 7  ? 3.537   4.298   -6.519  1.00 7.55  ? 1043 ILE A CG1 1 
ATOM   60  C  CG2 . ILE A 1 7  ? 3.810   1.785   -6.900  1.00 7.68  ? 1043 ILE A CG2 1 
ATOM   61  C  CD1 . ILE A 1 7  ? 4.562   4.276   -5.317  1.00 8.59  ? 1043 ILE A CD1 1 
ATOM   62  N  N   . SER A 1 8  ? 1.383   1.052   -9.210  1.00 4.83  ? 1044 SER A N   1 
ATOM   63  C  CA  . SER A 1 8  ? 0.718   -0.203  -9.495  1.00 6.13  ? 1044 SER A CA  1 
ATOM   64  C  C   . SER A 1 8  ? 1.607   -1.366  -9.111  1.00 6.67  ? 1044 SER A C   1 
ATOM   65  O  O   . SER A 1 8  ? 2.763   -1.410  -9.495  1.00 7.12  ? 1044 SER A O   1 
ATOM   66  C  CB  . SER A 1 8  ? 0.420   -0.253  -10.984 1.00 8.24  ? 1044 SER A CB  1 
ATOM   67  O  OG  . SER A 1 8  ? -0.422  -1.438  -11.194 1.00 11.08 ? 1044 SER A OG  1 
ATOM   68  N  N   . ILE A 1 9  ? 1.056   -2.260  -8.297  1.00 5.34  ? 1045 ILE A N   1 
ATOM   69  C  CA  . ILE A 1 9  ? 1.787   -3.449  -7.776  1.00 6.78  ? 1045 ILE A CA  1 
ATOM   70  C  C   . ILE A 1 9  ? 0.917   -4.643  -8.148  1.00 6.27  ? 1045 ILE A C   1 
ATOM   71  O  O   . ILE A 1 9  ? -0.303  -4.586  -8.018  1.00 6.02  ? 1045 ILE A O   1 
ATOM   72  C  CB  . ILE A 1 9  ? 2.017   -3.375  -6.219  1.00 5.76  ? 1045 ILE A CB  1 
ATOM   73  C  CG1 . ILE A 1 9  ? 2.495   -1.959  -5.876  1.00 6.10  ? 1045 ILE A CG1 1 
ATOM   74  C  CG2 . ILE A 1 9  ? 3.015   -4.445  -5.804  1.00 7.22  ? 1045 ILE A CG2 1 
ATOM   75  C  CD1 . ILE A 1 9  ? 2.797   -1.765  -4.396  1.00 9.39  ? 1045 ILE A CD1 1 
ATOM   76  N  N   . ASN A 1 10 ? 1.527   -5.716  -8.632  1.00 4.83  ? 1046 ASN A N   1 
ATOM   77  C  CA  . ASN A 1 10 ? 0.762   -6.891  -9.108  1.00 5.37  ? 1046 ASN A CA  1 
ATOM   78  C  C   . ASN A 1 10 ? 1.448   -8.173  -8.783  1.00 6.24  ? 1046 ASN A C   1 
ATOM   79  O  O   . ASN A 1 10 ? 2.683   -8.235  -8.863  1.00 9.27  ? 1046 ASN A O   1 
ATOM   80  C  CB  . ASN A 1 10 ? 0.598   -6.839  -10.633 1.00 5.54  ? 1046 ASN A CB  1 
ATOM   81  C  CG  . ASN A 1 10 ? -0.113  -5.593  -11.087 1.00 5.07  ? 1046 ASN A CG  1 
ATOM   82  O  OD1 . ASN A 1 10 ? -1.339  -5.535  -11.102 1.00 6.01  ? 1046 ASN A OD1 1 
ATOM   83  N  ND2 . ASN A 1 10 ? 0.644   -4.568  -11.423 1.00 5.90  ? 1046 ASN A ND2 1 
ATOM   84  N  N   . GLN A 1 11 ? 0.688   -9.202  -8.387  1.00 5.71  ? 1047 GLN A N   1 
ATOM   85  C  CA  . GLN A 1 11 ? 1.274   -10.524 -8.162  1.00 7.18  ? 1047 GLN A CA  1 
ATOM   86  C  C   . GLN A 1 11 ? 0.192   -11.551 -8.432  1.00 6.63  ? 1047 GLN A C   1 
ATOM   87  O  O   . GLN A 1 11 ? -0.931  -11.180 -8.759  1.00 5.72  ? 1047 GLN A O   1 
ATOM   88  C  CB  . GLN A 1 11 ? 1.881   -10.624 -6.739  1.00 7.33  ? 1047 GLN A CB  1 
ATOM   89  C  CG  . GLN A 1 11 ? 0.842   -10.523 -5.631  1.00 7.40  ? 1047 GLN A CG  1 
ATOM   90  C  CD  . GLN A 1 11 ? 1.401   -10.655 -4.271  1.00 7.49  ? 1047 GLN A CD  1 
ATOM   91  O  OE1 . GLN A 1 11 ? 0.672   -11.129 -3.373  1.00 12.31 ? 1047 GLN A OE1 1 
ATOM   92  N  NE2 . GLN A 1 11 ? 2.610   -10.329 -4.088  1.00 7.14  ? 1047 GLN A NE2 1 
ATOM   93  N  N   . THR A 1 12 ? 0.542   -12.824 -8.360  1.00 7.23  ? 1048 THR A N   1 
ATOM   94  C  CA  . THR A 1 12 ? -0.458  -13.856 -8.684  1.00 6.06  ? 1048 THR A CA  1 
ATOM   95  C  C   . THR A 1 12 ? -1.671  -13.783 -7.794  1.00 8.46  ? 1048 THR A C   1 
ATOM   96  O  O   . THR A 1 12 ? -1.531  -13.614 -6.580  1.00 7.58  ? 1048 THR A O   1 
ATOM   97  C  CB  . THR A 1 12 ? 0.172   -15.198 -8.483  1.00 7.80  ? 1048 THR A CB  1 
ATOM   98  O  OG1 . THR A 1 12 ? 1.362   -15.232 -9.274  1.00 7.93  ? 1048 THR A OG1 1 
ATOM   99  C  CG2 . THR A 1 12 ? -0.730  -16.295 -9.051  1.00 12.19 ? 1048 THR A CG2 1 
ATOM   100 N  N   . PRO A 1 13 ? -2.856  -13.880 -8.364  1.00 9.14  ? 1049 PRO A N   1 
ATOM   101 C  CA  . PRO A 1 13 ? -4.065  -13.831 -7.519  1.00 9.39  ? 1049 PRO A CA  1 
ATOM   102 C  C   . PRO A 1 13 ? -4.049  -15.000 -6.532  1.00 13.17 ? 1049 PRO A C   1 
ATOM   103 O  O   . PRO A 1 13 ? -3.644  -16.129 -6.894  1.00 12.96 ? 1049 PRO A O   1 
ATOM   104 C  CB  . PRO A 1 13 ? -5.218  -14.018 -8.527  1.00 8.84  ? 1049 PRO A CB  1 
ATOM   105 C  CG  . PRO A 1 13 ? -4.635  -13.460 -9.861  1.00 10.54 ? 1049 PRO A CG  1 
ATOM   106 C  CD  . PRO A 1 13 ? -3.165  -13.889 -9.806  1.00 6.49  ? 1049 PRO A CD  1 
ATOM   107 N  N   . GLY A 1 14 ? -4.464  -14.686 -5.296  1.00 14.85 ? 1050 GLY A N   1 
ATOM   108 C  CA  . GLY A 1 14 ? -4.514  -15.672 -4.225  1.00 15.09 ? 1050 GLY A CA  1 
ATOM   109 C  C   . GLY A 1 14 ? -3.175  -16.219 -3.754  1.00 14.57 ? 1050 GLY A C   1 
ATOM   110 O  O   . GLY A 1 14 ? -3.151  -17.336 -3.217  1.00 17.65 ? 1050 GLY A O   1 
ATOM   111 N  N   . LYS A 1 15 ? -2.082  -15.492 -3.979  1.00 15.30 ? 1051 LYS A N   1 
ATOM   112 C  CA  . LYS A 1 15 ? -0.737  -15.904 -3.557  1.00 15.26 ? 1051 LYS A CA  1 
ATOM   113 C  C   . LYS A 1 15 ? -0.663  -15.976 -2.087  1.00 14.86 ? 1051 LYS A C   1 
ATOM   114 O  O   . LYS A 1 15 ? -1.342  -15.201 -1.375  1.00 15.80 ? 1051 LYS A O   1 
ATOM   115 C  CB  . LYS A 1 15 ? 0.303   -14.880 -4.074  1.00 14.49 ? 1051 LYS A CB  1 
ATOM   116 C  CG  . LYS A 1 15 ? 1.735   -15.406 -4.292  1.00 12.42 ? 1051 LYS A CG  1 
ATOM   117 C  CD  . LYS A 1 15 ? 2.650   -14.231 -4.750  1.00 10.98 ? 1051 LYS A CD  1 
ATOM   118 C  CE  . LYS A 1 15 ? 4.068   -14.746 -5.039  1.00 9.37  ? 1051 LYS A CE  1 
ATOM   119 N  NZ  . LYS A 1 15 ? 4.876   -13.637 -5.607  1.00 11.35 ? 1051 LYS A NZ  1 
ATOM   120 N  N   . SER A 1 16 ? 0.165   -16.901 -1.596  1.00 14.59 ? 1052 SER A N   1 
ATOM   121 C  CA  . SER A 1 16 ? 0.363   -17.049 -0.173  1.00 13.93 ? 1052 SER A CA  1 
ATOM   122 C  C   . SER A 1 16 ? 1.321   -16.004 0.447   1.00 15.49 ? 1052 SER A C   1 
ATOM   123 O  O   . SER A 1 16 ? 1.383   -15.877 1.681   1.00 21.15 ? 1052 SER A O   1 
ATOM   124 C  CB  . SER A 1 16 ? 0.863   -18.464 0.138   1.00 18.26 ? 1052 SER A CB  1 
ATOM   125 O  OG  . SER A 1 16 ? 2.190   -18.602 -0.310  1.00 23.74 ? 1052 SER A OG  1 
ATOM   126 N  N   . LEU A 1 17 ? 2.050   -15.263 -0.391  1.00 13.83 ? 1053 LEU A N   1 
ATOM   127 C  CA  . LEU A 1 17 ? 2.959   -14.226 0.084   1.00 12.11 ? 1053 LEU A CA  1 
ATOM   128 C  C   . LEU A 1 17 ? 2.288   -12.858 -0.060  1.00 11.62 ? 1053 LEU A C   1 
ATOM   129 O  O   . LEU A 1 17 ? 1.479   -12.672 -0.979  1.00 12.49 ? 1053 LEU A O   1 
ATOM   130 C  CB  . LEU A 1 17 ? 4.222   -14.237 -0.763  1.00 14.21 ? 1053 LEU A CB  1 
ATOM   131 C  CG  . LEU A 1 17 ? 5.016   -15.542 -0.887  1.00 15.36 ? 1053 LEU A CG  1 
ATOM   132 C  CD1 . LEU A 1 17 ? 6.242   -15.300 -1.751  1.00 16.42 ? 1053 LEU A CD1 1 
ATOM   133 C  CD2 . LEU A 1 17 ? 5.415   -15.998 0.502   1.00 16.51 ? 1053 LEU A CD2 1 
ATOM   134 N  N   . ASP A 1 18 ? 2.602   -11.920 0.824   1.00 11.69 ? 1054 ASP A N   1 
ATOM   135 C  CA  . ASP A 1 18 ? 2.051   -10.566 0.672   1.00 11.91 ? 1054 ASP A CA  1 
ATOM   136 C  C   . ASP A 1 18 ? 2.880   -9.811  -0.377  1.00 11.03 ? 1054 ASP A C   1 
ATOM   137 O  O   . ASP A 1 18 ? 3.824   -10.329 -0.947  1.00 10.85 ? 1054 ASP A O   1 
ATOM   138 C  CB  . ASP A 1 18 ? 2.031   -9.786  1.975   1.00 16.68 ? 1054 ASP A CB  1 
ATOM   139 C  CG  . ASP A 1 18 ? 3.385   -9.698  2.613   1.00 18.76 ? 1054 ASP A CG  1 
ATOM   140 O  OD1 . ASP A 1 18 ? 4.358   -9.221  1.992   1.00 24.43 ? 1054 ASP A OD1 1 
ATOM   141 O  OD2 . ASP A 1 18 ? 3.509   -10.143 3.796   1.00 24.90 ? 1054 ASP A OD2 1 
ATOM   142 N  N   . PHE A 1 19 ? 2.489   -8.576  -0.630  1.00 9.12  ? 1055 PHE A N   1 
ATOM   143 C  CA  . PHE A 1 19 ? 3.130   -7.775  -1.674  1.00 7.00  ? 1055 PHE A CA  1 
ATOM   144 C  C   . PHE A 1 19 ? 4.538   -7.307  -1.388  1.00 7.12  ? 1055 PHE A C   1 
ATOM   145 O  O   . PHE A 1 19 ? 5.216   -6.847  -2.299  1.00 8.44  ? 1055 PHE A O   1 
ATOM   146 C  CB  . PHE A 1 19 ? 2.281   -6.553  -2.013  1.00 5.37  ? 1055 PHE A CB  1 
ATOM   147 C  CG  . PHE A 1 19 ? 1.002   -6.863  -2.750  1.00 6.14  ? 1055 PHE A CG  1 
ATOM   148 C  CD1 . PHE A 1 19 ? 0.976   -6.959  -4.133  1.00 7.99  ? 1055 PHE A CD1 1 
ATOM   149 C  CD2 . PHE A 1 19 ? -0.187  -7.034  -2.053  1.00 8.49  ? 1055 PHE A CD2 1 
ATOM   150 C  CE1 . PHE A 1 19 ? -0.218  -7.200  -4.822  1.00 8.35  ? 1055 PHE A CE1 1 
ATOM   151 C  CE2 . PHE A 1 19 ? -1.417  -7.298  -2.741  1.00 9.41  ? 1055 PHE A CE2 1 
ATOM   152 C  CZ  . PHE A 1 19 ? -1.410  -7.375  -4.136  1.00 7.72  ? 1055 PHE A CZ  1 
ATOM   153 N  N   . GLY A 1 20 ? 5.000   -7.464  -0.156  1.00 8.19  ? 1056 GLY A N   1 
ATOM   154 C  CA  . GLY A 1 20 ? 6.380   -7.062  0.101   1.00 9.64  ? 1056 GLY A CA  1 
ATOM   155 C  C   . GLY A 1 20 ? 6.551   -5.798  0.874   1.00 7.88  ? 1056 GLY A C   1 
ATOM   156 O  O   . GLY A 1 20 ? 7.672   -5.340  0.983   1.00 10.36 ? 1056 GLY A O   1 
ATOM   157 N  N   . PHE A 1 21 ? 5.489   -5.223  1.460   1.00 7.05  ? 1057 PHE A N   1 
ATOM   158 C  CA  . PHE A 1 21 ? 5.713   -4.025  2.259   1.00 6.10  ? 1057 PHE A CA  1 
ATOM   159 C  C   . PHE A 1 21 ? 4.879   -4.181  3.549   1.00 7.35  ? 1057 PHE A C   1 
ATOM   160 O  O   . PHE A 1 21 ? 3.952   -4.994  3.616   1.00 7.88  ? 1057 PHE A O   1 
ATOM   161 C  CB  . PHE A 1 21 ? 5.276   -2.766  1.466   1.00 7.90  ? 1057 PHE A CB  1 
ATOM   162 C  CG  . PHE A 1 21 ? 3.818   -2.636  1.258   1.00 5.09  ? 1057 PHE A CG  1 
ATOM   163 C  CD1 . PHE A 1 21 ? 3.054   -1.878  2.118   1.00 6.65  ? 1057 PHE A CD1 1 
ATOM   164 C  CD2 . PHE A 1 21 ? 3.181   -3.269  0.172   1.00 7.08  ? 1057 PHE A CD2 1 
ATOM   165 C  CE1 . PHE A 1 21 ? 1.673   -1.777  1.890   1.00 10.04 ? 1057 PHE A CE1 1 
ATOM   166 C  CE2 . PHE A 1 21 ? 1.813   -3.163  -0.031  1.00 7.87  ? 1057 PHE A CE2 1 
ATOM   167 C  CZ  . PHE A 1 21 ? 1.086   -2.423  0.834   1.00 9.09  ? 1057 PHE A CZ  1 
ATOM   168 N  N   . THR A 1 22 ? 5.276   -3.438  4.576   1.00 6.01  ? 1058 THR A N   1 
ATOM   169 C  CA  . THR A 1 22 ? 4.493   -3.380  5.837   1.00 7.25  ? 1058 THR A CA  1 
ATOM   170 C  C   . THR A 1 22 ? 4.110   -1.917  6.030   1.00 6.53  ? 1058 THR A C   1 
ATOM   171 O  O   . THR A 1 22 ? 4.751   -0.994  5.484   1.00 7.00  ? 1058 THR A O   1 
ATOM   172 C  CB  . THR A 1 22 ? 5.261   -3.849  7.049   1.00 8.23  ? 1058 THR A CB  1 
ATOM   173 O  OG1 . THR A 1 22 ? 6.414   -3.041  7.243   1.00 8.64  ? 1058 THR A OG1 1 
ATOM   174 C  CG2 . THR A 1 22 ? 5.687   -5.331  6.860   1.00 7.90  ? 1058 THR A CG2 1 
ATOM   175 N  N   . ILE A 1 23 ? 3.072   -1.693  6.831   1.00 5.72  ? 1059 ILE A N   1 
ATOM   176 C  CA  . ILE A 1 23 ? 2.554   -0.358  7.083   1.00 6.82  ? 1059 ILE A CA  1 
ATOM   177 C  C   . ILE A 1 23 ? 2.905   0.129   8.467   1.00 6.65  ? 1059 ILE A C   1 
ATOM   178 O  O   . ILE A 1 23 ? 2.933   -0.679  9.445   1.00 7.40  ? 1059 ILE A O   1 
ATOM   179 C  CB  . ILE A 1 23 ? 1.032   -0.390  6.925   1.00 6.90  ? 1059 ILE A CB  1 
ATOM   180 C  CG1 . ILE A 1 23 ? 0.683   -0.670  5.448   1.00 7.87  ? 1059 ILE A CG1 1 
ATOM   181 C  CG2 . ILE A 1 23 ? 0.397   0.979   7.342   1.00 9.14  ? 1059 ILE A CG2 1 
ATOM   182 C  CD1 . ILE A 1 23 ? -0.802  -0.649  5.097   1.00 10.42 ? 1059 ILE A CD1 1 
ATOM   183 N  N   . LYS A 1 24 ? 3.261   1.406   8.519   1.00 6.90  ? 1060 LYS A N   1 
ATOM   184 C  CA  . LYS A 1 24 ? 3.484   2.143   9.757   1.00 7.54  ? 1060 LYS A CA  1 
ATOM   185 C  C   . LYS A 1 24 ? 2.214   2.919   10.013  1.00 5.78  ? 1060 LYS A C   1 
ATOM   186 O  O   . LYS A 1 24 ? 1.816   3.824   9.245   1.00 7.91  ? 1060 LYS A O   1 
ATOM   187 C  CB  . LYS A 1 24 ? 4.632   3.142   9.634   1.00 9.64  ? 1060 LYS A CB  1 
ATOM   188 C  CG  . LYS A 1 24 ? 4.818   3.896   10.972  1.00 14.20 ? 1060 LYS A CG  1 
ATOM   189 C  CD  . LYS A 1 24 ? 6.130   4.648   11.001  1.00 20.45 ? 1060 LYS A CD  1 
ATOM   190 C  CE  . LYS A 1 24 ? 5.870   6.063   10.524  1.00 23.56 ? 1060 LYS A CE  1 
ATOM   191 N  NZ  . LYS A 1 24 ? 6.810   7.076   11.180  1.00 29.98 ? 1060 LYS A NZ  1 
ATOM   192 N  N   . TRP A 1 25 ? 1.516   2.532   11.092  1.00 5.52  ? 1061 TRP A N   1 
ATOM   193 C  CA  . TRP A 1 25 ? 0.344   3.275   11.526  1.00 6.34  ? 1061 TRP A CA  1 
ATOM   194 C  C   . TRP A 1 25 ? 0.838   4.461   12.329  1.00 7.47  ? 1061 TRP A C   1 
ATOM   195 O  O   . TRP A 1 25 ? 1.514   4.300   13.375  1.00 7.76  ? 1061 TRP A O   1 
ATOM   196 C  CB  . TRP A 1 25 ? -0.510  2.350   12.378  1.00 7.46  ? 1061 TRP A CB  1 
ATOM   197 C  CG  . TRP A 1 25 ? -1.161  1.294   11.523  1.00 8.09  ? 1061 TRP A CG  1 
ATOM   198 C  CD1 . TRP A 1 25 ? -0.537  0.205   10.966  1.00 10.24 ? 1061 TRP A CD1 1 
ATOM   199 C  CD2 . TRP A 1 25 ? -2.499  1.279   11.067  1.00 9.29  ? 1061 TRP A CD2 1 
ATOM   200 N  NE1 . TRP A 1 25 ? -1.425  -0.494  10.176  1.00 12.59 ? 1061 TRP A NE1 1 
ATOM   201 C  CE2 . TRP A 1 25 ? -2.640  0.139   10.213  1.00 10.17 ? 1061 TRP A CE2 1 
ATOM   202 C  CE3 . TRP A 1 25 ? -3.624  2.126   11.284  1.00 8.74  ? 1061 TRP A CE3 1 
ATOM   203 C  CZ2 . TRP A 1 25 ? -3.835  -0.191  9.589   1.00 10.94 ? 1061 TRP A CZ2 1 
ATOM   204 C  CZ3 . TRP A 1 25 ? -4.820  1.781   10.656  1.00 12.06 ? 1061 TRP A CZ3 1 
ATOM   205 C  CH2 . TRP A 1 25 ? -4.917  0.634   9.820   1.00 11.37 ? 1061 TRP A CH2 1 
ATOM   206 N  N   . ASP A 1 26 ? 0.539   5.673   11.879  1.00 7.32  ? 1062 ASP A N   1 
ATOM   207 C  CA  . ASP A 1 26 ? 0.912   6.878   12.604  1.00 7.36  ? 1062 ASP A CA  1 
ATOM   208 C  C   . ASP A 1 26 ? -0.295  7.796   12.438  1.00 6.45  ? 1062 ASP A C   1 
ATOM   209 O  O   . ASP A 1 26 ? -0.245  8.868   11.778  1.00 7.09  ? 1062 ASP A O   1 
ATOM   210 C  CB  . ASP A 1 26 ? 2.166   7.515   12.031  1.00 9.00  ? 1062 ASP A CB  1 
ATOM   211 C  CG  . ASP A 1 26 ? 2.861   8.370   13.081  1.00 9.82  ? 1062 ASP A CG  1 
ATOM   212 O  OD1 . ASP A 1 26 ? 2.272   8.478   14.156  1.00 12.87 ? 1062 ASP A OD1 1 
ATOM   213 O  OD2 . ASP A 1 26 ? 3.936   8.870   12.770  1.00 16.29 ? 1062 ASP A OD2 1 
ATOM   214 N  N   . ILE A 1 27 ? -1.363  7.428   13.111  1.00 6.23  ? 1063 ILE A N   1 
ATOM   215 C  CA  . ILE A 1 27 ? -2.656  8.113   13.008  1.00 6.55  ? 1063 ILE A CA  1 
ATOM   216 C  C   . ILE A 1 27 ? -2.437  9.629   13.165  1.00 6.14  ? 1063 ILE A C   1 
ATOM   217 O  O   . ILE A 1 27 ? -1.775  10.041  14.082  1.00 7.16  ? 1063 ILE A O   1 
ATOM   218 C  CB  . ILE A 1 27 ? -3.599  7.517   14.099  1.00 6.20  ? 1063 ILE A CB  1 
ATOM   219 C  CG1 . ILE A 1 27 ? -3.994  6.072   13.723  1.00 7.54  ? 1063 ILE A CG1 1 
ATOM   220 C  CG2 . ILE A 1 27 ? -4.820  8.395   14.278  1.00 7.14  ? 1063 ILE A CG2 1 
ATOM   221 C  CD1 . ILE A 1 27 ? -4.612  5.883   12.300  1.00 9.96  ? 1063 ILE A CD1 1 
ATOM   222 N  N   . PRO A 1 28 ? -3.150  10.458  12.379  1.00 7.61  ? 1064 PRO A N   1 
ATOM   223 C  CA  . PRO A 1 28 ? -4.170  10.055  11.402  1.00 6.46  ? 1064 PRO A CA  1 
ATOM   224 C  C   . PRO A 1 28 ? -3.752  9.489   10.047  1.00 7.78  ? 1064 PRO A C   1 
ATOM   225 O  O   . PRO A 1 28 ? -4.640  9.238   9.200   1.00 10.84 ? 1064 PRO A O   1 
ATOM   226 C  CB  . PRO A 1 28 ? -5.043  11.321  11.277  1.00 8.88  ? 1064 PRO A CB  1 
ATOM   227 C  CG  . PRO A 1 28 ? -3.976  12.408  11.342  1.00 8.00  ? 1064 PRO A CG  1 
ATOM   228 C  CD  . PRO A 1 28 ? -3.081  11.953  12.489  1.00 8.34  ? 1064 PRO A CD  1 
ATOM   229 N  N   . GLY A 1 29 ? -2.445  9.266   9.877   1.00 5.33  ? 1065 GLY A N   1 
ATOM   230 C  CA  . GLY A 1 29 ? -2.025  8.670   8.602   1.00 6.71  ? 1065 GLY A CA  1 
ATOM   231 C  C   . GLY A 1 29 ? -1.482  7.272   8.704   1.00 7.65  ? 1065 GLY A C   1 
ATOM   232 O  O   . GLY A 1 29 ? -1.195  6.761   9.790   1.00 6.87  ? 1065 GLY A O   1 
ATOM   233 N  N   . ILE A 1 30 ? -1.354  6.626   7.565   1.00 6.05  ? 1066 ILE A N   1 
ATOM   234 C  CA  . ILE A 1 30 ? -0.630  5.332   7.444   1.00 6.85  ? 1066 ILE A CA  1 
ATOM   235 C  C   . ILE A 1 30 ? 0.469   5.551   6.412   1.00 5.63  ? 1066 ILE A C   1 
ATOM   236 O  O   . ILE A 1 30 ? 0.279   6.285   5.423   1.00 6.41  ? 1066 ILE A O   1 
ATOM   237 C  CB  . ILE A 1 30 ? -1.519  4.145   7.057   1.00 4.99  ? 1066 ILE A CB  1 
ATOM   238 C  CG1 . ILE A 1 30 ? -2.461  4.517   5.934   1.00 7.10  ? 1066 ILE A CG1 1 
ATOM   239 C  CG2 . ILE A 1 30 ? -2.326  3.652   8.273   1.00 7.58  ? 1066 ILE A CG2 1 
ATOM   240 C  CD1 . ILE A 1 30 ? -3.069  3.258   5.257   1.00 8.76  ? 1066 ILE A CD1 1 
ATOM   241 N  N   . PHE A 1 31 ? 1.602   4.916   6.634   1.00 6.50  ? 1067 PHE A N   1 
ATOM   242 C  CA  . PHE A 1 31 ? 2.812   5.096   5.813   1.00 5.18  ? 1067 PHE A CA  1 
ATOM   243 C  C   . PHE A 1 31 ? 3.453   3.755   5.524   1.00 6.76  ? 1067 PHE A C   1 
ATOM   244 O  O   . PHE A 1 31 ? 3.155   2.754   6.164   1.00 7.29  ? 1067 PHE A O   1 
ATOM   245 C  CB  . PHE A 1 31 ? 3.823   5.977   6.562   1.00 7.41  ? 1067 PHE A CB  1 
ATOM   246 C  CG  . PHE A 1 31 ? 3.270   7.317   6.981   1.00 6.74  ? 1067 PHE A CG  1 
ATOM   247 C  CD1 . PHE A 1 31 ? 2.478   7.420   8.124   1.00 6.93  ? 1067 PHE A CD1 1 
ATOM   248 C  CD2 . PHE A 1 31 ? 3.482   8.424   6.167   1.00 7.51  ? 1067 PHE A CD2 1 
ATOM   249 C  CE1 . PHE A 1 31 ? 1.868   8.658   8.447   1.00 8.58  ? 1067 PHE A CE1 1 
ATOM   250 C  CE2 . PHE A 1 31 ? 2.910   9.649   6.466   1.00 9.23  ? 1067 PHE A CE2 1 
ATOM   251 C  CZ  . PHE A 1 31 ? 2.106   9.743   7.611   1.00 8.38  ? 1067 PHE A CZ  1 
ATOM   252 N  N   . VAL A 1 32 ? 4.319   3.731   4.512   1.00 5.99  ? 1068 VAL A N   1 
ATOM   253 C  CA  . VAL A 1 32 ? 5.059   2.500   4.219   1.00 5.46  ? 1068 VAL A CA  1 
ATOM   254 C  C   . VAL A 1 32 ? 6.195   2.385   5.234   1.00 4.15  ? 1068 VAL A C   1 
ATOM   255 O  O   . VAL A 1 32 ? 7.063   3.267   5.356   1.00 6.73  ? 1068 VAL A O   1 
ATOM   256 C  CB  . VAL A 1 32 ? 5.593   2.529   2.780   1.00 4.54  ? 1068 VAL A CB  1 
ATOM   257 C  CG1 . VAL A 1 32 ? 6.445   1.326   2.551   1.00 5.03  ? 1068 VAL A CG1 1 
ATOM   258 C  CG2 . VAL A 1 32 ? 4.420   2.561   1.795   1.00 7.37  ? 1068 VAL A CG2 1 
ATOM   259 N  N   . ALA A 1 33 ? 6.175   1.288   5.996   1.00 5.35  ? 1069 ALA A N   1 
ATOM   260 C  CA  . ALA A 1 33 ? 7.224   1.085   7.022   1.00 6.67  ? 1069 ALA A CA  1 
ATOM   261 C  C   . ALA A 1 33 ? 8.478   0.386   6.480   1.00 7.65  ? 1069 ALA A C   1 
ATOM   262 O  O   . ALA A 1 33 ? 9.620   0.635   6.902   1.00 8.60  ? 1069 ALA A O   1 
ATOM   263 C  CB  . ALA A 1 33 ? 6.649   0.255   8.159   1.00 7.59  ? 1069 ALA A CB  1 
ATOM   264 N  N   . SER A 1 34 ? 8.264   -0.531  5.539   1.00 5.33  ? 1070 SER A N   1 
ATOM   265 C  CA  . SER A 1 34 ? 9.379   -1.321  4.999   1.00 5.97  ? 1070 SER A CA  1 
ATOM   266 C  C   . SER A 1 34 ? 8.952   -1.808  3.625   1.00 6.12  ? 1070 SER A C   1 
ATOM   267 O  O   . SER A 1 34 ? 7.745   -1.932  3.331   1.00 6.18  ? 1070 SER A O   1 
ATOM   268 C  CB  . SER A 1 34 ? 9.632   -2.525  5.928   1.00 7.96  ? 1070 SER A CB  1 
ATOM   269 O  OG  . SER A 1 34 ? 8.563   -3.490  5.869   1.00 12.11 ? 1070 SER A OG  1 
ATOM   270 N  N   . VAL A 1 35 ? 9.961   -2.042  2.765   1.00 6.24  ? 1071 VAL A N   1 
ATOM   271 C  CA  . VAL A 1 35 ? 9.775   -2.589  1.391   1.00 6.25  ? 1071 VAL A CA  1 
ATOM   272 C  C   . VAL A 1 35 ? 10.864  -3.621  1.257   1.00 8.10  ? 1071 VAL A C   1 
ATOM   273 O  O   . VAL A 1 35 ? 12.042  -3.279  1.264   1.00 11.28 ? 1071 VAL A O   1 
ATOM   274 C  CB  . VAL A 1 35 ? 9.883   -1.482  0.332   1.00 6.24  ? 1071 VAL A CB  1 
ATOM   275 C  CG1 . VAL A 1 35 ? 9.666   -2.106  -1.062  1.00 8.13  ? 1071 VAL A CG1 1 
ATOM   276 C  CG2 . VAL A 1 35 ? 8.838   -0.456  0.522   1.00 5.36  ? 1071 VAL A CG2 1 
ATOM   277 N  N   . GLU A 1 36 ? 10.452  -4.875  1.085   1.00 6.42  ? 1072 GLU A N   1 
ATOM   278 C  CA  . GLU A 1 36 ? 11.368  -5.989  1.048   1.00 8.75  ? 1072 GLU A CA  1 
ATOM   279 C  C   . GLU A 1 36 ? 12.066  -6.206  -0.272  1.00 8.28  ? 1072 GLU A C   1 
ATOM   280 O  O   . GLU A 1 36 ? 11.457  -6.152  -1.339  1.00 8.21  ? 1072 GLU A O   1 
ATOM   281 C  CB  . GLU A 1 36 ? 10.608  -7.252  1.336   1.00 10.66 ? 1072 GLU A CB  1 
ATOM   282 C  CG  . GLU A 1 36 ? 10.016  -7.404  2.712   1.00 18.98 ? 1072 GLU A CG  1 
ATOM   283 C  CD  . GLU A 1 36 ? 9.461   -8.840  2.781   1.00 25.01 ? 1072 GLU A CD  1 
ATOM   284 O  OE1 . GLU A 1 36 ? 10.252  -9.787  3.073   1.00 30.26 ? 1072 GLU A OE1 1 
ATOM   285 O  OE2 . GLU A 1 36 ? 8.281   -9.023  2.466   1.00 24.63 ? 1072 GLU A OE2 1 
ATOM   286 N  N   . ALA A 1 37 ? 13.370  -6.384  -0.216  1.00 7.19  ? 1073 ALA A N   1 
ATOM   287 C  CA  . ALA A 1 37 ? 14.125  -6.702  -1.426  1.00 8.33  ? 1073 ALA A CA  1 
ATOM   288 C  C   . ALA A 1 37 ? 13.548  -7.968  -2.022  1.00 7.44  ? 1073 ALA A C   1 
ATOM   289 O  O   . ALA A 1 37 ? 13.161  -8.908  -1.326  1.00 7.97  ? 1073 ALA A O   1 
ATOM   290 C  CB  . ALA A 1 37 ? 15.592  -6.904  -1.080  1.00 8.79  ? 1073 ALA A CB  1 
ATOM   291 N  N   . GLY A 1 38 ? 13.470  -7.931  -3.351  1.00 7.86  ? 1074 GLY A N   1 
ATOM   292 C  CA  . GLY A 1 38 ? 12.977  -9.041  -4.146  1.00 8.59  ? 1074 GLY A CA  1 
ATOM   293 C  C   . GLY A 1 38 ? 11.469  -9.134  -4.320  1.00 7.87  ? 1074 GLY A C   1 
ATOM   294 O  O   . GLY A 1 38 ? 10.995  -10.034 -5.018  1.00 7.75  ? 1074 GLY A O   1 
ATOM   295 N  N   . SER A 1 39 ? 10.722  -8.221  -3.689  1.00 7.48  ? 1075 SER A N   1 
ATOM   296 C  CA  . SER A 1 39 ? 9.284   -8.297  -3.700  1.00 6.14  ? 1075 SER A CA  1 
ATOM   297 C  C   . SER A 1 39 ? 8.618   -7.502  -4.798  1.00 5.47  ? 1075 SER A C   1 
ATOM   298 O  O   . SER A 1 39 ? 9.228   -6.656  -5.419  1.00 5.10  ? 1075 SER A O   1 
ATOM   299 C  CB  . SER A 1 39 ? 8.738   -7.737  -2.340  1.00 6.92  ? 1075 SER A CB  1 
ATOM   300 O  OG  . SER A 1 39 ? 8.909   -6.327  -2.289  1.00 8.13  ? 1075 SER A OG  1 
ATOM   301 N  N   . PRO A 1 40 ? 7.326   -7.762  -5.035  1.00 4.14  ? 1076 PRO A N   1 
ATOM   302 C  CA  . PRO A 1 40 ? 6.583   -6.988  -6.043  1.00 4.98  ? 1076 PRO A CA  1 
ATOM   303 C  C   . PRO A 1 40 ? 6.603   -5.492  -5.664  1.00 5.42  ? 1076 PRO A C   1 
ATOM   304 O  O   . PRO A 1 40 ? 6.696   -4.581  -6.532  1.00 4.69  ? 1076 PRO A O   1 
ATOM   305 C  CB  . PRO A 1 40 ? 5.169   -7.560  -5.930  1.00 5.59  ? 1076 PRO A CB  1 
ATOM   306 C  CG  . PRO A 1 40 ? 5.383   -8.986  -5.615  1.00 7.53  ? 1076 PRO A CG  1 
ATOM   307 C  CD  . PRO A 1 40 ? 6.565   -8.943  -4.611  1.00 5.81  ? 1076 PRO A CD  1 
ATOM   308 N  N   . ALA A 1 41 ? 6.517   -5.172  -4.380  1.00 5.36  ? 1077 ALA A N   1 
ATOM   309 C  CA  . ALA A 1 41 ? 6.500   -3.758  -3.973  1.00 5.36  ? 1077 ALA A CA  1 
ATOM   310 C  C   . ALA A 1 41 ? 7.832   -3.081  -4.287  1.00 4.29  ? 1077 ALA A C   1 
ATOM   311 O  O   . ALA A 1 41 ? 7.843   -1.920  -4.695  1.00 4.74  ? 1077 ALA A O   1 
ATOM   312 C  CB  . ALA A 1 41 ? 6.161   -3.676  -2.480  1.00 5.77  ? 1077 ALA A CB  1 
ATOM   313 N  N   . GLU A 1 42 ? 8.967   -3.795  -4.184  1.00 6.21  ? 1078 GLU A N   1 
ATOM   314 C  CA  . GLU A 1 42 ? 10.248  -3.215  -4.519  1.00 5.59  ? 1078 GLU A CA  1 
ATOM   315 C  C   . GLU A 1 42 ? 10.315  -3.052  -6.035  1.00 5.20  ? 1078 GLU A C   1 
ATOM   316 O  O   . GLU A 1 42 ? 10.743  -2.018  -6.512  1.00 6.07  ? 1078 GLU A O   1 
ATOM   317 C  CB  . GLU A 1 42 ? 11.391  -4.120  -4.001  1.00 5.95  ? 1078 GLU A CB  1 
ATOM   318 C  CG  . GLU A 1 42 ? 12.752  -3.663  -4.402  1.00 8.64  ? 1078 GLU A CG  1 
ATOM   319 C  CD  . GLU A 1 42 ? 13.237  -2.409  -3.746  1.00 16.32 ? 1078 GLU A CD  1 
ATOM   320 O  OE1 . GLU A 1 42 ? 12.509  -1.725  -2.957  1.00 17.49 ? 1078 GLU A OE1 1 
ATOM   321 O  OE2 . GLU A 1 42 ? 14.412  -2.078  -4.022  1.00 18.36 ? 1078 GLU A OE2 1 
ATOM   322 N  N   . PHE A 1 43 ? 9.859   -4.068  -6.759  1.00 5.86  ? 1079 PHE A N   1 
ATOM   323 C  CA  . PHE A 1 43 ? 9.879   -3.999  -8.231  1.00 5.72  ? 1079 PHE A CA  1 
ATOM   324 C  C   . PHE A 1 43 ? 9.102   -2.749  -8.662  1.00 5.00  ? 1079 PHE A C   1 
ATOM   325 O  O   . PHE A 1 43 ? 9.524   -1.999  -9.543  1.00 5.88  ? 1079 PHE A O   1 
ATOM   326 C  CB  . PHE A 1 43 ? 9.195   -5.271  -8.801  1.00 6.27  ? 1079 PHE A CB  1 
ATOM   327 C  CG  . PHE A 1 43 ? 9.052   -5.258  -10.315 1.00 5.74  ? 1079 PHE A CG  1 
ATOM   328 C  CD1 . PHE A 1 43 ? 10.122  -5.604  -11.153 1.00 5.37  ? 1079 PHE A CD1 1 
ATOM   329 C  CD2 . PHE A 1 43 ? 7.878   -4.817  -10.885 1.00 4.98  ? 1079 PHE A CD2 1 
ATOM   330 C  CE1 . PHE A 1 43 ? 9.960   -5.493  -12.556 1.00 5.04  ? 1079 PHE A CE1 1 
ATOM   331 C  CE2 . PHE A 1 43 ? 7.710   -4.699  -12.273 1.00 6.69  ? 1079 PHE A CE2 1 
ATOM   332 C  CZ  . PHE A 1 43 ? 8.768   -5.039  -13.099 1.00 6.02  ? 1079 PHE A CZ  1 
ATOM   333 N  N   . SER A 1 44 ? 7.948   -2.519  -8.020  1.00 3.94  ? 1080 SER A N   1 
ATOM   334 C  CA  . SER A 1 44 ? 7.092   -1.367  -8.395  1.00 3.65  ? 1080 SER A CA  1 
ATOM   335 C  C   . SER A 1 44 ? 7.562   -0.034  -7.913  1.00 3.20  ? 1080 SER A C   1 
ATOM   336 O  O   . SER A 1 44 ? 7.017   0.995   -8.292  1.00 5.12  ? 1080 SER A O   1 
ATOM   337 C  CB  . SER A 1 44 ? 5.690   -1.588  -7.856  1.00 5.42  ? 1080 SER A CB  1 
ATOM   338 O  OG  . SER A 1 44 ? 5.052   -2.670  -8.564  1.00 6.03  ? 1080 SER A OG  1 
ATOM   339 N  N   . GLN A 1 45 ? 8.603   -0.046  -7.095  1.00 4.25  ? 1081 GLN A N   1 
ATOM   340 C  CA  . GLN A 1 45 ? 9.249   1.164   -6.577  1.00 5.17  ? 1081 GLN A CA  1 
ATOM   341 C  C   . GLN A 1 45 ? 8.453   1.966   -5.578  1.00 5.69  ? 1081 GLN A C   1 
ATOM   342 O  O   . GLN A 1 45 ? 8.496   3.202   -5.537  1.00 7.03  ? 1081 GLN A O   1 
ATOM   343 C  CB  . GLN A 1 45 ? 9.911   2.016   -7.698  1.00 6.63  ? 1081 GLN A CB  1 
ATOM   344 C  CG  . GLN A 1 45 ? 11.010  1.173   -8.414  1.00 8.03  ? 1081 GLN A CG  1 
ATOM   345 C  CD  . GLN A 1 45 ? 11.816  1.849   -9.454  1.00 11.60 ? 1081 GLN A CD  1 
ATOM   346 O  OE1 . GLN A 1 45 ? 12.387  1.159   -10.367 1.00 12.09 ? 1081 GLN A OE1 1 
ATOM   347 N  NE2 . GLN A 1 45 ? 11.929  3.145   -9.352  1.00 12.00 ? 1081 GLN A NE2 1 
ATOM   348 N  N   . LEU A 1 46 ? 7.713   1.217   -4.728  1.00 5.70  ? 1082 LEU A N   1 
ATOM   349 C  CA  . LEU A 1 46 ? 7.101   1.840   -3.537  1.00 5.85  ? 1082 LEU A CA  1 
ATOM   350 C  C   . LEU A 1 46 ? 8.262   2.125   -2.604  1.00 5.26  ? 1082 LEU A C   1 
ATOM   351 O  O   . LEU A 1 46 ? 9.250   1.378   -2.559  1.00 7.30  ? 1082 LEU A O   1 
ATOM   352 C  CB  . LEU A 1 46 ? 6.157   0.806   -2.932  1.00 5.45  ? 1082 LEU A CB  1 
ATOM   353 C  CG  . LEU A 1 46 ? 5.426   1.219   -1.642  1.00 4.27  ? 1082 LEU A CG  1 
ATOM   354 C  CD1 . LEU A 1 46 ? 4.371   2.362   -2.017  1.00 6.16  ? 1082 LEU A CD1 1 
ATOM   355 C  CD2 . LEU A 1 46 ? 4.688   0.008   -1.012  1.00 6.24  ? 1082 LEU A CD2 1 
ATOM   356 N  N   . GLN A 1 47 ? 8.181   3.208   -1.849  1.00 5.19  ? 1083 GLN A N   1 
ATOM   357 C  CA  . GLN A 1 47 ? 9.294   3.552   -0.941  1.00 7.11  ? 1083 GLN A CA  1 
ATOM   358 C  C   . GLN A 1 47 ? 8.881   3.767   0.512   1.00 5.39  ? 1083 GLN A C   1 
ATOM   359 O  O   . GLN A 1 47 ? 7.767   4.208   0.777   1.00 6.66  ? 1083 GLN A O   1 
ATOM   360 C  CB  . GLN A 1 47 ? 9.993   4.829   -1.434  1.00 8.52  ? 1083 GLN A CB  1 
ATOM   361 C  CG  . GLN A 1 47 ? 10.651  4.571   -2.811  1.00 10.54 ? 1083 GLN A CG  1 
ATOM   362 C  CD  . GLN A 1 47 ? 11.361  5.759   -3.401  1.00 14.65 ? 1083 GLN A CD  1 
ATOM   363 O  OE1 . GLN A 1 47 ? 11.559  6.773   -2.771  1.00 14.83 ? 1083 GLN A OE1 1 
ATOM   364 N  NE2 . GLN A 1 47 ? 11.780  5.599   -4.677  1.00 14.67 ? 1083 GLN A NE2 1 
ATOM   365 N  N   . VAL A 1 48 ? 9.803   3.420   1.411   1.00 6.27  ? 1084 VAL A N   1 
ATOM   366 C  CA  . VAL A 1 48 ? 9.585   3.640   2.858   1.00 5.81  ? 1084 VAL A CA  1 
ATOM   367 C  C   . VAL A 1 48 ? 9.292   5.113   3.063   1.00 6.56  ? 1084 VAL A C   1 
ATOM   368 O  O   . VAL A 1 48 ? 9.873   5.971   2.379   1.00 7.67  ? 1084 VAL A O   1 
ATOM   369 C  CB  . VAL A 1 48 ? 10.820  3.218   3.632   1.00 4.81  ? 1084 VAL A CB  1 
ATOM   370 C  CG1 . VAL A 1 48 ? 10.691  3.639   5.109   1.00 6.70  ? 1084 VAL A CG1 1 
ATOM   371 C  CG2 . VAL A 1 48 ? 11.022  1.725   3.496   1.00 7.21  ? 1084 VAL A CG2 1 
ATOM   372 N  N   . ASP A 1 49 ? 8.333   5.379   3.974   1.00 7.20  ? 1085 ASP A N   1 
ATOM   373 C  CA  . ASP A 1 49 ? 7.840   6.712   4.323   1.00 7.67  ? 1085 ASP A CA  1 
ATOM   374 C  C   . ASP A 1 49 ? 6.827   7.279   3.360   1.00 6.58  ? 1085 ASP A C   1 
ATOM   375 O  O   . ASP A 1 49 ? 6.292   8.372   3.601   1.00 8.35  ? 1085 ASP A O   1 
ATOM   376 C  CB  . ASP A 1 49 ? 8.987   7.716   4.501   1.00 10.78 ? 1085 ASP A CB  1 
ATOM   377 C  CG  . ASP A 1 49 ? 9.724   7.556   5.829   1.00 16.78 ? 1085 ASP A CG  1 
ATOM   378 O  OD1 . ASP A 1 49 ? 9.140   7.034   6.789   1.00 17.07 ? 1085 ASP A OD1 1 
ATOM   379 O  OD2 . ASP A 1 49 ? 10.897  8.007   5.911   1.00 20.21 ? 1085 ASP A OD2 1 
ATOM   380 N  N   . ASP A 1 50 ? 6.568   6.597   2.240   1.00 6.26  ? 1086 ASP A N   1 
ATOM   381 C  CA  . ASP A 1 50 ? 5.492   7.086   1.379   1.00 6.60  ? 1086 ASP A CA  1 
ATOM   382 C  C   . ASP A 1 50 ? 4.201   7.059   2.204   1.00 6.40  ? 1086 ASP A C   1 
ATOM   383 O  O   . ASP A 1 50 ? 3.940   6.078   2.918   1.00 6.53  ? 1086 ASP A O   1 
ATOM   384 C  CB  . ASP A 1 50 ? 5.255   6.178   0.147   1.00 5.94  ? 1086 ASP A CB  1 
ATOM   385 C  CG  . ASP A 1 50 ? 6.295   6.325   -0.923  1.00 6.94  ? 1086 ASP A CG  1 
ATOM   386 O  OD1 . ASP A 1 50 ? 7.072   7.277   -0.876  1.00 6.87  ? 1086 ASP A OD1 1 
ATOM   387 O  OD2 . ASP A 1 50 ? 6.270   5.457   -1.839  1.00 7.02  ? 1086 ASP A OD2 1 
ATOM   388 N  N   . GLU A 1 51 ? 3.385   8.102   2.161   1.00 5.93  ? 1087 GLU A N   1 
ATOM   389 C  CA  . GLU A 1 51 ? 2.096   8.112   2.881   1.00 5.50  ? 1087 GLU A CA  1 
ATOM   390 C  C   . GLU A 1 51 ? 1.078   7.430   2.017   1.00 6.11  ? 1087 GLU A C   1 
ATOM   391 O  O   . GLU A 1 51 ? 0.989   7.768   0.816   1.00 6.57  ? 1087 GLU A O   1 
ATOM   392 C  CB  . GLU A 1 51 ? 1.640   9.530   3.191   1.00 8.59  ? 1087 GLU A CB  1 
ATOM   393 C  CG  . GLU A 1 51 ? 0.361   9.461   4.082   1.00 7.83  ? 1087 GLU A CG  1 
ATOM   394 C  CD  . GLU A 1 51 ? -0.277  10.781  4.401   1.00 10.20 ? 1087 GLU A CD  1 
ATOM   395 O  OE1 . GLU A 1 51 ? 0.237   11.819  3.970   1.00 12.94 ? 1087 GLU A OE1 1 
ATOM   396 O  OE2 . GLU A 1 51 ? -1.338  10.715  5.062   1.00 11.51 ? 1087 GLU A OE2 1 
ATOM   397 N  N   . ILE A 1 52 ? 0.335   6.482   2.569   1.00 5.88  ? 1088 ILE A N   1 
ATOM   398 C  CA  . ILE A 1 52 ? -0.632  5.731   1.785   1.00 6.13  ? 1088 ILE A CA  1 
ATOM   399 C  C   . ILE A 1 52 ? -1.981  6.459   1.869   1.00 8.29  ? 1088 ILE A C   1 
ATOM   400 O  O   . ILE A 1 52 ? -2.570  6.644   2.954   1.00 8.28  ? 1088 ILE A O   1 
ATOM   401 C  CB  . ILE A 1 52 ? -0.744  4.276   2.335   1.00 5.76  ? 1088 ILE A CB  1 
ATOM   402 C  CG1 . ILE A 1 52 ? 0.641   3.635   2.252   1.00 7.37  ? 1088 ILE A CG1 1 
ATOM   403 C  CG2 . ILE A 1 52 ? -1.787  3.475   1.585   1.00 8.12  ? 1088 ILE A CG2 1 
ATOM   404 C  CD1 . ILE A 1 52 ? 0.790   2.272   3.029   1.00 7.29  ? 1088 ILE A CD1 1 
ATOM   405 N  N   . ILE A 1 53 ? -2.499  6.903   0.727   1.00 7.04  ? 1089 ILE A N   1 
ATOM   406 C  CA  . ILE A 1 53 ? -3.751  7.609   0.688   1.00 8.76  ? 1089 ILE A CA  1 
ATOM   407 C  C   . ILE A 1 53 ? -4.924  6.738   0.346   1.00 8.12  ? 1089 ILE A C   1 
ATOM   408 O  O   . ILE A 1 53 ? -5.990  6.856   0.927   1.00 9.06  ? 1089 ILE A O   1 
ATOM   409 C  CB  . ILE A 1 53 ? -3.655  8.817   -0.300  1.00 9.36  ? 1089 ILE A CB  1 
ATOM   410 C  CG1 . ILE A 1 53 ? -2.507  9.752   0.109   1.00 10.49 ? 1089 ILE A CG1 1 
ATOM   411 C  CG2 . ILE A 1 53 ? -4.998  9.564   -0.318  1.00 10.59 ? 1089 ILE A CG2 1 
ATOM   412 C  CD1 . ILE A 1 53 ? -2.544  10.236  1.502   1.00 13.89 ? 1089 ILE A CD1 1 
ATOM   413 N  N   . ALA A 1 54 ? -4.729  5.809   -0.578  1.00 6.91  ? 1090 ALA A N   1 
ATOM   414 C  CA  . ALA A 1 54 ? -5.803  4.907   -0.973  1.00 5.55  ? 1090 ALA A CA  1 
ATOM   415 C  C   . ALA A 1 54 ? -5.228  3.663   -1.650  1.00 6.00  ? 1090 ALA A C   1 
ATOM   416 O  O   . ALA A 1 54 ? -4.104  3.691   -2.107  1.00 7.26  ? 1090 ALA A O   1 
ATOM   417 C  CB  . ALA A 1 54 ? -6.729  5.574   -2.046  1.00 7.67  ? 1090 ALA A CB  1 
ATOM   418 N  N   . ILE A 1 55 ? -5.969  2.575   -1.603  1.00 7.23  ? 1091 ILE A N   1 
ATOM   419 C  CA  . ILE A 1 55 ? -5.611  1.404   -2.413  1.00 8.69  ? 1091 ILE A CA  1 
ATOM   420 C  C   . ILE A 1 55 ? -6.855  1.018   -3.203  1.00 8.78  ? 1091 ILE A C   1 
ATOM   421 O  O   . ILE A 1 55 ? -7.964  0.952   -2.646  1.00 8.45  ? 1091 ILE A O   1 
ATOM   422 C  CB  . ILE A 1 55 ? -5.076  0.210   -1.619  1.00 9.38  ? 1091 ILE A CB  1 
ATOM   423 C  CG1 . ILE A 1 55 ? -6.078  -0.220  -0.559  1.00 6.98  ? 1091 ILE A CG1 1 
ATOM   424 C  CG2 . ILE A 1 55 ? -3.746  0.541   -1.036  1.00 9.29  ? 1091 ILE A CG2 1 
ATOM   425 C  CD1 . ILE A 1 55 ? -5.695  -1.582  0.126   1.00 12.91 ? 1091 ILE A CD1 1 
ATOM   426 N  N   . ASN A 1 56 ? -6.679  0.775   -4.506  1.00 8.57  ? 1092 ASN A N   1 
ATOM   427 C  CA  . ASN A 1 56 ? -7.789  0.391   -5.346  1.00 8.82  ? 1092 ASN A CA  1 
ATOM   428 C  C   . ASN A 1 56 ? -8.949  1.383   -5.099  1.00 10.39 ? 1092 ASN A C   1 
ATOM   429 O  O   . ASN A 1 56 ? -8.741  2.602   -5.246  1.00 13.08 ? 1092 ASN A O   1 
ATOM   430 C  CB  . ASN A 1 56 ? -8.101  -1.102  -5.076  1.00 8.00  ? 1092 ASN A CB  1 
ATOM   431 C  CG  . ASN A 1 56 ? -6.893  -1.997  -5.357  1.00 7.70  ? 1092 ASN A CG  1 
ATOM   432 O  OD1 . ASN A 1 56 ? -6.685  -3.059  -4.714  1.00 11.85 ? 1092 ASN A OD1 1 
ATOM   433 N  ND2 . ASN A 1 56 ? -6.114  -1.600  -6.356  1.00 5.99  ? 1092 ASN A ND2 1 
ATOM   434 N  N   . ASN A 1 57 ? -10.121 0.915   -4.748  1.00 11.01 ? 1093 ASN A N   1 
ATOM   435 C  CA  . ASN A 1 57 ? -11.225 1.895   -4.549  1.00 12.16 ? 1093 ASN A CA  1 
ATOM   436 C  C   . ASN A 1 57 ? -11.453 2.292   -3.099  1.00 11.37 ? 1093 ASN A C   1 
ATOM   437 O  O   . ASN A 1 57 ? -12.558 2.756   -2.763  1.00 14.03 ? 1093 ASN A O   1 
ATOM   438 C  CB  . ASN A 1 57 ? -12.504 1.231   -5.106  1.00 13.49 ? 1093 ASN A CB  1 
ATOM   439 C  CG  . ASN A 1 57 ? -12.374 0.978   -6.622  1.00 15.92 ? 1093 ASN A CG  1 
ATOM   440 O  OD1 . ASN A 1 57 ? -12.686 -0.119  -7.148  1.00 18.53 ? 1093 ASN A OD1 1 
ATOM   441 N  ND2 . ASN A 1 57 ? -11.877 1.984   -7.305  1.00 15.13 ? 1093 ASN A ND2 1 
ATOM   442 N  N   . THR A 1 58 ? -10.438 2.196   -2.243  1.00 8.96  ? 1094 THR A N   1 
ATOM   443 C  CA  . THR A 1 58 ? -10.615 2.441   -0.827  1.00 8.23  ? 1094 THR A CA  1 
ATOM   444 C  C   . THR A 1 58 ? -9.688  3.535   -0.378  1.00 7.63  ? 1094 THR A C   1 
ATOM   445 O  O   . THR A 1 58 ? -8.470  3.374   -0.370  1.00 7.86  ? 1094 THR A O   1 
ATOM   446 C  CB  . THR A 1 58 ? -10.279 1.156   -0.037  1.00 9.22  ? 1094 THR A CB  1 
ATOM   447 O  OG1 . THR A 1 58 ? -11.189 0.119   -0.408  1.00 12.48 ? 1094 THR A OG1 1 
ATOM   448 C  CG2 . THR A 1 58 ? -10.385 1.374   1.450   1.00 10.53 ? 1094 THR A CG2 1 
ATOM   449 N  N   . LYS A 1 59 ? -10.272 4.678   0.006   1.00 9.31  ? 1095 LYS A N   1 
ATOM   450 C  CA  . LYS A 1 59 ? -9.468  5.778   0.545   1.00 9.49  ? 1095 LYS A CA  1 
ATOM   451 C  C   . LYS A 1 59 ? -9.323  5.501   2.051   1.00 10.76 ? 1095 LYS A C   1 
ATOM   452 O  O   . LYS A 1 59 ? -10.308 5.193   2.761   1.00 13.51 ? 1095 LYS A O   1 
ATOM   453 C  CB  . LYS A 1 59 ? -10.200 7.113   0.301   1.00 12.85 ? 1095 LYS A CB  1 
ATOM   454 C  CG  . LYS A 1 59 ? -9.401  8.340   0.694   1.00 17.29 ? 1095 LYS A CG  1 
ATOM   455 C  CD  . LYS A 1 59 ? -10.175 9.641   0.490   1.00 22.13 ? 1095 LYS A CD  1 
ATOM   456 C  CE  . LYS A 1 59 ? -9.206  10.829  0.463   1.00 26.99 ? 1095 LYS A CE  1 
ATOM   457 N  NZ  . LYS A 1 59 ? -8.232  10.840  1.650   1.00 27.22 ? 1095 LYS A NZ  1 
ATOM   458 N  N   . PHE A 1 60 ? -8.115  5.578   2.575   1.00 8.36  ? 1096 PHE A N   1 
ATOM   459 C  CA  . PHE A 1 60 ? -7.930  5.383   4.015   1.00 11.14 ? 1096 PHE A CA  1 
ATOM   460 C  C   . PHE A 1 60 ? -8.548  6.493   4.852   1.00 10.52 ? 1096 PHE A C   1 
ATOM   461 O  O   . PHE A 1 60 ? -8.475  7.708   4.515   1.00 12.72 ? 1096 PHE A O   1 
ATOM   462 C  CB  . PHE A 1 60 ? -6.438  5.392   4.347   1.00 9.88  ? 1096 PHE A CB  1 
ATOM   463 C  CG  . PHE A 1 60 ? -6.147  5.213   5.815   1.00 9.05  ? 1096 PHE A CG  1 
ATOM   464 C  CD1 . PHE A 1 60 ? -6.306  3.961   6.405   1.00 7.88  ? 1096 PHE A CD1 1 
ATOM   465 C  CD2 . PHE A 1 60 ? -5.814  6.320   6.606   1.00 8.57  ? 1096 PHE A CD2 1 
ATOM   466 C  CE1 . PHE A 1 60 ? -6.142  3.783   7.798   1.00 8.41  ? 1096 PHE A CE1 1 
ATOM   467 C  CE2 . PHE A 1 60 ? -5.647  6.174   7.986   1.00 8.44  ? 1096 PHE A CE2 1 
ATOM   468 C  CZ  . PHE A 1 60 ? -5.816  4.921   8.580   1.00 8.52  ? 1096 PHE A CZ  1 
ATOM   469 N  N   . SER A 1 61 ? -9.139  6.086   5.954   1.00 12.40 ? 1097 SER A N   1 
ATOM   470 C  CA  . SER A 1 61 ? -9.534  7.097   6.919   1.00 13.28 ? 1097 SER A CA  1 
ATOM   471 C  C   . SER A 1 61 ? -9.320  6.466   8.278   1.00 10.97 ? 1097 SER A C   1 
ATOM   472 O  O   . SER A 1 61 ? -9.584  5.262   8.488   1.00 11.85 ? 1097 SER A O   1 
ATOM   473 C  CB  . SER A 1 61 ? -10.972 7.559   6.781   1.00 14.67 ? 1097 SER A CB  1 
ATOM   474 O  OG  . SER A 1 61 ? -11.351 8.273   7.955   1.00 21.51 ? 1097 SER A OG  1 
ATOM   475 N  N   . TYR A 1 62 ? -8.856  7.325   9.174   1.00 11.85 ? 1098 TYR A N   1 
ATOM   476 C  CA  . TYR A 1 62 ? -8.634  6.889   10.525  1.00 10.16 ? 1098 TYR A CA  1 
ATOM   477 C  C   . TYR A 1 62 ? -9.898  6.374   11.169  1.00 10.73 ? 1098 TYR A C   1 
ATOM   478 O  O   . TYR A 1 62 ? -9.836  5.646   12.151  1.00 11.09 ? 1098 TYR A O   1 
ATOM   479 C  CB  . TYR A 1 62 ? -8.091  7.990   11.414  1.00 13.30 ? 1098 TYR A CB  1 
ATOM   480 C  CG  . TYR A 1 62 ? -9.027  9.114   11.591  1.00 12.13 ? 1098 TYR A CG  1 
ATOM   481 C  CD1 . TYR A 1 62 ? -9.101  10.123  10.626  1.00 13.29 ? 1098 TYR A CD1 1 
ATOM   482 C  CD2 . TYR A 1 62 ? -9.890  9.147   12.648  1.00 12.53 ? 1098 TYR A CD2 1 
ATOM   483 C  CE1 . TYR A 1 62 ? -10.028 11.131  10.719  1.00 15.63 ? 1098 TYR A CE1 1 
ATOM   484 C  CE2 . TYR A 1 62 ? -10.859 10.178  12.758  1.00 13.35 ? 1098 TYR A CE2 1 
ATOM   485 C  CZ  . TYR A 1 62 ? -10.904 11.144  11.783  1.00 13.05 ? 1098 TYR A CZ  1 
ATOM   486 O  OH  . TYR A 1 62 ? -11.848 12.124  11.833  1.00 16.27 ? 1098 TYR A OH  1 
ATOM   487 N  N   . ASN A 1 63 ? -11.056 6.783   10.643  1.00 10.66 ? 1099 ASN A N   1 
ATOM   488 C  CA  . ASN A 1 63 ? -12.375 6.352   11.179  1.00 15.20 ? 1099 ASN A CA  1 
ATOM   489 C  C   . ASN A 1 63 ? -12.784 4.954   10.746  1.00 18.77 ? 1099 ASN A C   1 
ATOM   490 O  O   . ASN A 1 63 ? -13.757 4.401   11.278  1.00 22.03 ? 1099 ASN A O   1 
ATOM   491 C  CB  . ASN A 1 63 ? -13.499 7.281   10.694  1.00 16.49 ? 1099 ASN A CB  1 
ATOM   492 C  CG  . ASN A 1 63 ? -13.697 8.460   11.557  1.00 22.76 ? 1099 ASN A CG  1 
ATOM   493 O  OD1 . ASN A 1 63 ? -13.960 9.570   11.057  1.00 27.03 ? 1099 ASN A OD1 1 
ATOM   494 N  ND2 . ASN A 1 63 ? -13.614 8.250   12.870  1.00 25.03 ? 1099 ASN A ND2 1 
ATOM   495 N  N   . ASP A 1 64 ? -12.139 4.379   9.737   1.00 19.46 ? 1100 ASP A N   1 
ATOM   496 C  CA  . ASP A 1 64 ? -12.522 2.976   9.442   1.00 23.04 ? 1100 ASP A CA  1 
ATOM   497 C  C   . ASP A 1 64 ? -11.359 2.114   8.997   1.00 21.11 ? 1100 ASP A C   1 
ATOM   498 O  O   . ASP A 1 64 ? -11.157 1.798   7.804   1.00 20.20 ? 1100 ASP A O   1 
ATOM   499 C  CB  . ASP A 1 64 ? -13.669 2.842   8.440   1.00 26.09 ? 1100 ASP A CB  1 
ATOM   500 C  CG  . ASP A 1 64 ? -14.439 1.456   8.541   1.00 27.48 ? 1100 ASP A CG  1 
ATOM   501 O  OD1 . ASP A 1 64 ? -13.953 0.443   9.103   1.00 25.04 ? 1100 ASP A OD1 1 
ATOM   502 O  OD2 . ASP A 1 64 ? -15.570 1.411   8.005   1.00 31.36 ? 1100 ASP A OD2 1 
ATOM   503 N  N   . SER A 1 65 ? -10.603 1.714   10.005  1.00 19.80 ? 1101 SER A N   1 
ATOM   504 C  CA  . SER A 1 65 ? -9.493  0.836   9.791   1.00 20.40 ? 1101 SER A CA  1 
ATOM   505 C  C   . SER A 1 65 ? -10.013 -0.540  9.447   1.00 18.95 ? 1101 SER A C   1 
ATOM   506 O  O   . SER A 1 65 ? -9.280  -1.308  8.865   1.00 14.16 ? 1101 SER A O   1 
ATOM   507 C  CB  . SER A 1 65 ? -8.614  0.700   11.067  1.00 20.99 ? 1101 SER A CB  1 
ATOM   508 O  OG  . SER A 1 65 ? -9.263  0.005   12.149  1.00 26.24 ? 1101 SER A OG  1 
ATOM   509 N  N   . LYS A 1 66 ? -11.236 -0.878  9.839   1.00 17.71 ? 1102 LYS A N   1 
ATOM   510 C  CA  . LYS A 1 66 ? -11.744 -2.211  9.542   1.00 16.20 ? 1102 LYS A CA  1 
ATOM   511 C  C   . LYS A 1 66 ? -11.865 -2.356  8.020   1.00 12.27 ? 1102 LYS A C   1 
ATOM   512 O  O   . LYS A 1 66 ? -11.386 -3.342  7.430   1.00 13.48 ? 1102 LYS A O   1 
ATOM   513 C  CB  . LYS A 1 66 ? -13.122 -2.414  10.193  1.00 19.76 ? 1102 LYS A CB  1 
ATOM   514 C  CG  . LYS A 1 66 ? -13.688 -3.771  9.980   1.00 23.39 ? 1102 LYS A CG  1 
ATOM   515 C  CD  . LYS A 1 66 ? -12.693 -4.788  10.361  1.00 27.41 ? 1102 LYS A CD  1 
ATOM   516 C  CE  . LYS A 1 66 ? -13.361 -6.134  10.504  1.00 29.93 ? 1102 LYS A CE  1 
ATOM   517 N  NZ  . LYS A 1 66 ? -14.488 -5.940  11.497  1.00 33.10 ? 1102 LYS A NZ  1 
ATOM   518 N  N   . GLU A 1 67 ? -12.538 -1.412  7.377   1.00 11.94 ? 1103 GLU A N   1 
ATOM   519 C  CA  . GLU A 1 67 ? -12.664 -1.475  5.893   1.00 11.93 ? 1103 GLU A CA  1 
ATOM   520 C  C   . GLU A 1 67 ? -11.295 -1.426  5.248   1.00 11.07 ? 1103 GLU A C   1 
ATOM   521 O  O   . GLU A 1 67 ? -11.061 -2.064  4.237   1.00 9.83  ? 1103 GLU A O   1 
ATOM   522 C  CB  . GLU A 1 67 ? -13.524 -0.353  5.362   1.00 12.68 ? 1103 GLU A CB  1 
ATOM   523 C  CG  . GLU A 1 67 ? -14.984 -0.643  5.763   1.00 16.01 ? 1103 GLU A CG  1 
ATOM   524 C  CD  . GLU A 1 67 ? -15.947 0.490   5.497   1.00 16.05 ? 1103 GLU A CD  1 
ATOM   525 O  OE1 . GLU A 1 67 ? -15.557 1.522   4.906   1.00 19.02 ? 1103 GLU A OE1 1 
ATOM   526 O  OE2 . GLU A 1 67 ? -17.136 0.340   5.932   1.00 20.16 ? 1103 GLU A OE2 1 
ATOM   527 N  N   . TRP A 1 68 ? -10.351 -0.711  5.850   1.00 9.25  ? 1104 TRP A N   1 
ATOM   528 C  CA  . TRP A 1 68 ? -9.010  -0.681  5.280   1.00 9.86  ? 1104 TRP A CA  1 
ATOM   529 C  C   . TRP A 1 68 ? -8.373  -2.063  5.262   1.00 10.03 ? 1104 TRP A C   1 
ATOM   530 O  O   . TRP A 1 68 ? -7.841  -2.559  4.221   1.00 9.34  ? 1104 TRP A O   1 
ATOM   531 C  CB  . TRP A 1 68 ? -8.144  0.258   6.096   1.00 9.59  ? 1104 TRP A CB  1 
ATOM   532 C  CG  . TRP A 1 68 ? -6.737  0.230   5.512   1.00 10.12 ? 1104 TRP A CG  1 
ATOM   533 C  CD1 . TRP A 1 68 ? -5.654  -0.479  5.954   1.00 10.58 ? 1104 TRP A CD1 1 
ATOM   534 C  CD2 . TRP A 1 68 ? -6.350  0.889   4.329   1.00 11.30 ? 1104 TRP A CD2 1 
ATOM   535 N  NE1 . TRP A 1 68 ? -4.607  -0.301  5.093   1.00 12.03 ? 1104 TRP A NE1 1 
ATOM   536 C  CE2 . TRP A 1 68 ? -5.005  0.536   4.078   1.00 11.10 ? 1104 TRP A CE2 1 
ATOM   537 C  CE3 . TRP A 1 68 ? -7.008  1.768   3.442   1.00 11.26 ? 1104 TRP A CE3 1 
ATOM   538 C  CZ2 . TRP A 1 68 ? -4.292  1.023   2.972   1.00 12.56 ? 1104 TRP A CZ2 1 
ATOM   539 C  CZ3 . TRP A 1 68 ? -6.288  2.252   2.351   1.00 12.30 ? 1104 TRP A CZ3 1 
ATOM   540 C  CH2 . TRP A 1 68 ? -4.955  1.884   2.122   1.00 13.66 ? 1104 TRP A CH2 1 
ATOM   541 N  N   . GLU A 1 69 ? -8.433  -2.726  6.406   1.00 11.12 ? 1105 GLU A N   1 
ATOM   542 C  CA  . GLU A 1 69 ? -7.882  -4.017  6.501   1.00 11.73 ? 1105 GLU A CA  1 
ATOM   543 C  C   . GLU A 1 69 ? -8.563  -4.983  5.560   1.00 10.17 ? 1105 GLU A C   1 
ATOM   544 O  O   . GLU A 1 69 ? -7.896  -5.830  4.932   1.00 10.03 ? 1105 GLU A O   1 
ATOM   545 C  CB  . GLU A 1 69 ? -7.917  -4.475  7.949   1.00 16.17 ? 1105 GLU A CB  1 
ATOM   546 C  CG  . GLU A 1 69 ? -6.904  -3.592  8.773   1.00 21.37 ? 1105 GLU A CG  1 
ATOM   547 C  CD  . GLU A 1 69 ? -6.775  -4.034  10.244  1.00 25.33 ? 1105 GLU A CD  1 
ATOM   548 O  OE1 . GLU A 1 69 ? -5.628  -4.268  10.666  1.00 24.25 ? 1105 GLU A OE1 1 
ATOM   549 O  OE2 . GLU A 1 69 ? -7.820  -4.143  10.940  1.00 29.57 ? 1105 GLU A OE2 1 
ATOM   550 N  N   . GLU A 1 70 ? -9.874  -4.875  5.410   1.00 9.70  ? 1106 GLU A N   1 
ATOM   551 C  CA  . GLU A 1 70 ? -10.584 -5.735  4.456   1.00 10.82 ? 1106 GLU A CA  1 
ATOM   552 C  C   . GLU A 1 70 ? -10.148 -5.435  3.029   1.00 8.54  ? 1106 GLU A C   1 
ATOM   553 O  O   . GLU A 1 70 ? -10.002 -6.363  2.233   1.00 9.04  ? 1106 GLU A O   1 
ATOM   554 C  CB  . GLU A 1 70 ? -12.106 -5.574  4.621   1.00 10.35 ? 1106 GLU A CB  1 
ATOM   555 C  CG  . GLU A 1 70 ? -12.542 -6.211  5.941   1.00 13.59 ? 1106 GLU A CG  1 
ATOM   556 C  CD  . GLU A 1 70 ? -13.991 -5.967  6.359   1.00 19.94 ? 1106 GLU A CD  1 
ATOM   557 O  OE1 . GLU A 1 70 ? -14.714 -5.094  5.825   1.00 16.28 ? 1106 GLU A OE1 1 
ATOM   558 O  OE2 . GLU A 1 70 ? -14.412 -6.652  7.327   1.00 19.07 ? 1106 GLU A OE2 1 
ATOM   559 N  N   . ALA A 1 71 ? -9.912  -4.169  2.677   1.00 6.53  ? 1107 ALA A N   1 
ATOM   560 C  CA  . ALA A 1 71 ? -9.418  -3.857  1.320   1.00 7.34  ? 1107 ALA A CA  1 
ATOM   561 C  C   . ALA A 1 71 ? -8.020  -4.399  1.056   1.00 7.67  ? 1107 ALA A C   1 
ATOM   562 O  O   . ALA A 1 71 ? -7.730  -4.908  -0.047  1.00 7.25  ? 1107 ALA A O   1 
ATOM   563 C  CB  . ALA A 1 71 ? -9.410  -2.381  1.131   1.00 7.66  ? 1107 ALA A CB  1 
ATOM   564 N  N   . MET A 1 72 ? -7.169  -4.389  2.070   1.00 7.10  ? 1108 MET A N   1 
ATOM   565 C  CA  . MET A 1 72 ? -5.838  -4.949  1.936   1.00 7.27  ? 1108 MET A CA  1 
ATOM   566 C  C   . MET A 1 72 ? -5.916  -6.449  1.714   1.00 7.97  ? 1108 MET A C   1 
ATOM   567 O  O   . MET A 1 72 ? -5.246  -7.018  0.826   1.00 9.10  ? 1108 MET A O   1 
ATOM   568 C  CB  . MET A 1 72 ? -5.061  -4.674  3.212   1.00 9.45  ? 1108 MET A CB  1 
ATOM   569 C  CG  . MET A 1 72 ? -4.548  -3.286  3.225   1.00 11.81 ? 1108 MET A CG  1 
ATOM   570 S  SD  . MET A 1 72 ? -2.963  -2.909  2.229   1.00 8.02  ? 1108 MET A SD  1 
ATOM   571 C  CE  . MET A 1 72 ? -2.918  -3.667  1.318   1.00 9.78  ? 1108 MET A CE  1 
ATOM   572 N  N   . ALA A 1 73 ? -6.796  -7.150  2.445   1.00 8.30  ? 1109 ALA A N   1 
ATOM   573 C  CA  . ALA A 1 73 ? -6.900  -8.605  2.268   1.00 8.36  ? 1109 ALA A CA  1 
ATOM   574 C  C   . ALA A 1 73 ? -7.464  -8.929  0.895   1.00 9.08  ? 1109 ALA A C   1 
ATOM   575 O  O   . ALA A 1 73 ? -7.070  -9.904  0.256   1.00 10.47 ? 1109 ALA A O   1 
ATOM   576 C  CB  . ALA A 1 73 ? -7.846  -9.224  3.378   1.00 9.92  ? 1109 ALA A CB  1 
ATOM   577 N  N   . LYS A 1 74 ? -8.408  -8.133  0.452   1.00 8.72  ? 1110 LYS A N   1 
ATOM   578 C  CA  . LYS A 1 74 ? -8.985  -8.331  -0.870  1.00 8.42  ? 1110 LYS A CA  1 
ATOM   579 C  C   . LYS A 1 74 ? -7.935  -8.124  -1.978  1.00 9.26  ? 1110 LYS A C   1 
ATOM   580 O  O   . LYS A 1 74 ? -7.897  -8.877  -2.939  1.00 9.26  ? 1110 LYS A O   1 
ATOM   581 C  CB  . LYS A 1 74 ? -10.166 -7.375  -1.015  1.00 8.99  ? 1110 LYS A CB  1 
ATOM   582 C  CG  . LYS A 1 74 ? -10.874 -7.528  -2.370  1.00 9.88  ? 1110 LYS A CG  1 
ATOM   583 C  CD  . LYS A 1 74 ? -12.132 -6.677  -2.378  1.00 11.58 ? 1110 LYS A CD  1 
ATOM   584 C  CE  . LYS A 1 74 ? -12.851 -6.758  -3.708  1.00 12.47 ? 1110 LYS A CE  1 
ATOM   585 N  NZ  . LYS A 1 74 ? -13.885 -5.694  -3.782  1.00 15.03 ? 1110 LYS A NZ  1 
ATOM   586 N  N   . ALA A 1 75 ? -7.058  -7.134  -1.841  1.00 8.62  ? 1111 ALA A N   1 
ATOM   587 C  CA  . ALA A 1 75 ? -6.038  -6.926  -2.861  1.00 7.71  ? 1111 ALA A CA  1 
ATOM   588 C  C   . ALA A 1 75 ? -5.129  -8.134  -2.888  1.00 10.54 ? 1111 ALA A C   1 
ATOM   589 O  O   . ALA A 1 75 ? -4.629  -8.461  -3.949  1.00 8.57  ? 1111 ALA A O   1 
ATOM   590 C  CB  . ALA A 1 75 ? -5.225  -5.627  -2.515  1.00 8.03  ? 1111 ALA A CB  1 
ATOM   591 N  N   . GLN A 1 76 ? -4.904  -8.802  -1.749  1.00 11.09 ? 1112 GLN A N   1 
ATOM   592 C  CA  . GLN A 1 76 ? -4.067  -10.005 -1.749  1.00 12.29 ? 1112 GLN A CA  1 
ATOM   593 C  C   . GLN A 1 76 ? -4.783  -11.088 -2.518  1.00 12.75 ? 1112 GLN A C   1 
ATOM   594 O  O   . GLN A 1 76 ? -4.161  -11.906 -3.198  1.00 14.75 ? 1112 GLN A O   1 
ATOM   595 C  CB  . GLN A 1 76 ? -3.828  -10.531 -0.351  1.00 17.52 ? 1112 GLN A CB  1 
ATOM   596 C  CG  . GLN A 1 76 ? -2.759  -11.559 -0.396  1.00 23.24 ? 1112 GLN A CG  1 
ATOM   597 C  CD  . GLN A 1 76 ? -1.660  -11.092 0.447   1.00 26.99 ? 1112 GLN A CD  1 
ATOM   598 O  OE1 . GLN A 1 76 ? -1.574  -11.451 1.604   1.00 30.04 ? 1112 GLN A OE1 1 
ATOM   599 N  NE2 . GLN A 1 76 ? -0.845  -10.217 -0.091  1.00 29.98 ? 1112 GLN A NE2 1 
ATOM   600 N  N   . GLU A 1 77 ? -6.096  -11.142 -2.397  1.00 11.50 ? 1113 GLU A N   1 
ATOM   601 C  CA  . GLU A 1 77 ? -6.848  -12.128 -3.144  1.00 12.72 ? 1113 GLU A CA  1 
ATOM   602 C  C   . GLU A 1 77 ? -6.799  -11.873 -4.649  1.00 11.46 ? 1113 GLU A C   1 
ATOM   603 O  O   . GLU A 1 77 ? -6.577  -12.808 -5.437  1.00 13.72 ? 1113 GLU A O   1 
ATOM   604 C  CB  . GLU A 1 77 ? -8.326  -12.163 -2.713  1.00 15.61 ? 1113 GLU A CB  1 
ATOM   605 C  CG  . GLU A 1 77 ? -8.941  -13.430 -3.274  1.00 19.21 ? 1113 GLU A CG  1 
ATOM   606 C  CD  . GLU A 1 77 ? -10.182 -13.964 -2.531  1.00 25.98 ? 1113 GLU A CD  1 
ATOM   607 O  OE1 . GLU A 1 77 ? -10.898 -14.798 -3.143  1.00 26.96 ? 1113 GLU A OE1 1 
ATOM   608 O  OE2 . GLU A 1 77 ? -10.417 -13.558 -1.369  1.00 24.64 ? 1113 GLU A OE2 1 
ATOM   609 N  N   . THR A 1 78 ? -6.923  -10.628 -5.109  1.00 7.97  ? 1114 THR A N   1 
ATOM   610 C  CA  . THR A 1 78 ? -6.956  -10.343 -6.571  1.00 7.07  ? 1114 THR A CA  1 
ATOM   611 C  C   . THR A 1 78 ? -5.522  -10.254 -7.146  1.00 6.69  ? 1114 THR A C   1 
ATOM   612 O  O   . THR A 1 78 ? -5.327  -10.432 -8.384  1.00 8.49  ? 1114 THR A O   1 
ATOM   613 C  CB  . THR A 1 78 ? -7.639  -8.999  -6.893  1.00 8.55  ? 1114 THR A CB  1 
ATOM   614 O  OG1 . THR A 1 78 ? -6.852  -7.930  -6.354  1.00 8.10  ? 1114 THR A OG1 1 
ATOM   615 C  CG2 . THR A 1 78 ? -9.031  -8.926  -6.299  1.00 9.56  ? 1114 THR A CG2 1 
ATOM   616 N  N   . GLY A 1 79 ? -4.546  -9.918  -6.294  1.00 6.78  ? 1115 GLY A N   1 
ATOM   617 C  CA  . GLY A 1 79 ? -3.194  -9.717  -6.786  1.00 7.65  ? 1115 GLY A CA  1 
ATOM   618 C  C   . GLY A 1 79 ? -2.936  -8.354  -7.384  1.00 8.50  ? 1115 GLY A C   1 
ATOM   619 O  O   . GLY A 1 79 ? -1.863  -8.118  -7.972  1.00 6.95  ? 1115 GLY A O   1 
ATOM   620 N  N   . HIS A 1 80 ? -3.895  -7.450  -7.300  1.00 6.58  ? 1116 HIS A N   1 
ATOM   621 C  CA  . HIS A 1 80 ? -3.724  -6.111  -7.873  1.00 7.25  ? 1116 HIS A CA  1 
ATOM   622 C  C   . HIS A 1 80 ? -3.863  -5.051  -6.813  1.00 8.13  ? 1116 HIS A C   1 
ATOM   623 O  O   . HIS A 1 80 ? -4.832  -5.020  -6.015  1.00 7.78  ? 1116 HIS A O   1 
ATOM   624 C  CB  . HIS A 1 80 ? -4.786  -5.800  -8.957  1.00 7.53  ? 1116 HIS A CB  1 
ATOM   625 C  CG  . HIS A 1 80 ? -4.862  -6.794  -10.062 1.00 6.60  ? 1116 HIS A CG  1 
ATOM   626 N  ND1 . HIS A 1 80 ? -3.823  -7.008  -10.947 1.00 7.63  ? 1116 HIS A ND1 1 
ATOM   627 C  CD2 . HIS A 1 80 ? -5.847  -7.639  -10.413 1.00 8.86  ? 1116 HIS A CD2 1 
ATOM   628 C  CE1 . HIS A 1 80 ? -4.161  -7.972  -11.785 1.00 10.76 ? 1116 HIS A CE1 1 
ATOM   629 N  NE2 . HIS A 1 80 ? -5.384  -8.375  -11.474 1.00 9.54  ? 1116 HIS A NE2 1 
ATOM   630 N  N   . LEU A 1 81 ? -2.867  -4.202  -6.750  1.00 7.13  ? 1117 LEU A N   1 
ATOM   631 C  CA  . LEU A 1 81 ? -2.874  -3.142  -5.781  1.00 8.87  ? 1117 LEU A CA  1 
ATOM   632 C  C   . LEU A 1 81 ? -2.441  -1.837  -6.446  1.00 9.67  ? 1117 LEU A C   1 
ATOM   633 O  O   . LEU A 1 81 ? -1.264  -1.672  -6.729  1.00 12.37 ? 1117 LEU A O   1 
ATOM   634 C  CB  . LEU A 1 81 ? -1.922  -3.598  -4.678  1.00 12.08 ? 1117 LEU A CB  1 
ATOM   635 C  CG  . LEU A 1 81 ? -1.843  -2.817  -3.408  1.00 13.45 ? 1117 LEU A CG  1 
ATOM   636 C  CD1 . LEU A 1 81 ? -3.195  -2.723  -2.704  1.00 11.98 ? 1117 LEU A CD1 1 
ATOM   637 C  CD2 . LEU A 1 81 ? -0.800  -3.558  -2.547  1.00 12.62 ? 1117 LEU A CD2 1 
ATOM   638 N  N   . VAL A 1 82 ? -3.381  -0.927  -6.684  1.00 8.23  ? 1118 VAL A N   1 
ATOM   639 C  CA  . VAL A 1 82 ? -3.089  0.386   -7.276  1.00 7.94  ? 1118 VAL A CA  1 
ATOM   640 C  C   . VAL A 1 82 ? -3.141  1.347   -6.081  1.00 7.49  ? 1118 VAL A C   1 
ATOM   641 O  O   . VAL A 1 82 ? -4.238  1.622   -5.553  1.00 10.41 ? 1118 VAL A O   1 
ATOM   642 C  CB  . VAL A 1 82 ? -4.109  0.776   -8.348  1.00 10.22 ? 1118 VAL A CB  1 
ATOM   643 C  CG1 . VAL A 1 82 ? -3.845  2.189   -8.908  1.00 12.31 ? 1118 VAL A CG1 1 
ATOM   644 C  CG2 . VAL A 1 82 ? -3.978  -0.163  -9.547  1.00 11.64 ? 1118 VAL A CG2 1 
ATOM   645 N  N   . MET A 1 83 ? -1.976  1.849   -5.697  1.00 7.17  ? 1119 MET A N   1 
ATOM   646 C  CA  . MET A 1 83 ? -1.861  2.677   -4.490  1.00 8.36  ? 1119 MET A CA  1 
ATOM   647 C  C   . MET A 1 83 ? -1.713  4.127   -4.753  1.00 7.39  ? 1119 MET A C   1 
ATOM   648 O  O   . MET A 1 83 ? -0.869  4.489   -5.583  1.00 9.75  ? 1119 MET A O   1 
ATOM   649 C  CB  . MET A 1 83 ? -0.639  2.232   -3.686  1.00 8.91  ? 1119 MET A CB  1 
ATOM   650 C  CG  . MET A 1 83 ? -0.464  0.689   -3.436  1.00 11.44 ? 1119 MET A CG  1 
ATOM   651 S  SD  . MET A 1 83 ? 0.925   0.273   -2.239  1.00 8.90  ? 1119 MET A SD  1 
ATOM   652 C  CE  . MET A 1 83 ? 0.892   1.920   -1.381  1.00 1.75  ? 1119 MET A CE  1 
ATOM   653 N  N   . ASP A 1 84 ? -2.510  4.957   -4.128  1.00 6.40  ? 1120 ASP A N   1 
ATOM   654 C  CA  . ASP A 1 84 ? -2.287  6.401   -4.266  1.00 6.91  ? 1120 ASP A CA  1 
ATOM   655 C  C   . ASP A 1 84 ? -1.459  6.787   -3.054  1.00 7.08  ? 1120 ASP A C   1 
ATOM   656 O  O   . ASP A 1 84 ? -1.870  6.473   -1.921  1.00 7.33  ? 1120 ASP A O   1 
ATOM   657 C  CB  . ASP A 1 84 ? -3.609  7.155   -4.271  1.00 8.01  ? 1120 ASP A CB  1 
ATOM   658 C  CG  . ASP A 1 84 ? -4.342  7.008   -5.553  1.00 16.08 ? 1120 ASP A CG  1 
ATOM   659 O  OD1 . ASP A 1 84 ? -3.757  6.466   -6.476  1.00 18.42 ? 1120 ASP A OD1 1 
ATOM   660 O  OD2 . ASP A 1 84 ? -5.488  7.464   -5.627  1.00 21.36 ? 1120 ASP A OD2 1 
ATOM   661 N  N   . VAL A 1 85 ? -0.270  7.321   -3.253  1.00 6.63  ? 1121 VAL A N   1 
ATOM   662 C  CA  . VAL A 1 85 ? 0.605   7.719   -2.186  1.00 8.06  ? 1121 VAL A CA  1 
ATOM   663 C  C   . VAL A 1 85 ? 1.049   9.148   -2.317  1.00 7.74  ? 1121 VAL A C   1 
ATOM   664 O  O   . VAL A 1 85 ? 0.936   9.786   -3.372  1.00 8.34  ? 1121 VAL A O   1 
ATOM   665 C  CB  . VAL A 1 85 ? 1.881   6.782   -2.079  1.00 9.75  ? 1121 VAL A CB  1 
ATOM   666 C  CG1 . VAL A 1 85 ? 1.471   5.304   -2.074  1.00 10.03 ? 1121 VAL A CG1 1 
ATOM   667 C  CG2 . VAL A 1 85 ? 2.854   7.047   -3.178  1.00 10.90 ? 1121 VAL A CG2 1 
ATOM   668 N  N   . ARG A 1 86 ? 1.561   9.677   -1.226  1.00 7.84  ? 1122 ARG A N   1 
ATOM   669 C  CA  . ARG A 1 86 ? 2.128   11.033  -1.150  1.00 7.79  ? 1122 ARG A CA  1 
ATOM   670 C  C   . ARG A 1 86 ? 3.555   10.810  -0.684  1.00 8.42  ? 1122 ARG A C   1 
ATOM   671 O  O   . ARG A 1 86 ? 3.815   10.251  0.394   1.00 8.58  ? 1122 ARG A O   1 
ATOM   672 C  CB  . ARG A 1 86 ? 1.343   11.857  -0.132  1.00 10.55 ? 1122 ARG A CB  1 
ATOM   673 C  CG  . ARG A 1 86 ? 1.823   13.265  0.021   1.00 14.91 ? 1122 ARG A CG  1 
ATOM   674 C  CD  . ARG A 1 86 ? 0.683   14.144  0.513   1.00 19.65 ? 1122 ARG A CD  1 
ATOM   675 N  NE  . ARG A 1 86 ? -0.561  13.659  -0.066  1.00 28.90 ? 1122 ARG A NE  1 
ATOM   676 C  CZ  . ARG A 1 86 ? -1.598  14.403  -0.424  1.00 30.77 ? 1122 ARG A CZ  1 
ATOM   677 N  NH1 . ARG A 1 86 ? -1.559  15.715  -0.276  1.00 33.60 ? 1122 ARG A NH1 1 
ATOM   678 N  NH2 . ARG A 1 86 ? -2.692  13.818  -0.910  1.00 34.23 ? 1122 ARG A NH2 1 
ATOM   679 N  N   . ARG A 1 87 ? 4.508   11.284  -1.469  1.00 7.39  ? 1123 ARG A N   1 
ATOM   680 C  CA  . ARG A 1 87 ? 5.933   11.147  -1.211  1.00 7.91  ? 1123 ARG A CA  1 
ATOM   681 C  C   . ARG A 1 87 ? 6.495   12.498  -0.861  1.00 12.26 ? 1123 ARG A C   1 
ATOM   682 O  O   . ARG A 1 87 ? 6.354   13.457  -1.636  1.00 11.57 ? 1123 ARG A O   1 
ATOM   683 C  CB  . ARG A 1 87 ? 6.619   10.569  -2.446  1.00 8.75  ? 1123 ARG A CB  1 
ATOM   684 C  CG  . ARG A 1 87 ? 8.121   10.348  -2.211  1.00 8.91  ? 1123 ARG A CG  1 
ATOM   685 C  CD  . ARG A 1 87 ? 8.774   9.523   -3.301  1.00 9.24  ? 1123 ARG A CD  1 
ATOM   686 N  NE  . ARG A 1 87 ? 8.212   8.169   -3.303  1.00 9.42  ? 1123 ARG A NE  1 
ATOM   687 C  CZ  . ARG A 1 87 ? 8.317   7.291   -4.308  1.00 8.89  ? 1123 ARG A CZ  1 
ATOM   688 N  NH1 . ARG A 1 87 ? 8.968   7.628   -5.445  1.00 11.34 ? 1123 ARG A NH1 1 
ATOM   689 N  NH2 . ARG A 1 87 ? 7.776   6.080   -4.183  1.00 7.69  ? 1123 ARG A NH2 1 
ATOM   690 N  N   . TYR A 1 88 ? 7.114   12.583  0.314   1.00 15.01 ? 1124 TYR A N   1 
ATOM   691 C  CA  . TYR A 1 88 ? 7.616   13.890  0.716   1.00 21.39 ? 1124 TYR A CA  1 
ATOM   692 C  C   . TYR A 1 88 ? 9.060   14.052  0.290   1.00 23.05 ? 1124 TYR A C   1 
ATOM   693 O  O   . TYR A 1 88 ? 9.854   13.118  0.365   1.00 24.53 ? 1124 TYR A O   1 
ATOM   694 C  CB  . TYR A 1 88 ? 7.415   14.046  2.236   1.00 19.34 ? 1124 TYR A CB  1 
ATOM   695 C  CG  . TYR A 1 88 ? 5.939   14.019  2.669   1.00 22.80 ? 1124 TYR A CG  1 
ATOM   696 C  CD1 . TYR A 1 88 ? 5.194   15.202  2.830   1.00 20.69 ? 1124 TYR A CD1 1 
ATOM   697 C  CD2 . TYR A 1 88 ? 5.273   12.787  2.874   1.00 23.82 ? 1124 TYR A CD2 1 
ATOM   698 C  CE1 . TYR A 1 88 ? 3.825   15.145  3.199   1.00 23.31 ? 1124 TYR A CE1 1 
ATOM   699 C  CE2 . TYR A 1 88 ? 3.940   12.727  3.222   1.00 26.13 ? 1124 TYR A CE2 1 
ATOM   700 C  CZ  . TYR A 1 88 ? 3.218   13.890  3.395   1.00 26.83 ? 1124 TYR A CZ  1 
ATOM   701 O  OH  . TYR A 1 88 ? 1.930   13.742  3.829   1.00 28.88 ? 1124 TYR A OH  1 
ATOM   702 N  N   . GLY A 1 89 ? 9.410   15.239  -0.197  1.00 27.45 ? 1125 GLY A N   1 
ATOM   703 C  CA  . GLY A 1 89 ? 10.778  15.455  -0.637  1.00 28.62 ? 1125 GLY A CA  1 
ATOM   704 C  C   . GLY A 1 89 ? 11.678  16.057  0.437   1.00 31.65 ? 1125 GLY A C   1 
ATOM   705 O  O   . GLY A 1 89 ? 12.353  15.233  1.115   1.00 32.01 ? 1125 GLY A O   1 
HETATM 706 NI NI  . NI  B 2 .  ? -6.690  -9.917  -12.333 0.50 3.15  ? 2126 NI  A NI  1 
HETATM 707 NI NI  . NI  C 2 .  ? 10.801  7.749   8.376   1.00 14.11 ? 2127 NI  A NI  1 
HETATM 708 O  O   . HOH D 3 .  ? 4.584   -5.494  -8.875  1.00 6.10  ? 1    HOH A O   1 
HETATM 709 O  O   . HOH D 3 .  ? 9.008   8.108   0.797   1.00 9.22  ? 2    HOH A O   1 
HETATM 710 O  O   . HOH D 3 .  ? -13.193 -2.568  2.401   1.00 11.18 ? 3    HOH A O   1 
HETATM 711 O  O   . HOH D 3 .  ? 3.656   -4.664  -11.266 1.00 7.37  ? 4    HOH A O   1 
HETATM 712 O  O   . HOH D 3 .  ? -10.785 -1.636  -2.662  1.00 7.82  ? 5    HOH A O   1 
HETATM 713 O  O   . HOH D 3 .  ? 5.469   0.476   -10.523 1.00 8.33  ? 6    HOH A O   1 
HETATM 714 O  O   . HOH D 3 .  ? -2.602  8.267   5.283   1.00 8.71  ? 7    HOH A O   1 
HETATM 715 O  O   . HOH D 3 .  ? -18.092 -2.128  6.035   1.00 14.09 ? 8    HOH A O   1 
HETATM 716 O  O   . HOH D 3 .  ? -8.661  -3.802  -2.540  1.00 9.65  ? 9    HOH A O   1 
HETATM 717 O  O   . HOH D 3 .  ? 4.825   -11.829 -3.616  1.00 10.80 ? 10   HOH A O   1 
HETATM 718 O  O   . HOH D 3 .  ? 4.817   -9.989  -8.800  1.00 11.08 ? 11   HOH A O   1 
HETATM 719 O  O   . HOH D 3 .  ? 3.563   12.364  -9.488  1.00 10.50 ? 12   HOH A O   1 
HETATM 720 O  O   . HOH D 3 .  ? -15.123 -4.240  3.346   1.00 11.57 ? 13   HOH A O   1 
HETATM 721 O  O   . HOH D 3 .  ? -0.210  8.224   15.932  1.00 9.23  ? 14   HOH A O   1 
HETATM 722 O  O   . HOH D 3 .  ? 13.007  -10.463 -7.243  1.00 14.21 ? 15   HOH A O   1 
HETATM 723 O  O   . HOH D 3 .  ? 12.586  -1.605  4.221   1.00 11.16 ? 16   HOH A O   1 
HETATM 724 O  O   . HOH D 3 .  ? -11.569 -8.660  2.556   1.00 14.94 ? 17   HOH A O   1 
HETATM 725 O  O   . HOH D 3 .  ? -3.283  -2.731  6.605   1.00 18.58 ? 18   HOH A O   1 
HETATM 726 O  O   . HOH D 3 .  ? -1.086  -2.945  8.452   1.00 12.97 ? 19   HOH A O   1 
HETATM 727 O  O   . HOH D 3 .  ? -13.367 -0.129  1.029   1.00 16.66 ? 20   HOH A O   1 
HETATM 728 O  O   . HOH D 3 .  ? 7.791   10.387  1.898   1.00 16.27 ? 21   HOH A O   1 
HETATM 729 O  O   . HOH D 3 .  ? -2.643  -3.150  -10.557 1.00 14.52 ? 22   HOH A O   1 
HETATM 730 O  O   . HOH D 3 .  ? -1.912  -11.973 -4.365  1.00 12.62 ? 23   HOH A O   1 
HETATM 731 O  O   . HOH D 3 .  ? -9.987  3.269   5.656   1.00 17.14 ? 24   HOH A O   1 
HETATM 732 O  O   . HOH D 3 .  ? 12.087  -1.905  -10.427 1.00 10.75 ? 25   HOH A O   1 
HETATM 733 O  O   . HOH D 3 .  ? 2.021   10.734  15.527  1.00 12.76 ? 26   HOH A O   1 
HETATM 734 O  O   . HOH D 3 .  ? 12.513  2.923   0.431   1.00 15.11 ? 27   HOH A O   1 
HETATM 735 O  O   . HOH D 3 .  ? 12.039  -6.728  -6.377  1.00 12.58 ? 28   HOH A O   1 
HETATM 736 O  O   . HOH D 3 .  ? 4.923   -9.638  5.311   1.00 21.48 ? 29   HOH A O   1 
HETATM 737 O  O   . HOH D 3 .  ? 14.674  -6.234  2.477   1.00 18.89 ? 30   HOH A O   1 
HETATM 738 O  O   . HOH D 3 .  ? 11.286  -10.965 -1.194  1.00 16.62 ? 31   HOH A O   1 
HETATM 739 O  O   . HOH D 3 .  ? -5.868  -7.285  6.124   1.00 21.29 ? 32   HOH A O   1 
HETATM 740 O  O   . HOH D 3 .  ? -2.518  9.740   -6.600  1.00 22.59 ? 33   HOH A O   1 
HETATM 741 O  O   . HOH D 3 .  ? -6.678  8.800   2.744   1.00 14.86 ? 34   HOH A O   1 
HETATM 742 O  O   . HOH D 3 .  ? 8.600   5.402   -7.256  1.00 15.11 ? 35   HOH A O   1 
HETATM 743 O  O   . HOH D 3 .  ? -13.121 -3.256  -2.305  1.00 16.35 ? 36   HOH A O   1 
HETATM 744 O  O   . HOH D 3 .  ? -1.755  10.363  -4.129  1.00 18.70 ? 37   HOH A O   1 
HETATM 745 O  O   . HOH D 3 .  ? -17.409 -0.344  9.233   1.00 27.97 ? 38   HOH A O   1 
HETATM 746 O  O   . HOH D 3 .  ? -7.907  -5.442  -6.870  1.00 16.09 ? 39   HOH A O   1 
HETATM 747 O  O   . HOH D 3 .  ? -13.320 -14.070 -2.051  1.00 21.51 ? 40   HOH A O   1 
HETATM 748 O  O   . HOH D 3 .  ? 7.277   -10.987 2.498   1.00 27.80 ? 41   HOH A O   1 
HETATM 749 O  O   . HOH D 3 .  ? 7.668   -3.289  9.703   1.00 23.19 ? 42   HOH A O   1 
HETATM 750 O  O   . HOH D 3 .  ? -14.814 1.377   -2.024  1.00 19.86 ? 43   HOH A O   1 
HETATM 751 O  O   . HOH D 3 .  ? -13.931 2.021   2.551   1.00 20.86 ? 44   HOH A O   1 
HETATM 752 O  O   . HOH D 3 .  ? -13.894 -2.027  -5.322  1.00 17.86 ? 45   HOH A O   1 
HETATM 753 O  O   . HOH D 3 .  ? 13.033  -1.738  -7.903  1.00 22.83 ? 46   HOH A O   1 
HETATM 754 O  O   . HOH D 3 .  ? -8.261  -5.785  13.258  1.00 24.86 ? 47   HOH A O   1 
HETATM 755 O  O   . HOH D 3 .  ? 8.151   6.040   13.621  1.00 30.49 ? 48   HOH A O   1 
HETATM 756 O  O   . HOH D 3 .  ? 11.577  0.648   -3.449  1.00 24.37 ? 49   HOH A O   1 
HETATM 757 O  O   . HOH D 3 .  ? 12.452  2.667   -5.473  1.00 26.49 ? 50   HOH A O   1 
HETATM 758 O  O   . HOH D 3 .  ? -16.992 -7.581  5.771   1.00 32.59 ? 51   HOH A O   1 
HETATM 759 O  O   . HOH D 3 .  ? 15.362  0.142   -2.850  1.00 18.63 ? 52   HOH A O   1 
HETATM 760 O  O   . HOH D 3 .  ? 5.513   8.900   10.585  1.00 30.10 ? 53   HOH A O   1 
HETATM 761 O  O   . HOH D 3 .  ? -13.239 4.650   0.275   1.00 24.30 ? 54   HOH A O   1 
HETATM 762 O  O   . HOH D 3 .  ? -14.092 9.394   15.442  1.00 31.36 ? 55   HOH A O   1 
HETATM 763 O  O   . HOH D 3 .  ? -12.280 3.696   3.944   1.00 20.71 ? 56   HOH A O   1 
HETATM 764 O  O   . HOH D 3 .  ? -1.238  14.082  3.678   1.00 28.98 ? 57   HOH A O   1 
HETATM 765 O  O   . HOH D 3 .  ? -1.977  16.056  -6.690  1.00 35.42 ? 58   HOH A O   1 
HETATM 766 O  O   . HOH D 3 .  ? -0.043  -7.187  1.419   1.00 33.70 ? 59   HOH A O   1 
HETATM 767 O  O   . HOH D 3 .  ? 1.167   -18.901 -3.276  1.00 25.45 ? 60   HOH A O   1 
HETATM 768 O  O   . HOH D 3 .  ? -6.873  -2.984  -8.548  1.00 23.34 ? 61   HOH A O   1 
HETATM 769 O  O   . HOH D 3 .  ? 9.258   -6.154  6.066   1.00 25.15 ? 62   HOH A O   1 
HETATM 770 O  O   . HOH D 3 .  ? -6.297  -12.335 1.378   1.00 22.65 ? 63   HOH A O   1 
HETATM 771 O  O   . HOH D 3 .  ? 6.469   -10.851 -1.544  1.00 17.20 ? 64   HOH A O   1 
HETATM 772 O  O   . HOH D 3 .  ? 8.007   14.048  -3.669  1.00 30.27 ? 65   HOH A O   1 
HETATM 773 O  O   . HOH D 3 .  ? -10.822 10.731  7.182   1.00 32.91 ? 66   HOH A O   1 
HETATM 774 O  O   . HOH D 3 .  ? -6.793  9.791   7.926   1.00 22.64 ? 67   HOH A O   1 
HETATM 775 O  O   . HOH D 3 .  ? 2.161   16.062  -7.062  1.00 25.79 ? 68   HOH A O   1 
HETATM 776 O  O   . HOH D 3 .  ? -3.827  -18.432 -8.527  1.00 27.24 ? 69   HOH A O   1 
HETATM 777 O  O   . HOH D 3 .  ? -13.324 11.672  14.076  1.00 22.86 ? 70   HOH A O   1 
HETATM 778 O  O   . HOH D 3 .  ? 15.831  -3.770  -5.708  1.00 24.89 ? 71   HOH A O   1 
HETATM 779 O  O   . HOH D 3 .  ? 1.300   -5.220  3.101   1.00 29.89 ? 72   HOH A O   1 
HETATM 780 O  O   . HOH D 3 .  ? 6.765   7.517   8.227   1.00 31.81 ? 73   HOH A O   1 
HETATM 781 O  O   . HOH D 3 .  ? -9.446  1.099   -8.423  1.00 27.44 ? 74   HOH A O   1 
HETATM 782 O  O   . HOH D 3 .  ? 11.358  8.391   -0.419  1.00 24.85 ? 75   HOH A O   1 
HETATM 783 O  O   . HOH D 3 .  ? -1.648  -9.466  -10.682 1.00 20.41 ? 76   HOH A O   1 
HETATM 784 O  O   . HOH D 3 .  ? -9.986  -6.331  10.051  1.00 39.66 ? 77   HOH A O   1 
HETATM 785 O  O   . HOH D 3 .  ? 13.851  -5.690  -4.644  1.00 23.10 ? 78   HOH A O   1 
HETATM 786 O  O   . HOH D 3 .  ? -10.648 2.942   12.822  1.00 29.72 ? 79   HOH A O   1 
HETATM 787 O  O   . HOH D 3 .  ? -2.538  -5.943  0.440   1.00 27.49 ? 80   HOH A O   1 
HETATM 788 O  O   . HOH D 3 .  ? -5.596  3.958   -6.174  1.00 28.93 ? 81   HOH A O   1 
HETATM 789 O  O   . HOH D 3 .  ? 8.740   -10.332 0.194   1.00 32.05 ? 82   HOH A O   1 
HETATM 790 O  O   . HOH D 3 .  ? -9.175  -2.625  12.389  1.00 33.75 ? 83   HOH A O   1 
HETATM 791 O  O   . HOH D 3 .  ? 11.160  5.349   -7.851  1.00 26.41 ? 84   HOH A O   1 
HETATM 792 O  O   . HOH D 3 .  ? 7.123   -7.462  4.013   1.00 29.98 ? 85   HOH A O   1 
HETATM 793 O  O   . HOH D 3 .  ? 6.343   -7.676  -9.398  1.00 7.66  ? 86   HOH A O   1 
HETATM 794 O  O   . HOH D 3 .  ? -9.736  -5.056  -4.684  1.00 12.16 ? 87   HOH A O   1 
HETATM 795 O  O   . HOH D 3 .  ? 13.538  -4.213  4.303   1.00 16.95 ? 88   HOH A O   1 
HETATM 796 O  O   . HOH D 3 .  ? -12.717 -4.296  0.199   1.00 14.75 ? 89   HOH A O   1 
HETATM 797 O  O   . HOH D 3 .  ? -4.966  9.669   4.870   1.00 18.93 ? 90   HOH A O   1 
HETATM 798 O  O   . HOH D 3 .  ? 13.032  -6.057  -8.774  1.00 22.59 ? 91   HOH A O   1 
HETATM 799 O  O   . HOH D 3 .  ? -5.261  -2.829  -11.296 1.00 18.87 ? 92   HOH A O   1 
HETATM 800 O  O   . HOH D 3 .  ? 10.228  7.223   15.027  1.00 22.27 ? 93   HOH A O   1 
HETATM 801 O  O   . HOH D 3 .  ? 11.562  -13.267 0.100   1.00 32.38 ? 94   HOH A O   1 
HETATM 802 O  O   . HOH D 3 .  ? 8.234   10.264  11.195  1.00 24.93 ? 95   HOH A O   1 
HETATM 803 O  O   . HOH D 3 .  ? -3.980  -5.475  6.728   1.00 26.23 ? 96   HOH A O   1 
HETATM 804 O  O   . HOH D 3 .  ? 14.642  -3.996  -8.084  1.00 27.53 ? 97   HOH A O   1 
HETATM 805 O  O   . HOH D 3 .  ? 14.522  -8.140  -7.458  1.00 24.52 ? 98   HOH A O   1 
HETATM 806 O  O   . HOH D 3 .  ? 7.474   4.897   7.629   1.00 26.58 ? 99   HOH A O   1 
HETATM 807 O  O   . HOH D 3 .  ? 15.643  -6.464  -5.231  1.00 23.85 ? 100  HOH A O   1 
HETATM 808 O  O   . HOH D 3 .  ? -10.535 -11.501 -0.488  1.00 29.50 ? 101  HOH A O   1 
HETATM 809 O  O   . HOH D 3 .  ? -4.063  -8.524  4.331   1.00 31.46 ? 102  HOH A O   1 
HETATM 810 O  O   . HOH D 3 .  ? -11.510 -9.797  5.064   1.00 30.10 ? 103  HOH A O   1 
HETATM 811 O  O   . HOH D 3 .  ? -3.500  12.186  5.251   1.00 40.76 ? 104  HOH A O   1 
HETATM 812 O  O   . HOH D 3 .  ? 4.499   -12.927 2.829   1.00 36.64 ? 105  HOH A O   1 
HETATM 813 O  O   . HOH D 3 .  ? 18.214  -2.384  -6.148  1.00 30.11 ? 106  HOH A O   1 
HETATM 814 O  O   . HOH D 3 .  ? 5.760   -11.542 4.431   1.00 38.90 ? 107  HOH A O   1 
HETATM 815 O  O   . HOH D 3 .  ? 1.482   -5.716  5.432   1.00 27.45 ? 108  HOH A O   1 
HETATM 816 O  O   . HOH D 3 .  ? -5.745  -14.345 -0.872  1.00 26.60 ? 109  HOH A O   1 
HETATM 817 O  O   . HOH D 3 .  ? -5.133  -19.258 -4.631  1.00 43.61 ? 110  HOH A O   1 
HETATM 818 O  O   . HOH D 3 .  ? 16.623  0.938   -5.006  1.00 38.26 ? 111  HOH A O   1 
HETATM 819 O  O   . HOH D 3 .  ? 8.501   -5.403  4.155   1.00 29.51 ? 112  HOH A O   1 
HETATM 820 O  O   . HOH D 3 .  ? -7.040  2.767   -8.852  1.00 31.49 ? 113  HOH A O   1 
HETATM 821 O  O   . HOH D 3 .  ? -2.720  13.733  1.677   1.00 41.84 ? 114  HOH A O   1 
HETATM 822 O  O   . HOH D 3 .  ? -3.574  -15.581 0.122   1.00 37.74 ? 115  HOH A O   1 
HETATM 823 O  O   . HOH D 3 .  ? -8.596  3.236   10.617  1.00 37.82 ? 116  HOH A O   1 
HETATM 824 O  O   . HOH D 3 .  ? 6.902   15.408  -8.476  1.00 27.15 ? 117  HOH A O   1 
HETATM 825 O  O   . HOH D 3 .  ? 6.269   10.171  5.875   1.00 27.66 ? 118  HOH A O   1 
HETATM 826 O  O   . HOH D 3 .  ? -9.593  5.194   -4.373  1.00 30.12 ? 119  HOH A O   1 
HETATM 827 O  O   . HOH D 3 .  ? -7.323  -8.460  13.093  1.00 30.22 ? 120  HOH A O   1 
HETATM 828 O  O   . HOH D 3 .  ? 2.208   -6.480  1.481   1.00 22.07 ? 121  HOH A O   1 
HETATM 829 O  O   . HOH D 3 .  ? -1.427  -4.047  3.454   1.00 25.02 ? 122  HOH A O   1 
HETATM 830 O  O   . HOH D 3 .  ? -6.892  -10.696 -10.416 1.00 14.80 ? 123  HOH A O   1 
HETATM 831 O  O   . HOH D 3 .  ? -8.436  -8.847  -12.103 1.00 16.43 ? 124  HOH A O   1 
HETATM 832 O  O   . HOH D 3 .  ? 12.657  8.020   7.282   1.00 73.91 ? 125  HOH A O   1 
HETATM 833 O  O   . HOH D 3 .  ? 10.087  8.051   10.718  1.00 46.09 ? 126  HOH A O   1 
HETATM 834 O  O   . HOH D 3 .  ? 8.555   17.175  2.177   1.00 33.99 ? 127  HOH A O   1 
HETATM 835 O  O   . HOH D 3 .  ? -7.571  7.126   -4.657  1.00 43.23 ? 128  HOH A O   1 
HETATM 836 O  O   . HOH D 3 .  ? 11.714  -5.902  5.688   1.00 38.08 ? 129  HOH A O   1 
HETATM 837 O  O   . HOH D 3 .  ? 6.661   10.879  3.927   1.00 43.82 ? 130  HOH A O   1 
HETATM 838 O  O   . HOH D 3 .  ? -9.107  -1.622  -8.253  1.00 55.42 ? 131  HOH A O   1 
HETATM 839 O  O   . HOH D 3 .  ? -10.195 -10.989 1.768   1.00 30.98 ? 132  HOH A O   1 
HETATM 840 O  O   . HOH D 3 .  ? 15.320  -4.402  -3.528  1.00 46.12 ? 133  HOH A O   1 
HETATM 841 O  O   . HOH D 3 .  ? 13.095  9.269   9.095   1.00 51.62 ? 134  HOH A O   1 
HETATM 842 O  O   . HOH D 3 .  ? 7.780   -10.385 5.187   1.00 48.13 ? 135  HOH A O   1 
HETATM 843 O  O   . HOH D 3 .  ? 9.792   9.836   8.532   1.00 41.66 ? 136  HOH A O   1 
HETATM 844 O  O   . HOH D 3 .  ? 6.367   -9.464  3.572   1.00 30.56 ? 137  HOH A O   1 
# 
